data_5VVL
#
_entry.id   5VVL
#
_cell.length_a   74.642
_cell.length_b   197.728
_cell.length_c   88.792
_cell.angle_alpha   90.000
_cell.angle_beta   111.350
_cell.angle_gamma   90.000
#
_symmetry.space_group_name_H-M   'P 1 21 1'
#
loop_
_entity.id
_entity.type
_entity.pdbx_description
1 polymer 'CRISPR-associated endonuclease Cas1'
2 polymer 'CRISPR-associated endoribonuclease Cas2'
3 polymer 'DNA (11-MER)'
4 polymer 'DNA (11-MER)'
5 polymer 'DNA (58-MER)'
6 polymer 'DNA (58-MER)'
7 non-polymer 'NICKEL (II) ION'
#
loop_
_entity_poly.entity_id
_entity_poly.type
_entity_poly.pdbx_seq_one_letter_code
_entity_poly.pdbx_strand_id
1 'polypeptide(L)'
;SFTMTWLPLNPIPLKDRVSMIFLQYGQIDVIDGAFVLIDKTGIRTHIPVGSVACIMLEPGTRVSHAAVRLAAQVGTLLVW
VGEAGVRVYASGQPGGARSDKLLYQAKLALDEDLRLKVVRKMFELRFGEPAPARRSVEQLRGIEGSRVRATYALLAKQYG
VTWNGRRYDPKDWEKGDTINQCISAATSCLYGVTEAAILAAGYAPAIGFVHTGKPLSFVYDIADIIKFDTVVPKAFEIAR
RNPGEPDREVRLACRDIFRSSKTLAKLIPLIEDVLAAGEIQPPAPPEDAQPVAIPLPVSLGDAGHRSS
;
A,B,C,D
2 'polypeptide(L)'
;MSMLVVVTENVPPRLRGRLAIWLLEVRAGVYVGDVSAKIREMIWEQIAGLAEEGNVVMAWATNTETGFEFQTFGLNRRTP
VDLDGLRLVSFLPVGSSENLYFQ
;
E,F
3 'polydeoxyribonucleotide' (DG)(DC)(DC)(DC)(DC)(DA)(DG)(DT)(DA)(DG)(DC) G
4 'polydeoxyribonucleotide' (DG)(DA)(DC)(DC)(DA)(DC)(DC)(DA)(DG)(DT)(DG) H
5 'polydeoxyribonucleotide'
;(DC)(DA)(DC)(DT)(DG)(DG)(DT)(DG)(DG)(DT)(DC)(DG)(DC)(DC)(DG)(DC)(DG)(DG)(DT)(DT)
(DT)(DA)(DT)(DC)(DC)(DC)(DC)(DG)(DC)(DT)(DG)(DG)(DC)(DG)(DC)(DG)(DG)(DG)(DG)(DA)
(DA)(DC)(DA)(DC)(DT)(DC)(DT)(DA)(DA)(DG)(DA)(DT)(DA)(DT)(DT)(DA)(DG)(DA)
;
J
6 'polydeoxyribonucleotide'
;(DG)(DC)(DT)(DA)(DC)(DT)(DG)(DG)(DG)(DG)(DC)(DC)(DG)(DA)(DG)(DG)(DG)(DT)(DG)(DT)
(DT)(DC)(DC)(DC)(DC)(DG)(DC)(DG)(DC)(DC)(DA)(DG)(DC)(DG)(DG)(DG)(DG)(DA)(DT)(DA)
(DA)(DA)(DC)(DC)(DG)(DA)(DG)(DC)(DA)(DG)(DA)(DT)(DA)(DT)(DG)(DC)(DT)(DC)
;
K
#
loop_
_chem_comp.id
_chem_comp.type
_chem_comp.name
_chem_comp.formula
DA DNA linking 2'-DEOXYADENOSINE-5'-MONOPHOSPHATE 'C10 H14 N5 O6 P'
DC DNA linking 2'-DEOXYCYTIDINE-5'-MONOPHOSPHATE 'C9 H14 N3 O7 P'
DG DNA linking 2'-DEOXYGUANOSINE-5'-MONOPHOSPHATE 'C10 H14 N5 O7 P'
DT DNA linking THYMIDINE-5'-MONOPHOSPHATE 'C10 H15 N2 O8 P'
NI non-polymer 'NICKEL (II) ION' 'Ni 2'
#
# COMPACT_ATOMS: atom_id res chain seq x y z
N SER A 19 47.36 25.21 1.66
CA SER A 19 47.89 24.01 2.29
C SER A 19 46.77 23.07 2.71
N MET A 20 47.09 21.79 2.87
CA MET A 20 46.10 20.79 3.26
C MET A 20 46.84 19.60 3.88
N ILE A 21 46.07 18.76 4.56
CA ILE A 21 46.62 17.58 5.23
C ILE A 21 45.67 16.41 5.02
N PHE A 22 46.25 15.22 4.90
CA PHE A 22 45.50 13.97 4.78
C PHE A 22 45.46 13.28 6.12
N LEU A 23 44.26 12.90 6.55
CA LEU A 23 44.06 12.19 7.81
C LEU A 23 43.38 10.86 7.54
N GLN A 24 43.86 9.80 8.20
CA GLN A 24 43.29 8.48 8.00
C GLN A 24 43.51 7.64 9.25
N TYR A 25 42.65 6.64 9.42
CA TYR A 25 42.78 5.61 10.45
C TYR A 25 42.82 6.21 11.85
N GLY A 26 41.72 6.86 12.21
CA GLY A 26 41.62 7.46 13.54
C GLY A 26 40.41 8.36 13.62
N GLN A 27 40.14 8.83 14.84
CA GLN A 27 39.00 9.69 15.11
C GLN A 27 39.45 11.13 15.27
N ILE A 28 38.70 12.04 14.64
CA ILE A 28 39.01 13.46 14.67
C ILE A 28 38.13 14.12 15.73
N ASP A 29 38.76 14.69 16.76
CA ASP A 29 38.03 15.41 17.80
C ASP A 29 38.66 16.77 18.03
N VAL A 30 38.29 17.44 19.11
CA VAL A 30 38.82 18.76 19.45
C VAL A 30 39.41 18.69 20.85
N ILE A 31 40.64 19.19 21.00
CA ILE A 31 41.30 19.28 22.30
C ILE A 31 41.79 20.70 22.47
N ASP A 32 41.26 21.39 23.49
CA ASP A 32 41.70 22.73 23.87
C ASP A 32 41.82 23.66 22.67
N GLY A 33 40.85 23.54 21.74
CA GLY A 33 40.79 24.43 20.60
C GLY A 33 41.55 23.97 19.37
N ALA A 34 41.96 22.71 19.31
CA ALA A 34 42.72 22.22 18.16
C ALA A 34 42.11 20.93 17.64
N PHE A 35 42.18 20.77 16.32
CA PHE A 35 41.81 19.50 15.68
C PHE A 35 42.81 18.42 16.07
N VAL A 36 42.37 17.40 16.79
CA VAL A 36 43.23 16.31 17.19
C VAL A 36 42.81 15.06 16.42
N LEU A 37 43.80 14.36 15.86
CA LEU A 37 43.58 13.06 15.26
C LEU A 37 44.11 12.00 16.22
N ILE A 38 43.23 11.10 16.65
CA ILE A 38 43.59 10.05 17.59
C ILE A 38 43.69 8.74 16.82
N ASP A 39 44.83 8.06 16.97
CA ASP A 39 45.13 6.82 16.27
C ASP A 39 45.04 5.64 17.23
N LYS A 40 44.99 4.44 16.67
CA LYS A 40 44.93 3.22 17.47
C LYS A 40 46.19 3.03 18.32
N THR A 41 47.31 3.63 17.92
CA THR A 41 48.56 3.53 18.67
C THR A 41 48.68 4.58 19.76
N GLY A 42 47.75 5.53 19.84
CA GLY A 42 47.80 6.57 20.85
C GLY A 42 48.61 7.79 20.47
N ILE A 43 48.92 7.97 19.19
CA ILE A 43 49.72 9.10 18.73
C ILE A 43 48.77 10.23 18.37
N ARG A 44 48.63 11.20 19.27
CA ARG A 44 47.79 12.36 19.00
C ARG A 44 48.42 13.23 17.93
N THR A 45 47.58 13.80 17.08
CA THR A 45 48.01 14.74 16.05
C THR A 45 47.24 16.04 16.26
N HIS A 46 47.86 17.00 16.93
CA HIS A 46 47.23 18.30 17.18
C HIS A 46 47.43 19.22 15.98
N ILE A 47 46.39 20.00 15.69
CA ILE A 47 46.34 20.84 14.50
C ILE A 47 45.68 22.16 14.86
N PRO A 48 46.39 23.28 14.81
CA PRO A 48 45.76 24.58 15.07
C PRO A 48 44.71 24.89 14.02
N VAL A 49 43.78 25.78 14.39
CA VAL A 49 42.62 26.04 13.54
C VAL A 49 43.02 26.73 12.24
N GLY A 50 44.10 27.50 12.25
CA GLY A 50 44.54 28.20 11.08
C GLY A 50 45.65 27.54 10.29
N SER A 51 46.11 26.37 10.72
CA SER A 51 47.24 25.70 10.09
C SER A 51 46.84 24.84 8.89
N VAL A 52 45.55 24.75 8.58
CA VAL A 52 45.07 23.96 7.45
C VAL A 52 43.94 24.72 6.76
N ALA A 53 44.01 24.81 5.43
CA ALA A 53 42.93 25.37 4.65
C ALA A 53 41.93 24.31 4.21
N CYS A 54 42.35 23.04 4.16
CA CYS A 54 41.48 21.95 3.77
C CYS A 54 42.00 20.68 4.41
N ILE A 55 41.09 19.76 4.73
CA ILE A 55 41.42 18.49 5.37
C ILE A 55 40.84 17.38 4.52
N MET A 56 41.72 16.56 3.94
CA MET A 56 41.30 15.41 3.14
C MET A 56 41.11 14.21 4.06
N LEU A 57 39.88 13.68 4.10
CA LEU A 57 39.52 12.59 5.00
C LEU A 57 39.53 11.28 4.22
N GLU A 58 40.52 10.44 4.49
CA GLU A 58 40.67 9.14 3.84
C GLU A 58 39.79 8.12 4.57
N PRO A 59 39.59 6.94 3.97
CA PRO A 59 38.81 5.90 4.64
C PRO A 59 39.39 5.56 6.01
N GLY A 60 38.50 5.27 6.95
CA GLY A 60 38.87 4.97 8.32
C GLY A 60 38.79 6.12 9.29
N THR A 61 38.19 7.24 8.90
CA THR A 61 38.11 8.41 9.75
C THR A 61 36.68 8.62 10.24
N ARG A 62 36.53 8.81 11.55
CA ARG A 62 35.27 9.22 12.15
C ARG A 62 35.44 10.64 12.68
N VAL A 63 34.49 11.51 12.35
CA VAL A 63 34.56 12.93 12.68
C VAL A 63 33.58 13.22 13.80
N SER A 64 34.05 13.86 14.86
CA SER A 64 33.19 14.26 15.94
C SER A 64 32.48 15.57 15.59
N HIS A 65 31.35 15.80 16.27
CA HIS A 65 30.55 16.99 15.97
C HIS A 65 31.30 18.27 16.30
N ALA A 66 32.08 18.25 17.38
CA ALA A 66 32.87 19.42 17.74
C ALA A 66 33.91 19.74 16.67
N ALA A 67 34.42 18.72 15.99
CA ALA A 67 35.41 18.96 14.93
C ALA A 67 34.77 19.66 13.74
N VAL A 68 33.61 19.18 13.30
CA VAL A 68 32.90 19.84 12.20
C VAL A 68 32.50 21.24 12.61
N ARG A 69 32.12 21.42 13.88
CA ARG A 69 31.74 22.75 14.36
C ARG A 69 32.93 23.70 14.35
N LEU A 70 34.12 23.22 14.73
CA LEU A 70 35.32 24.05 14.70
C LEU A 70 35.71 24.40 13.27
N ALA A 71 35.74 23.39 12.39
CA ALA A 71 36.04 23.66 10.98
C ALA A 71 35.05 24.64 10.38
N ALA A 72 33.80 24.61 10.84
CA ALA A 72 32.83 25.60 10.37
C ALA A 72 33.15 26.98 10.94
N GLN A 73 33.52 27.05 12.21
CA GLN A 73 33.78 28.34 12.84
C GLN A 73 34.99 29.04 12.23
N VAL A 74 36.02 28.27 11.86
CA VAL A 74 37.22 28.83 11.23
C VAL A 74 37.15 28.77 9.71
N GLY A 75 36.15 28.11 9.14
CA GLY A 75 36.00 28.09 7.70
C GLY A 75 36.88 27.10 6.98
N THR A 76 37.14 25.94 7.58
CA THR A 76 38.01 24.93 7.00
C THR A 76 37.17 23.96 6.17
N LEU A 77 37.64 23.65 4.97
CA LEU A 77 36.96 22.71 4.10
C LEU A 77 37.28 21.28 4.49
N LEU A 78 36.25 20.44 4.54
CA LEU A 78 36.39 19.02 4.82
C LEU A 78 35.94 18.25 3.59
N VAL A 79 36.81 17.36 3.08
CA VAL A 79 36.52 16.59 1.88
C VAL A 79 36.75 15.12 2.19
N TRP A 80 35.68 14.33 2.15
CA TRP A 80 35.77 12.88 2.33
C TRP A 80 36.16 12.24 1.01
N VAL A 81 37.37 11.68 0.97
CA VAL A 81 37.96 11.14 -0.24
C VAL A 81 38.41 9.70 0.02
N GLY A 82 38.95 9.08 -1.03
CA GLY A 82 39.58 7.79 -0.91
C GLY A 82 41.06 7.92 -0.58
N GLU A 83 41.77 6.80 -0.73
CA GLU A 83 43.20 6.78 -0.45
C GLU A 83 43.94 7.70 -1.41
N ALA A 84 44.61 8.70 -0.85
CA ALA A 84 45.35 9.71 -1.62
C ALA A 84 44.45 10.45 -2.61
N GLY A 85 43.19 10.61 -2.25
CA GLY A 85 42.25 11.28 -3.14
C GLY A 85 41.96 10.53 -4.40
N VAL A 86 42.11 9.20 -4.39
CA VAL A 86 41.83 8.40 -5.58
C VAL A 86 40.37 8.52 -5.98
N ARG A 87 39.48 8.72 -5.01
CA ARG A 87 38.07 8.98 -5.26
C ARG A 87 37.65 10.14 -4.37
N VAL A 88 36.60 10.84 -4.79
CA VAL A 88 36.02 11.93 -3.99
C VAL A 88 34.59 11.56 -3.70
N TYR A 89 34.32 11.18 -2.44
CA TYR A 89 33.01 10.72 -2.02
C TYR A 89 32.10 11.88 -1.60
N ALA A 90 32.61 12.80 -0.80
CA ALA A 90 31.84 13.95 -0.37
C ALA A 90 32.78 15.09 -0.05
N SER A 91 32.20 16.25 0.27
CA SER A 91 32.99 17.41 0.67
C SER A 91 32.10 18.39 1.41
N GLY A 92 32.66 19.03 2.43
CA GLY A 92 31.94 20.07 3.11
C GLY A 92 31.67 21.26 2.23
N GLN A 93 30.85 22.17 2.73
CA GLN A 93 30.41 23.35 1.98
C GLN A 93 29.94 22.94 0.59
N PRO A 94 28.88 22.15 0.49
CA PRO A 94 28.50 21.57 -0.81
C PRO A 94 28.04 22.64 -1.79
N GLY A 95 28.43 22.47 -3.04
CA GLY A 95 28.15 23.45 -4.06
C GLY A 95 29.08 24.63 -4.08
N GLY A 96 30.13 24.62 -3.26
CA GLY A 96 31.06 25.74 -3.20
C GLY A 96 30.63 26.78 -2.18
N ALA A 97 31.58 27.24 -1.37
CA ALA A 97 31.31 28.26 -0.37
C ALA A 97 31.73 29.66 -0.78
N ARG A 98 32.62 29.77 -1.77
CA ARG A 98 33.09 31.06 -2.26
C ARG A 98 32.41 31.36 -3.60
N SER A 99 31.53 32.35 -3.60
CA SER A 99 30.84 32.73 -4.83
C SER A 99 31.74 33.49 -5.78
N ASP A 100 32.79 34.15 -5.27
CA ASP A 100 33.66 34.94 -6.12
C ASP A 100 34.41 34.07 -7.11
N LYS A 101 34.94 32.93 -6.67
CA LYS A 101 35.63 32.03 -7.58
C LYS A 101 34.67 31.36 -8.55
N LEU A 102 33.45 31.07 -8.10
CA LEU A 102 32.45 30.48 -8.99
C LEU A 102 32.08 31.45 -10.11
N LEU A 103 31.86 32.72 -9.77
CA LEU A 103 31.56 33.70 -10.81
C LEU A 103 32.79 34.03 -11.64
N TYR A 104 33.98 33.82 -11.09
CA TYR A 104 35.21 33.99 -11.88
C TYR A 104 35.30 32.93 -12.97
N GLN A 105 35.17 31.66 -12.58
CA GLN A 105 35.20 30.57 -13.57
C GLN A 105 34.03 30.70 -14.54
N ALA A 106 32.85 31.09 -14.05
CA ALA A 106 31.68 31.22 -14.91
C ALA A 106 31.86 32.33 -15.93
N LYS A 107 32.38 33.49 -15.51
CA LYS A 107 32.67 34.55 -16.46
C LYS A 107 33.75 34.13 -17.45
N LEU A 108 34.71 33.31 -17.00
CA LEU A 108 35.69 32.76 -17.93
C LEU A 108 35.04 31.81 -18.94
N ALA A 109 33.93 31.18 -18.57
CA ALA A 109 33.32 30.17 -19.44
C ALA A 109 32.28 30.74 -20.40
N LEU A 110 31.54 31.76 -19.98
CA LEU A 110 30.44 32.26 -20.81
C LEU A 110 30.95 33.15 -21.96
N ASP A 111 31.99 33.92 -21.71
CA ASP A 111 32.56 34.78 -22.74
C ASP A 111 33.37 33.94 -23.73
N GLU A 112 33.08 34.09 -25.03
CA GLU A 112 33.73 33.27 -26.03
C GLU A 112 35.23 33.54 -26.09
N ASP A 113 35.62 34.82 -25.99
CA ASP A 113 37.04 35.17 -26.06
C ASP A 113 37.80 34.57 -24.88
N LEU A 114 37.29 34.76 -23.67
CA LEU A 114 37.97 34.24 -22.48
C LEU A 114 37.99 32.72 -22.48
N ARG A 115 36.87 32.09 -22.86
CA ARG A 115 36.84 30.64 -22.95
C ARG A 115 37.89 30.13 -23.93
N LEU A 116 38.01 30.78 -25.09
CA LEU A 116 39.02 30.37 -26.06
C LEU A 116 40.43 30.55 -25.49
N LYS A 117 40.66 31.65 -24.77
CA LYS A 117 41.96 31.85 -24.12
C LYS A 117 42.28 30.72 -23.16
N VAL A 118 41.30 30.31 -22.36
CA VAL A 118 41.52 29.23 -21.38
C VAL A 118 41.78 27.92 -22.08
N VAL A 119 41.05 27.64 -23.17
CA VAL A 119 41.29 26.42 -23.94
C VAL A 119 42.72 26.41 -24.48
N ARG A 120 43.16 27.55 -25.03
CA ARG A 120 44.51 27.64 -25.56
C ARG A 120 45.54 27.43 -24.45
N LYS A 121 45.27 27.95 -23.25
CA LYS A 121 46.18 27.72 -22.13
C LYS A 121 46.24 26.24 -21.76
N MET A 122 45.08 25.56 -21.79
CA MET A 122 45.07 24.12 -21.55
C MET A 122 45.92 23.39 -22.58
N PHE A 123 45.83 23.82 -23.84
CA PHE A 123 46.63 23.20 -24.90
C PHE A 123 48.12 23.44 -24.68
N GLU A 124 48.49 24.66 -24.28
CA GLU A 124 49.91 24.98 -24.10
C GLU A 124 50.50 24.30 -22.88
N LEU A 125 49.70 24.10 -21.82
CA LEU A 125 50.18 23.43 -20.63
C LEU A 125 50.10 21.91 -20.74
N ARG A 126 49.31 21.39 -21.68
CA ARG A 126 49.27 19.95 -21.93
C ARG A 126 50.39 19.53 -22.87
N PHE A 127 50.45 20.13 -24.06
CA PHE A 127 51.48 19.83 -25.05
C PHE A 127 52.59 20.87 -24.94
N GLY A 128 53.83 20.43 -25.14
CA GLY A 128 54.99 21.29 -24.94
C GLY A 128 55.08 22.48 -25.87
N GLU A 129 54.18 22.59 -26.84
CA GLU A 129 54.19 23.70 -27.78
C GLU A 129 52.84 24.38 -27.80
N PRO A 130 52.81 25.70 -28.02
CA PRO A 130 51.53 26.40 -28.10
C PRO A 130 50.68 25.91 -29.27
N ALA A 131 49.38 26.18 -29.16
CA ALA A 131 48.44 25.73 -30.18
C ALA A 131 48.56 26.58 -31.43
N PRO A 132 48.17 26.02 -32.59
CA PRO A 132 48.11 26.83 -33.81
C PRO A 132 47.10 27.96 -33.67
N ALA A 133 47.51 29.16 -34.07
CA ALA A 133 46.66 30.34 -33.90
C ALA A 133 45.45 30.27 -34.81
N ARG A 134 44.44 31.08 -34.47
CA ARG A 134 43.18 31.16 -35.23
C ARG A 134 42.45 29.83 -35.30
N ARG A 135 42.70 28.95 -34.33
CA ARG A 135 42.01 27.67 -34.24
C ARG A 135 40.87 27.77 -33.24
N SER A 136 39.73 27.18 -33.59
CA SER A 136 38.56 27.20 -32.73
C SER A 136 38.66 26.09 -31.69
N VAL A 137 37.67 26.05 -30.79
CA VAL A 137 37.67 25.03 -29.74
C VAL A 137 37.43 23.65 -30.34
N GLU A 138 36.62 23.56 -31.40
CA GLU A 138 36.41 22.27 -32.06
C GLU A 138 37.63 21.83 -32.85
N GLN A 139 38.35 22.77 -33.46
CA GLN A 139 39.57 22.43 -34.18
C GLN A 139 40.65 21.96 -33.21
N LEU A 140 40.85 22.70 -32.11
CA LEU A 140 41.76 22.23 -31.06
C LEU A 140 41.30 20.92 -30.47
N ARG A 141 40.00 20.66 -30.48
CA ARG A 141 39.48 19.37 -30.02
C ARG A 141 39.89 18.26 -30.96
N GLY A 142 39.80 18.49 -32.26
CA GLY A 142 40.25 17.50 -33.23
C GLY A 142 41.75 17.24 -33.14
N ILE A 143 42.54 18.31 -33.06
CA ILE A 143 43.98 18.14 -32.83
C ILE A 143 44.22 17.32 -31.59
N GLU A 144 43.47 17.61 -30.51
CA GLU A 144 43.62 16.86 -29.27
C GLU A 144 43.33 15.39 -29.47
N GLY A 145 42.24 15.07 -30.18
CA GLY A 145 41.91 13.67 -30.42
C GLY A 145 42.96 12.94 -31.23
N SER A 146 43.48 13.59 -32.28
CA SER A 146 44.52 12.97 -33.09
C SER A 146 45.78 12.71 -32.26
N ARG A 147 46.23 13.73 -31.52
CA ARG A 147 47.41 13.55 -30.67
C ARG A 147 47.19 12.44 -29.65
N VAL A 148 45.97 12.34 -29.12
CA VAL A 148 45.65 11.27 -28.17
C VAL A 148 45.78 9.91 -28.85
N ARG A 149 45.30 9.80 -30.09
CA ARG A 149 45.41 8.53 -30.80
C ARG A 149 46.87 8.15 -31.03
N ALA A 150 47.66 9.10 -31.54
CA ALA A 150 49.08 8.83 -31.73
C ALA A 150 49.77 8.45 -30.42
N THR A 151 49.33 9.05 -29.31
CA THR A 151 49.90 8.69 -28.01
C THR A 151 49.50 7.27 -27.61
N TYR A 152 48.26 6.88 -27.90
CA TYR A 152 47.83 5.50 -27.62
C TYR A 152 48.65 4.50 -28.40
N ALA A 153 48.83 4.74 -29.70
CA ALA A 153 49.65 3.83 -30.51
C ALA A 153 51.08 3.81 -30.01
N LEU A 154 51.64 4.98 -29.67
CA LEU A 154 53.03 5.06 -29.24
C LEU A 154 53.24 4.29 -27.94
N LEU A 155 52.34 4.47 -26.96
CA LEU A 155 52.47 3.74 -25.71
C LEU A 155 52.25 2.24 -25.92
N ALA A 156 51.35 1.88 -26.84
CA ALA A 156 51.14 0.47 -27.15
C ALA A 156 52.41 -0.16 -27.71
N LYS A 157 53.14 0.57 -28.55
CA LYS A 157 54.40 0.05 -29.08
C LYS A 157 55.49 0.05 -28.04
N GLN A 158 55.50 1.04 -27.14
CA GLN A 158 56.57 1.16 -26.16
C GLN A 158 56.47 0.06 -25.10
N TYR A 159 55.28 -0.15 -24.55
CA TYR A 159 55.09 -1.14 -23.51
C TYR A 159 54.70 -2.51 -24.05
N GLY A 160 54.60 -2.66 -25.36
CA GLY A 160 54.31 -3.97 -25.94
C GLY A 160 52.93 -4.50 -25.60
N VAL A 161 51.91 -3.65 -25.66
CA VAL A 161 50.54 -4.02 -25.36
C VAL A 161 49.75 -4.06 -26.65
N THR A 162 48.98 -5.13 -26.84
CA THR A 162 48.15 -5.26 -28.03
C THR A 162 47.02 -4.23 -27.99
N TRP A 163 47.03 -3.31 -28.96
CA TRP A 163 46.11 -2.18 -28.97
C TRP A 163 45.05 -2.38 -30.04
N ASN A 164 43.79 -2.19 -29.66
CA ASN A 164 42.67 -2.24 -30.60
C ASN A 164 41.86 -0.96 -30.64
N GLY A 165 42.09 -0.02 -29.72
CA GLY A 165 41.34 1.21 -29.65
C GLY A 165 40.75 1.40 -28.27
N ARG A 166 40.07 2.54 -28.10
CA ARG A 166 39.40 2.87 -26.84
C ARG A 166 38.03 2.20 -26.82
N ARG A 167 38.05 0.87 -26.73
CA ARG A 167 36.84 0.06 -26.79
C ARG A 167 36.49 -0.44 -25.41
N TYR A 168 35.26 -0.12 -24.97
CA TYR A 168 34.77 -0.57 -23.68
C TYR A 168 33.25 -0.65 -23.73
N ASP A 169 32.70 -1.74 -23.20
CA ASP A 169 31.25 -1.93 -23.20
C ASP A 169 30.67 -1.37 -21.91
N PRO A 170 29.85 -0.31 -21.96
CA PRO A 170 29.24 0.31 -20.78
C PRO A 170 28.39 -0.65 -19.96
N TRP A 173 31.54 -4.83 -17.16
CA TRP A 173 32.88 -4.28 -16.95
C TRP A 173 33.96 -5.29 -17.30
N GLU A 174 33.92 -6.45 -16.64
CA GLU A 174 34.98 -7.44 -16.81
C GLU A 174 35.00 -8.02 -18.22
N LYS A 175 33.85 -8.08 -18.89
CA LYS A 175 33.76 -8.63 -20.24
C LYS A 175 34.26 -7.58 -21.22
N GLY A 176 35.58 -7.42 -21.25
CA GLY A 176 36.21 -6.45 -22.13
C GLY A 176 37.71 -6.61 -22.11
N ASP A 177 38.38 -5.76 -22.88
CA ASP A 177 39.83 -5.83 -22.99
C ASP A 177 40.48 -5.33 -21.70
N THR A 178 41.66 -5.89 -21.40
CA THR A 178 42.33 -5.58 -20.14
C THR A 178 43.01 -4.21 -20.19
N ILE A 179 43.56 -3.83 -21.36
CA ILE A 179 44.25 -2.55 -21.46
C ILE A 179 43.27 -1.40 -21.28
N ASN A 180 42.09 -1.47 -21.90
CA ASN A 180 41.08 -0.44 -21.70
C ASN A 180 40.55 -0.46 -20.28
N GLN A 181 40.60 -1.61 -19.61
CA GLN A 181 40.23 -1.69 -18.20
C GLN A 181 41.22 -0.92 -17.34
N CYS A 182 42.52 -1.15 -17.56
CA CYS A 182 43.55 -0.42 -16.82
C CYS A 182 43.47 1.08 -17.09
N ILE A 183 43.28 1.46 -18.35
CA ILE A 183 43.15 2.87 -18.68
C ILE A 183 41.93 3.48 -18.00
N SER A 184 40.81 2.75 -17.99
CA SER A 184 39.61 3.24 -17.35
C SER A 184 39.84 3.47 -15.85
N ALA A 185 40.47 2.50 -15.18
CA ALA A 185 40.73 2.64 -13.76
C ALA A 185 41.67 3.82 -13.49
N ALA A 186 42.76 3.90 -14.25
CA ALA A 186 43.73 4.98 -14.07
C ALA A 186 43.07 6.34 -14.24
N THR A 187 42.30 6.51 -15.31
CA THR A 187 41.61 7.78 -15.51
C THR A 187 40.58 8.02 -14.42
N SER A 188 40.03 6.97 -13.83
CA SER A 188 39.12 7.15 -12.70
C SER A 188 39.85 7.74 -11.50
N CYS A 189 41.02 7.20 -11.18
CA CYS A 189 41.83 7.75 -10.10
C CYS A 189 42.21 9.20 -10.38
N LEU A 190 42.65 9.47 -11.61
CA LEU A 190 43.06 10.83 -11.97
C LEU A 190 41.89 11.81 -11.87
N TYR A 191 40.69 11.37 -12.25
CA TYR A 191 39.51 12.19 -12.04
C TYR A 191 39.23 12.37 -10.56
N GLY A 192 39.63 11.40 -9.73
CA GLY A 192 39.55 11.55 -8.30
C GLY A 192 40.40 12.69 -7.78
N VAL A 193 41.73 12.60 -8.00
CA VAL A 193 42.61 13.64 -7.47
C VAL A 193 42.32 14.99 -8.10
N THR A 194 41.99 15.00 -9.40
CA THR A 194 41.65 16.25 -10.06
C THR A 194 40.39 16.87 -9.43
N GLU A 195 39.38 16.05 -9.15
CA GLU A 195 38.20 16.56 -8.49
C GLU A 195 38.51 17.11 -7.10
N ALA A 196 39.36 16.41 -6.35
CA ALA A 196 39.75 16.89 -5.03
C ALA A 196 40.48 18.22 -5.13
N ALA A 197 41.30 18.39 -6.17
CA ALA A 197 42.03 19.64 -6.34
C ALA A 197 41.07 20.79 -6.69
N ILE A 198 40.15 20.53 -7.62
CA ILE A 198 39.19 21.57 -8.01
C ILE A 198 38.33 21.97 -6.81
N LEU A 199 37.96 21.00 -5.98
CA LEU A 199 37.17 21.33 -4.79
C LEU A 199 38.01 22.11 -3.78
N ALA A 200 39.29 21.75 -3.62
CA ALA A 200 40.14 22.43 -2.66
C ALA A 200 40.39 23.87 -3.07
N ALA A 201 40.55 24.12 -4.38
CA ALA A 201 40.80 25.47 -4.86
C ALA A 201 39.56 26.35 -4.73
N GLY A 202 38.37 25.77 -4.70
CA GLY A 202 37.15 26.53 -4.56
C GLY A 202 36.37 26.76 -5.84
N TYR A 203 36.50 25.88 -6.82
CA TYR A 203 35.83 26.01 -8.10
C TYR A 203 34.87 24.85 -8.33
N ALA A 204 33.97 25.03 -9.30
CA ALA A 204 32.95 24.03 -9.61
C ALA A 204 33.48 23.02 -10.61
N PRO A 205 33.31 21.72 -10.36
CA PRO A 205 33.80 20.71 -11.32
C PRO A 205 32.95 20.62 -12.58
N ALA A 206 31.76 21.23 -12.60
CA ALA A 206 30.86 21.09 -13.74
C ALA A 206 31.11 22.13 -14.82
N ILE A 207 31.68 23.28 -14.46
CA ILE A 207 31.93 24.36 -15.42
C ILE A 207 33.22 24.05 -16.16
N GLY A 208 33.08 23.55 -17.38
CA GLY A 208 34.22 23.18 -18.20
C GLY A 208 34.37 24.10 -19.41
N PHE A 209 35.56 24.02 -20.01
CA PHE A 209 35.92 24.83 -21.16
C PHE A 209 36.08 24.02 -22.43
N VAL A 210 36.85 22.94 -22.40
CA VAL A 210 36.88 21.99 -23.51
C VAL A 210 35.68 21.07 -23.46
N HIS A 211 35.53 20.35 -22.34
CA HIS A 211 34.34 19.56 -22.09
C HIS A 211 33.25 20.45 -21.52
N THR A 212 32.01 20.24 -21.97
CA THR A 212 30.90 21.08 -21.54
C THR A 212 29.64 20.24 -21.47
N GLY A 213 28.90 20.37 -20.36
CA GLY A 213 27.64 19.69 -20.22
C GLY A 213 27.55 18.73 -19.06
N LYS A 214 28.61 17.97 -18.84
CA LYS A 214 28.58 16.98 -17.77
C LYS A 214 29.05 17.60 -16.45
N PRO A 215 28.57 17.06 -15.32
CA PRO A 215 28.87 17.69 -14.02
C PRO A 215 30.32 17.57 -13.58
N LEU A 216 31.18 16.90 -14.33
CA LEU A 216 32.60 16.77 -14.01
C LEU A 216 33.46 17.14 -15.22
N SER A 217 33.00 18.13 -15.99
CA SER A 217 33.72 18.51 -17.20
C SER A 217 35.08 19.12 -16.88
N PHE A 218 35.12 20.05 -15.93
CA PHE A 218 36.39 20.68 -15.56
C PHE A 218 37.39 19.65 -15.06
N VAL A 219 36.91 18.65 -14.33
CA VAL A 219 37.76 17.54 -13.91
C VAL A 219 38.36 16.86 -15.13
N TYR A 220 37.53 16.64 -16.16
CA TYR A 220 38.03 16.01 -17.38
C TYR A 220 39.05 16.89 -18.09
N ASP A 221 38.91 18.21 -17.97
CA ASP A 221 39.88 19.11 -18.61
C ASP A 221 41.23 19.07 -17.91
N ILE A 222 41.24 19.44 -16.61
CA ILE A 222 42.50 19.47 -15.88
C ILE A 222 43.15 18.10 -15.85
N ALA A 223 42.34 17.04 -15.80
CA ALA A 223 42.90 15.70 -15.87
C ALA A 223 43.45 15.38 -17.25
N ASP A 224 42.77 15.86 -18.30
CA ASP A 224 43.29 15.70 -19.66
C ASP A 224 44.61 16.42 -19.86
N ILE A 225 44.88 17.47 -19.06
CA ILE A 225 46.14 18.19 -19.19
C ILE A 225 47.32 17.30 -18.82
N ILE A 226 47.19 16.51 -17.75
CA ILE A 226 48.29 15.73 -17.22
C ILE A 226 48.03 14.23 -17.31
N LYS A 227 47.12 13.81 -18.18
CA LYS A 227 46.71 12.41 -18.21
C LYS A 227 47.84 11.52 -18.71
N PHE A 228 48.35 11.78 -19.90
CA PHE A 228 49.35 10.91 -20.51
C PHE A 228 50.76 11.16 -20.03
N ASP A 229 50.94 11.92 -18.95
CA ASP A 229 52.27 12.17 -18.41
C ASP A 229 52.71 11.06 -17.46
N THR A 230 51.81 10.51 -16.65
CA THR A 230 52.21 9.55 -15.63
C THR A 230 51.23 8.40 -15.46
N VAL A 231 49.93 8.71 -15.37
CA VAL A 231 48.97 7.69 -14.96
C VAL A 231 48.70 6.69 -16.08
N VAL A 232 48.65 7.15 -17.32
CA VAL A 232 48.35 6.28 -18.46
C VAL A 232 49.57 5.42 -18.79
N PRO A 233 50.80 5.96 -18.85
CA PRO A 233 51.96 5.07 -19.00
C PRO A 233 52.08 4.06 -17.88
N LYS A 234 51.59 4.38 -16.68
CA LYS A 234 51.57 3.40 -15.60
C LYS A 234 50.49 2.34 -15.85
N ALA A 235 49.36 2.75 -16.41
CA ALA A 235 48.32 1.79 -16.78
C ALA A 235 48.85 0.81 -17.83
N PHE A 236 49.59 1.32 -18.81
CA PHE A 236 50.24 0.44 -19.77
C PHE A 236 51.37 -0.36 -19.14
N GLU A 237 51.95 0.14 -18.05
CA GLU A 237 52.98 -0.61 -17.36
C GLU A 237 52.39 -1.82 -16.64
N ILE A 238 51.21 -1.66 -16.03
CA ILE A 238 50.54 -2.80 -15.41
C ILE A 238 49.95 -3.71 -16.47
N ALA A 239 49.51 -3.14 -17.60
CA ALA A 239 49.03 -3.96 -18.71
C ALA A 239 50.16 -4.77 -19.33
N ARG A 240 51.39 -4.28 -19.24
CA ARG A 240 52.54 -5.07 -19.68
C ARG A 240 52.63 -6.37 -18.89
N ARG A 241 52.40 -6.30 -17.58
CA ARG A 241 52.24 -7.49 -16.76
C ARG A 241 50.82 -8.02 -16.92
N ASN A 242 50.54 -9.15 -16.28
CA ASN A 242 49.20 -9.76 -16.31
C ASN A 242 48.82 -10.16 -14.89
N PRO A 243 48.49 -9.20 -14.04
CA PRO A 243 48.12 -9.51 -12.65
C PRO A 243 46.62 -9.74 -12.49
N GLY A 244 46.30 -10.51 -11.45
CA GLY A 244 44.90 -10.73 -11.12
C GLY A 244 44.27 -9.46 -10.54
N GLU A 245 43.03 -9.20 -10.95
CA GLU A 245 42.31 -7.99 -10.60
C GLU A 245 43.14 -6.76 -10.95
N PRO A 246 43.22 -6.38 -12.22
CA PRO A 246 43.99 -5.19 -12.59
C PRO A 246 43.41 -3.90 -12.05
N ASP A 247 42.13 -3.88 -11.67
CA ASP A 247 41.54 -2.68 -11.09
C ASP A 247 42.27 -2.28 -9.81
N ARG A 248 42.46 -3.23 -8.90
CA ARG A 248 43.13 -2.92 -7.64
C ARG A 248 44.57 -2.49 -7.86
N GLU A 249 45.29 -3.19 -8.75
CA GLU A 249 46.69 -2.85 -9.00
C GLU A 249 46.82 -1.46 -9.58
N VAL A 250 45.95 -1.10 -10.54
CA VAL A 250 46.02 0.23 -11.14
C VAL A 250 45.63 1.30 -10.12
N ARG A 251 44.62 1.01 -9.29
CA ARG A 251 44.22 1.98 -8.27
C ARG A 251 45.33 2.24 -7.27
N LEU A 252 46.00 1.18 -6.83
CA LEU A 252 47.09 1.33 -5.87
C LEU A 252 48.29 2.04 -6.50
N ALA A 253 48.64 1.67 -7.74
CA ALA A 253 49.74 2.33 -8.42
C ALA A 253 49.46 3.83 -8.59
N CYS A 254 48.24 4.17 -9.00
CA CYS A 254 47.86 5.57 -9.09
C CYS A 254 47.92 6.25 -7.74
N ARG A 255 47.52 5.54 -6.67
CA ARG A 255 47.59 6.12 -5.33
C ARG A 255 49.03 6.46 -4.96
N ASP A 256 49.94 5.50 -5.13
CA ASP A 256 51.34 5.73 -4.80
C ASP A 256 51.96 6.80 -5.70
N ILE A 257 51.45 6.95 -6.92
CA ILE A 257 51.97 8.00 -7.79
C ILE A 257 51.45 9.37 -7.34
N PHE A 258 50.21 9.43 -6.88
CA PHE A 258 49.66 10.70 -6.39
C PHE A 258 50.31 11.11 -5.07
N ARG A 259 50.71 10.14 -4.25
CA ARG A 259 51.41 10.46 -3.02
C ARG A 259 52.87 10.85 -3.29
N SER A 260 53.55 10.08 -4.14
CA SER A 260 54.97 10.32 -4.39
C SER A 260 55.18 11.60 -5.18
N SER A 261 54.36 11.84 -6.20
CA SER A 261 54.50 13.03 -7.03
C SER A 261 53.82 14.26 -6.42
N LYS A 262 53.05 14.10 -5.35
CA LYS A 262 52.26 15.18 -4.76
C LYS A 262 51.39 15.85 -5.82
N THR A 263 50.61 15.02 -6.52
CA THR A 263 49.80 15.52 -7.63
C THR A 263 48.72 16.47 -7.15
N LEU A 264 48.10 16.18 -6.01
CA LEU A 264 47.03 17.03 -5.51
C LEU A 264 47.55 18.42 -5.18
N ALA A 265 48.77 18.51 -4.66
CA ALA A 265 49.34 19.82 -4.34
C ALA A 265 49.74 20.57 -5.60
N LYS A 266 50.24 19.86 -6.61
CA LYS A 266 50.67 20.50 -7.85
C LYS A 266 49.52 20.83 -8.78
N LEU A 267 48.32 20.30 -8.52
CA LEU A 267 47.22 20.52 -9.45
C LEU A 267 46.53 21.86 -9.21
N ILE A 268 46.62 22.41 -8.00
CA ILE A 268 45.93 23.67 -7.68
C ILE A 268 46.61 24.84 -8.39
N PRO A 269 47.94 25.01 -8.32
CA PRO A 269 48.56 26.09 -9.11
C PRO A 269 48.34 25.92 -10.59
N LEU A 270 48.27 24.69 -11.09
CA LEU A 270 47.95 24.47 -12.50
C LEU A 270 46.58 25.02 -12.83
N ILE A 271 45.59 24.80 -11.95
CA ILE A 271 44.26 25.35 -12.18
C ILE A 271 44.28 26.86 -12.13
N GLU A 272 44.99 27.44 -11.16
CA GLU A 272 45.03 28.89 -11.04
C GLU A 272 45.73 29.54 -12.23
N ASP A 273 46.67 28.84 -12.86
CA ASP A 273 47.32 29.39 -14.04
C ASP A 273 46.46 29.19 -15.29
N VAL A 274 45.79 28.04 -15.41
CA VAL A 274 44.89 27.80 -16.53
C VAL A 274 43.79 28.84 -16.56
N LEU A 275 43.14 29.06 -15.41
CA LEU A 275 42.14 30.12 -15.35
C LEU A 275 42.78 31.50 -15.41
N ALA A 276 44.01 31.63 -14.93
CA ALA A 276 44.67 32.93 -14.91
C ALA A 276 44.97 33.43 -16.32
N ALA A 277 45.23 32.52 -17.26
CA ALA A 277 45.54 32.93 -18.62
C ALA A 277 44.37 33.60 -19.32
N GLY A 278 43.17 33.56 -18.76
CA GLY A 278 42.07 34.35 -19.30
C GLY A 278 42.26 35.84 -19.18
N GLU A 279 43.32 36.28 -18.51
CA GLU A 279 43.64 37.70 -18.35
C GLU A 279 42.52 38.45 -17.63
N ILE A 280 41.94 37.80 -16.62
CA ILE A 280 40.94 38.41 -15.76
C ILE A 280 41.57 38.62 -14.39
N GLN A 281 41.12 39.65 -13.70
CA GLN A 281 41.57 39.91 -12.34
C GLN A 281 41.12 38.77 -11.43
N PRO A 282 42.03 37.94 -10.92
CA PRO A 282 41.62 36.76 -10.17
C PRO A 282 41.25 37.12 -8.74
N PRO A 283 40.38 36.33 -8.10
CA PRO A 283 40.03 36.60 -6.71
C PRO A 283 41.15 36.20 -5.76
N ALA A 284 41.36 37.03 -4.74
CA ALA A 284 42.43 36.80 -3.78
C ALA A 284 41.94 35.93 -2.61
N LEU B 7 26.08 -2.89 -8.42
CA LEU B 7 24.89 -2.07 -8.57
C LEU B 7 25.18 -0.60 -8.23
N PRO B 8 24.67 0.33 -9.04
CA PRO B 8 25.08 1.73 -8.91
C PRO B 8 24.39 2.50 -7.79
N LEU B 9 23.19 2.06 -7.37
CA LEU B 9 22.34 2.79 -6.42
C LEU B 9 22.28 4.28 -6.73
N ASN B 10 21.44 4.64 -7.69
CA ASN B 10 21.28 6.04 -8.05
C ASN B 10 20.26 6.71 -7.12
N PRO B 11 20.41 8.01 -6.88
CA PRO B 11 19.58 8.69 -5.89
C PRO B 11 18.10 8.73 -6.28
N ILE B 12 17.29 9.10 -5.29
CA ILE B 12 15.84 9.20 -5.42
C ILE B 12 15.47 10.65 -5.67
N PRO B 13 14.44 10.96 -6.47
CA PRO B 13 13.96 12.33 -6.57
C PRO B 13 13.63 12.93 -5.20
N LEU B 14 13.75 14.26 -5.12
CA LEU B 14 13.66 14.91 -3.82
C LEU B 14 12.22 14.94 -3.30
N LYS B 15 11.24 15.12 -4.19
CA LYS B 15 9.85 15.22 -3.76
C LYS B 15 9.37 13.95 -3.09
N ASP B 16 9.88 12.79 -3.53
CA ASP B 16 9.45 11.52 -2.97
C ASP B 16 10.00 11.28 -1.57
N ARG B 17 11.02 12.04 -1.17
CA ARG B 17 11.68 11.82 0.10
C ARG B 17 10.86 12.39 1.26
N VAL B 18 11.31 12.06 2.48
CA VAL B 18 10.75 12.66 3.69
C VAL B 18 11.52 13.94 3.97
N SER B 19 10.87 14.84 4.72
CA SER B 19 11.43 16.16 4.98
C SER B 19 12.79 16.10 5.67
N MET B 20 12.83 15.66 6.93
CA MET B 20 14.04 15.78 7.71
C MET B 20 14.03 14.75 8.83
N ILE B 21 15.24 14.39 9.28
CA ILE B 21 15.43 13.53 10.44
C ILE B 21 16.52 14.14 11.31
N PHE B 22 16.27 14.25 12.60
CA PHE B 22 17.24 14.79 13.55
C PHE B 22 17.86 13.65 14.34
N LEU B 23 19.19 13.66 14.45
CA LEU B 23 19.94 12.67 15.21
C LEU B 23 20.67 13.37 16.34
N GLN B 24 20.45 12.89 17.57
CA GLN B 24 20.91 13.61 18.76
C GLN B 24 22.21 13.06 19.34
N TYR B 25 22.28 11.75 19.58
CA TYR B 25 23.47 11.16 20.21
C TYR B 25 23.77 9.82 19.58
N GLY B 26 24.96 9.30 19.89
CA GLY B 26 25.43 8.04 19.36
C GLY B 26 26.34 8.23 18.15
N GLN B 27 26.94 7.13 17.73
CA GLN B 27 27.83 7.14 16.58
C GLN B 27 27.10 6.59 15.35
N ILE B 28 27.31 7.23 14.22
CA ILE B 28 26.65 6.84 12.97
C ILE B 28 27.63 5.98 12.17
N ASP B 29 27.25 4.73 11.91
CA ASP B 29 28.05 3.79 11.16
C ASP B 29 27.30 3.33 9.93
N VAL B 30 27.99 2.58 9.08
CA VAL B 30 27.40 1.89 7.95
C VAL B 30 27.55 0.40 8.19
N ILE B 31 26.43 -0.29 8.35
CA ILE B 31 26.41 -1.72 8.63
C ILE B 31 25.80 -2.42 7.42
N ASP B 32 26.62 -3.22 6.73
CA ASP B 32 26.20 -3.94 5.52
C ASP B 32 25.63 -2.99 4.48
N GLY B 33 26.12 -1.76 4.44
CA GLY B 33 25.62 -0.77 3.51
C GLY B 33 24.46 0.05 4.02
N ALA B 34 24.16 -0.01 5.32
CA ALA B 34 23.01 0.67 5.89
C ALA B 34 23.46 1.81 6.80
N PHE B 35 22.70 2.90 6.76
CA PHE B 35 22.95 4.09 7.58
C PHE B 35 22.36 3.84 8.96
N VAL B 36 23.21 3.49 9.92
CA VAL B 36 22.77 3.03 11.23
C VAL B 36 23.24 4.01 12.30
N LEU B 37 22.36 4.31 13.25
CA LEU B 37 22.68 5.13 14.41
C LEU B 37 22.78 4.22 15.64
N ILE B 38 23.98 4.16 16.22
CA ILE B 38 24.24 3.29 17.36
C ILE B 38 24.29 4.15 18.61
N ASP B 39 23.40 3.85 19.55
CA ASP B 39 23.34 4.55 20.83
C ASP B 39 24.46 4.06 21.74
N LYS B 40 24.71 4.83 22.80
CA LYS B 40 25.71 4.43 23.78
C LYS B 40 25.29 3.21 24.58
N THR B 41 24.02 2.83 24.51
CA THR B 41 23.53 1.61 25.16
C THR B 41 23.59 0.39 24.24
N GLY B 42 23.92 0.58 22.96
CA GLY B 42 23.94 -0.51 22.01
C GLY B 42 22.71 -0.67 21.16
N ILE B 43 21.77 0.27 21.23
CA ILE B 43 20.53 0.19 20.47
C ILE B 43 20.79 0.66 19.05
N ARG B 44 20.80 -0.28 18.11
CA ARG B 44 21.00 0.07 16.70
C ARG B 44 19.69 0.56 16.09
N THR B 45 19.76 1.66 15.34
CA THR B 45 18.58 2.25 14.71
C THR B 45 18.92 2.55 13.25
N HIS B 46 18.52 1.65 12.35
CA HIS B 46 18.72 1.88 10.93
C HIS B 46 17.86 3.05 10.48
N ILE B 47 18.41 3.84 9.54
CA ILE B 47 17.77 5.07 9.08
C ILE B 47 17.72 5.06 7.56
N PRO B 48 16.55 5.20 6.95
CA PRO B 48 16.48 5.24 5.48
C PRO B 48 17.10 6.50 4.90
N VAL B 49 18.44 6.52 4.83
CA VAL B 49 19.14 7.72 4.36
C VAL B 49 18.73 8.07 2.94
N GLY B 50 18.42 7.07 2.12
CA GLY B 50 18.02 7.33 0.75
C GLY B 50 16.64 7.93 0.61
N SER B 51 15.80 7.81 1.65
CA SER B 51 14.41 8.22 1.58
C SER B 51 14.13 9.52 2.33
N VAL B 52 15.17 10.24 2.75
CA VAL B 52 15.01 11.49 3.49
C VAL B 52 15.78 12.59 2.77
N ALA B 53 15.21 13.79 2.74
CA ALA B 53 15.83 14.90 2.03
C ALA B 53 17.15 15.31 2.67
N CYS B 54 17.12 15.64 3.95
CA CYS B 54 18.31 16.05 4.67
C CYS B 54 18.32 15.43 6.06
N ILE B 55 19.51 15.10 6.53
CA ILE B 55 19.73 14.51 7.85
C ILE B 55 20.44 15.55 8.71
N MET B 56 19.84 15.88 9.85
CA MET B 56 20.39 16.86 10.79
C MET B 56 21.19 16.12 11.85
N LEU B 57 22.40 16.60 12.10
CA LEU B 57 23.32 15.99 13.07
C LEU B 57 23.51 16.96 14.24
N GLU B 58 22.91 16.62 15.38
CA GLU B 58 23.05 17.41 16.59
C GLU B 58 24.34 17.07 17.31
N PRO B 59 24.77 17.91 18.26
CA PRO B 59 26.00 17.61 19.00
C PRO B 59 25.88 16.29 19.75
N GLY B 60 26.96 15.51 19.70
CA GLY B 60 26.99 14.18 20.25
C GLY B 60 27.09 13.08 19.20
N THR B 61 26.96 13.43 17.93
CA THR B 61 27.02 12.46 16.85
C THR B 61 28.44 12.35 16.31
N ARG B 62 28.83 11.12 15.96
CA ARG B 62 30.19 10.83 15.49
C ARG B 62 30.08 9.98 14.21
N VAL B 63 29.93 10.64 13.07
CA VAL B 63 29.72 9.95 11.80
C VAL B 63 31.05 9.39 11.28
N SER B 64 30.97 8.28 10.56
CA SER B 64 32.13 7.65 9.98
C SER B 64 32.30 8.08 8.53
N HIS B 65 33.43 7.66 7.95
CA HIS B 65 33.69 7.98 6.55
C HIS B 65 32.68 7.31 5.63
N ALA B 66 32.43 6.01 5.85
CA ALA B 66 31.48 5.27 5.02
C ALA B 66 30.07 5.84 5.17
N ALA B 67 29.76 6.46 6.30
CA ALA B 67 28.44 7.05 6.48
C ALA B 67 28.28 8.29 5.61
N VAL B 68 29.28 9.17 5.60
CA VAL B 68 29.20 10.36 4.75
C VAL B 68 29.25 9.95 3.28
N ARG B 69 30.04 8.92 2.96
CA ARG B 69 30.08 8.41 1.59
C ARG B 69 28.71 7.89 1.16
N LEU B 70 28.04 7.12 2.04
CA LEU B 70 26.75 6.56 1.69
C LEU B 70 25.69 7.64 1.57
N ALA B 71 25.61 8.53 2.56
CA ALA B 71 24.62 9.60 2.53
C ALA B 71 24.81 10.49 1.31
N ALA B 72 26.07 10.77 0.94
CA ALA B 72 26.32 11.57 -0.25
C ALA B 72 25.96 10.81 -1.51
N GLN B 73 26.23 9.50 -1.53
CA GLN B 73 25.96 8.72 -2.73
C GLN B 73 24.47 8.62 -3.03
N VAL B 74 23.63 8.59 -2.00
CA VAL B 74 22.19 8.47 -2.18
C VAL B 74 21.56 9.85 -2.25
N GLY B 75 22.39 10.88 -2.35
CA GLY B 75 21.89 12.24 -2.51
C GLY B 75 21.16 12.80 -1.30
N THR B 76 21.64 12.50 -0.10
CA THR B 76 21.05 13.01 1.13
C THR B 76 22.01 14.00 1.77
N LEU B 77 21.55 15.24 1.93
CA LEU B 77 22.40 16.28 2.50
C LEU B 77 22.61 16.05 3.98
N LEU B 78 23.85 16.19 4.44
CA LEU B 78 24.16 16.13 5.86
C LEU B 78 24.33 17.55 6.40
N VAL B 79 23.61 17.87 7.47
CA VAL B 79 23.61 19.21 8.03
C VAL B 79 23.94 19.10 9.51
N TRP B 80 25.16 19.46 9.89
CA TRP B 80 25.52 19.58 11.29
C TRP B 80 24.94 20.86 11.86
N VAL B 81 24.23 20.74 12.98
CA VAL B 81 23.51 21.86 13.59
C VAL B 81 23.94 21.98 15.05
N GLY B 82 23.60 23.13 15.63
CA GLY B 82 23.91 23.40 17.03
C GLY B 82 22.68 23.66 17.87
N GLU B 83 22.71 24.73 18.67
CA GLU B 83 21.56 25.07 19.50
C GLU B 83 20.39 25.47 18.63
N ALA B 84 19.20 24.92 18.95
CA ALA B 84 17.98 25.17 18.18
C ALA B 84 18.15 24.80 16.72
N GLY B 85 19.06 23.87 16.44
CA GLY B 85 19.20 23.35 15.09
C GLY B 85 19.68 24.35 14.06
N VAL B 86 20.35 25.43 14.49
CA VAL B 86 20.90 26.39 13.54
C VAL B 86 22.04 25.72 12.78
N ARG B 87 22.04 25.88 11.46
CA ARG B 87 23.00 25.16 10.62
C ARG B 87 24.43 25.55 10.97
N VAL B 88 25.28 24.53 11.11
CA VAL B 88 26.70 24.72 11.35
C VAL B 88 27.51 24.31 10.13
N TYR B 89 27.22 23.13 9.57
CA TYR B 89 27.99 22.64 8.43
C TYR B 89 27.09 21.76 7.58
N ALA B 90 27.60 21.36 6.42
CA ALA B 90 26.85 20.49 5.53
C ALA B 90 27.83 19.74 4.65
N SER B 91 27.38 18.59 4.13
CA SER B 91 28.16 17.80 3.20
C SER B 91 27.21 17.13 2.22
N GLY B 92 27.61 17.14 0.95
CA GLY B 92 26.83 16.53 -0.11
C GLY B 92 27.70 16.01 -1.23
N GLN B 93 27.11 15.79 -2.40
CA GLN B 93 27.87 15.24 -3.51
C GLN B 93 28.93 16.24 -3.97
N PRO B 94 30.12 15.77 -4.34
CA PRO B 94 31.15 16.71 -4.79
C PRO B 94 30.86 17.32 -6.15
N GLY B 95 30.10 16.64 -6.99
CA GLY B 95 29.75 17.15 -8.31
C GLY B 95 28.29 17.00 -8.64
N GLY B 96 27.42 17.24 -7.66
CA GLY B 96 25.99 17.12 -7.84
C GLY B 96 25.31 18.31 -8.47
N ALA B 97 26.07 19.22 -9.09
CA ALA B 97 25.52 20.41 -9.72
C ALA B 97 25.43 20.21 -11.23
N ARG B 98 24.31 20.63 -11.82
CA ARG B 98 24.11 20.55 -13.26
C ARG B 98 24.72 21.78 -13.93
N SER B 99 25.49 21.54 -15.00
CA SER B 99 26.25 22.63 -15.60
C SER B 99 25.35 23.68 -16.25
N ASP B 100 24.25 23.24 -16.86
CA ASP B 100 23.38 24.18 -17.57
C ASP B 100 22.67 25.12 -16.60
N LYS B 101 22.08 24.56 -15.54
CA LYS B 101 21.37 25.39 -14.57
C LYS B 101 22.34 26.28 -13.80
N LEU B 102 23.53 25.76 -13.49
CA LEU B 102 24.53 26.56 -12.78
C LEU B 102 25.02 27.71 -13.65
N LEU B 103 25.25 27.45 -14.94
CA LEU B 103 25.66 28.52 -15.85
C LEU B 103 24.53 29.52 -16.08
N TYR B 104 23.27 29.07 -16.01
CA TYR B 104 22.16 30.00 -16.13
C TYR B 104 22.07 30.92 -14.92
N GLN B 105 22.16 30.33 -13.71
CA GLN B 105 22.17 31.14 -12.50
C GLN B 105 23.35 32.11 -12.49
N ALA B 106 24.52 31.64 -12.94
CA ALA B 106 25.68 32.52 -13.00
C ALA B 106 25.47 33.65 -14.01
N LYS B 107 24.91 33.33 -15.18
CA LYS B 107 24.64 34.38 -16.16
C LYS B 107 23.65 35.40 -15.62
N LEU B 108 22.67 34.96 -14.84
CA LEU B 108 21.76 35.90 -14.22
C LEU B 108 22.46 36.75 -13.17
N ALA B 109 23.42 36.16 -12.46
CA ALA B 109 24.09 36.90 -11.39
C ALA B 109 25.11 37.89 -11.93
N LEU B 110 25.68 37.63 -13.12
CA LEU B 110 26.74 38.51 -13.63
C LEU B 110 26.17 39.84 -14.12
N ASP B 111 25.16 39.79 -14.98
CA ASP B 111 24.59 41.02 -15.52
C ASP B 111 23.75 41.72 -14.46
N GLU B 112 23.94 43.04 -14.35
CA GLU B 112 23.19 43.81 -13.36
C GLU B 112 21.70 43.82 -13.66
N ASP B 113 21.34 43.87 -14.95
CA ASP B 113 19.94 43.95 -15.33
C ASP B 113 19.20 42.67 -14.98
N LEU B 114 19.76 41.51 -15.38
CA LEU B 114 19.14 40.24 -15.05
C LEU B 114 19.04 40.06 -13.53
N ARG B 115 20.09 40.47 -12.81
CA ARG B 115 20.07 40.39 -11.34
C ARG B 115 18.91 41.20 -10.78
N LEU B 116 18.73 42.43 -11.26
CA LEU B 116 17.62 43.26 -10.81
C LEU B 116 16.28 42.61 -11.15
N LYS B 117 16.18 41.97 -12.31
CA LYS B 117 14.96 41.26 -12.69
C LYS B 117 14.64 40.15 -11.69
N VAL B 118 15.64 39.34 -11.36
CA VAL B 118 15.43 38.24 -10.42
C VAL B 118 15.05 38.79 -9.05
N VAL B 119 15.68 39.89 -8.62
CA VAL B 119 15.34 40.49 -7.35
C VAL B 119 13.88 40.94 -7.33
N ARG B 120 13.45 41.62 -8.40
CA ARG B 120 12.06 42.06 -8.48
C ARG B 120 11.11 40.88 -8.48
N LYS B 121 11.50 39.76 -9.10
CA LYS B 121 10.66 38.57 -9.06
C LYS B 121 10.56 38.02 -7.65
N MET B 122 11.67 38.02 -6.91
CA MET B 122 11.63 37.56 -5.52
C MET B 122 10.72 38.45 -4.69
N PHE B 123 10.79 39.77 -4.88
CA PHE B 123 9.92 40.68 -4.14
C PHE B 123 8.46 40.45 -4.50
N GLU B 124 8.17 40.22 -5.79
CA GLU B 124 6.79 40.04 -6.23
C GLU B 124 6.23 38.72 -5.75
N LEU B 125 7.06 37.68 -5.63
CA LEU B 125 6.58 36.40 -5.13
C LEU B 125 6.53 36.35 -3.61
N ARG B 126 7.28 37.20 -2.92
CA ARG B 126 7.26 37.20 -1.46
C ARG B 126 6.05 37.95 -0.92
N PHE B 127 5.85 39.19 -1.38
CA PHE B 127 4.72 40.01 -0.95
C PHE B 127 3.65 40.04 -2.02
N GLY B 128 2.44 40.40 -1.62
CA GLY B 128 1.29 40.31 -2.49
C GLY B 128 1.20 41.42 -3.51
N GLU B 129 2.24 42.25 -3.64
CA GLU B 129 2.24 43.34 -4.58
C GLU B 129 3.62 43.50 -5.22
N PRO B 130 3.69 43.86 -6.50
CA PRO B 130 4.98 44.05 -7.16
C PRO B 130 5.74 45.23 -6.57
N ALA B 131 7.05 45.20 -6.77
CA ALA B 131 7.92 46.25 -6.26
C ALA B 131 7.83 47.51 -7.12
N PRO B 132 8.10 48.68 -6.55
CA PRO B 132 8.16 49.90 -7.35
C PRO B 132 9.28 49.83 -8.37
N ALA B 133 9.08 50.50 -9.50
CA ALA B 133 10.00 50.42 -10.61
C ALA B 133 11.16 51.39 -10.46
N ARG B 134 12.29 51.06 -11.11
CA ARG B 134 13.50 51.88 -11.11
C ARG B 134 14.12 52.00 -9.72
N ARG B 135 13.85 51.03 -8.85
CA ARG B 135 14.47 50.97 -7.54
C ARG B 135 15.66 50.03 -7.59
N SER B 136 16.78 50.47 -7.03
CA SER B 136 18.00 49.66 -7.03
C SER B 136 17.86 48.49 -6.06
N VAL B 137 18.94 47.70 -5.96
CA VAL B 137 18.90 46.52 -5.09
C VAL B 137 18.95 46.93 -3.62
N GLU B 138 19.70 47.97 -3.30
CA GLU B 138 19.80 48.40 -1.91
C GLU B 138 18.48 48.96 -1.40
N GLN B 139 17.81 49.77 -2.21
CA GLN B 139 16.53 50.34 -1.80
C GLN B 139 15.47 49.26 -1.60
N LEU B 140 15.40 48.31 -2.54
CA LEU B 140 14.48 47.19 -2.39
C LEU B 140 14.83 46.33 -1.17
N ARG B 141 16.13 46.24 -0.85
CA ARG B 141 16.52 45.49 0.34
C ARG B 141 16.09 46.22 1.61
N GLY B 142 16.13 47.55 1.60
CA GLY B 142 15.65 48.31 2.75
C GLY B 142 14.14 48.19 2.90
N ILE B 143 13.40 48.30 1.80
CA ILE B 143 11.95 48.09 1.85
C ILE B 143 11.64 46.69 2.37
N GLU B 144 12.38 45.69 1.89
CA GLU B 144 12.22 44.34 2.42
C GLU B 144 12.47 44.29 3.92
N GLY B 145 13.50 44.99 4.39
CA GLY B 145 13.78 45.01 5.82
C GLY B 145 12.64 45.61 6.63
N SER B 146 12.10 46.73 6.16
CA SER B 146 11.00 47.36 6.89
C SER B 146 9.75 46.48 6.87
N ARG B 147 9.42 45.89 5.72
CA ARG B 147 8.25 45.02 5.64
C ARG B 147 8.42 43.80 6.53
N VAL B 148 9.65 43.26 6.61
CA VAL B 148 9.89 42.08 7.44
C VAL B 148 9.80 42.43 8.91
N ARG B 149 10.35 43.58 9.31
CA ARG B 149 10.23 44.01 10.71
C ARG B 149 8.78 44.22 11.10
N ALA B 150 8.01 44.92 10.24
CA ALA B 150 6.60 45.13 10.52
C ALA B 150 5.82 43.82 10.55
N THR B 151 6.26 42.83 9.76
CA THR B 151 5.60 41.53 9.77
C THR B 151 5.89 40.78 11.07
N TYR B 152 7.14 40.84 11.54
CA TYR B 152 7.49 40.25 12.83
C TYR B 152 6.65 40.88 13.94
N ALA B 153 6.60 42.21 13.98
CA ALA B 153 5.80 42.89 15.00
C ALA B 153 4.32 42.51 14.87
N LEU B 154 3.83 42.38 13.64
CA LEU B 154 2.42 42.07 13.44
C LEU B 154 2.06 40.68 13.94
N LEU B 155 2.89 39.68 13.59
CA LEU B 155 2.65 38.33 14.10
C LEU B 155 2.79 38.28 15.62
N ALA B 156 3.74 39.04 16.16
CA ALA B 156 3.91 39.08 17.62
C ALA B 156 2.68 39.66 18.30
N LYS B 157 2.06 40.67 17.69
CA LYS B 157 0.83 41.22 18.25
C LYS B 157 -0.37 40.31 18.02
N GLN B 158 -0.32 39.50 16.96
CA GLN B 158 -1.43 38.57 16.70
C GLN B 158 -1.43 37.42 17.70
N TYR B 159 -0.26 36.83 17.96
CA TYR B 159 -0.16 35.72 18.89
C TYR B 159 0.13 36.16 20.32
N GLY B 160 0.33 37.46 20.55
CA GLY B 160 0.50 37.97 21.90
C GLY B 160 1.78 37.53 22.58
N VAL B 161 2.90 37.67 21.90
CA VAL B 161 4.22 37.31 22.44
C VAL B 161 5.00 38.59 22.68
N THR B 162 5.66 38.67 23.84
CA THR B 162 6.49 39.83 24.15
C THR B 162 7.63 39.93 23.14
N TRP B 163 7.57 40.95 22.28
CA TRP B 163 8.47 41.06 21.14
C TRP B 163 9.49 42.17 21.37
N ASN B 164 10.71 41.92 20.90
CA ASN B 164 11.79 42.91 20.97
C ASN B 164 12.48 43.15 19.64
N GLY B 165 12.33 42.27 18.66
CA GLY B 165 13.03 42.38 17.39
C GLY B 165 13.66 41.05 17.05
N ARG B 166 13.82 40.81 15.75
CA ARG B 166 14.40 39.55 15.29
C ARG B 166 15.90 39.53 15.55
N ARG B 167 16.37 38.46 16.19
CA ARG B 167 17.80 38.25 16.43
C ARG B 167 18.16 36.87 15.89
N TYR B 168 18.92 36.87 14.79
CA TYR B 168 19.12 35.64 14.02
C TYR B 168 19.95 34.61 14.78
N ASP B 169 21.18 34.97 15.14
CA ASP B 169 22.07 33.99 15.75
C ASP B 169 21.72 33.75 17.21
N PRO B 170 21.89 32.51 17.69
CA PRO B 170 21.71 32.25 19.13
C PRO B 170 22.81 32.86 19.99
N LYS B 171 23.84 33.43 19.38
CA LYS B 171 24.86 34.13 20.16
C LYS B 171 24.28 35.34 20.87
N ASP B 172 23.34 36.03 20.23
CA ASP B 172 22.74 37.23 20.76
C ASP B 172 21.51 36.95 21.63
N TRP B 173 21.21 35.67 21.88
CA TRP B 173 20.07 35.34 22.72
C TRP B 173 20.30 35.81 24.15
N GLU B 174 19.20 36.10 24.85
CA GLU B 174 19.26 36.50 26.24
C GLU B 174 18.85 35.32 27.12
N LYS B 175 18.39 35.62 28.33
CA LYS B 175 18.07 34.56 29.29
C LYS B 175 16.84 33.77 28.87
N GLY B 176 15.71 34.46 28.72
CA GLY B 176 14.45 33.79 28.45
C GLY B 176 13.85 34.08 27.09
N ASP B 177 14.68 34.42 26.11
CA ASP B 177 14.20 34.68 24.76
C ASP B 177 13.87 33.35 24.10
N THR B 178 12.59 32.99 24.12
CA THR B 178 12.13 31.74 23.52
C THR B 178 11.53 31.92 22.13
N ILE B 179 10.99 33.11 21.83
CA ILE B 179 10.37 33.33 20.54
C ILE B 179 11.40 33.28 19.42
N ASN B 180 12.53 33.97 19.61
CA ASN B 180 13.62 33.88 18.64
C ASN B 180 14.20 32.48 18.56
N GLN B 181 14.07 31.70 19.63
CA GLN B 181 14.50 30.30 19.57
C GLN B 181 13.58 29.48 18.67
N CYS B 182 12.26 29.66 18.81
CA CYS B 182 11.32 28.94 17.96
C CYS B 182 11.45 29.36 16.51
N ILE B 183 11.51 30.67 16.26
CA ILE B 183 11.69 31.15 14.88
C ILE B 183 12.99 30.64 14.30
N SER B 184 14.06 30.64 15.11
CA SER B 184 15.36 30.19 14.61
C SER B 184 15.33 28.70 14.27
N ALA B 185 14.67 27.88 15.10
CA ALA B 185 14.58 26.45 14.80
C ALA B 185 13.76 26.21 13.54
N ALA B 186 12.59 26.83 13.45
CA ALA B 186 11.72 26.63 12.30
C ALA B 186 12.40 27.06 11.01
N THR B 187 12.86 28.32 10.97
CA THR B 187 13.55 28.82 9.79
C THR B 187 14.85 28.05 9.52
N SER B 188 15.42 27.42 10.54
CA SER B 188 16.58 26.56 10.31
C SER B 188 16.18 25.30 9.56
N CYS B 189 15.04 24.69 9.93
CA CYS B 189 14.53 23.57 9.15
C CYS B 189 14.26 23.99 7.70
N LEU B 190 13.59 25.13 7.53
CA LEU B 190 13.29 25.62 6.19
C LEU B 190 14.56 25.84 5.38
N TYR B 191 15.60 26.42 6.01
CA TYR B 191 16.87 26.61 5.31
C TYR B 191 17.53 25.29 4.99
N GLY B 192 17.31 24.27 5.81
CA GLY B 192 17.85 22.95 5.55
C GLY B 192 17.24 22.33 4.31
N VAL B 193 15.92 22.22 4.27
CA VAL B 193 15.29 21.61 3.09
C VAL B 193 15.49 22.49 1.86
N THR B 194 15.54 23.81 2.03
CA THR B 194 15.78 24.69 0.89
C THR B 194 17.19 24.48 0.33
N GLU B 195 18.18 24.35 1.22
CA GLU B 195 19.54 24.07 0.75
C GLU B 195 19.60 22.72 0.06
N ALA B 196 18.93 21.71 0.61
CA ALA B 196 18.91 20.40 -0.02
C ALA B 196 18.26 20.46 -1.39
N ALA B 197 17.24 21.30 -1.55
CA ALA B 197 16.58 21.43 -2.84
C ALA B 197 17.45 22.16 -3.85
N ILE B 198 18.16 23.20 -3.40
CA ILE B 198 19.04 23.95 -4.30
C ILE B 198 20.18 23.06 -4.77
N LEU B 199 20.78 22.31 -3.85
CA LEU B 199 21.86 21.41 -4.23
C LEU B 199 21.35 20.30 -5.15
N ALA B 200 20.20 19.72 -4.82
CA ALA B 200 19.66 18.63 -5.64
C ALA B 200 19.32 19.11 -7.04
N ALA B 201 18.78 20.32 -7.16
CA ALA B 201 18.44 20.85 -8.47
C ALA B 201 19.67 21.15 -9.31
N GLY B 202 20.84 21.28 -8.69
CA GLY B 202 22.07 21.55 -9.40
C GLY B 202 22.58 22.97 -9.34
N TYR B 203 21.95 23.84 -8.55
CA TYR B 203 22.37 25.21 -8.44
C TYR B 203 23.42 25.37 -7.34
N ALA B 204 23.98 26.59 -7.25
CA ALA B 204 24.94 26.89 -6.20
C ALA B 204 24.25 27.64 -5.08
N PRO B 205 24.37 27.17 -3.83
CA PRO B 205 23.72 27.88 -2.73
C PRO B 205 24.39 29.20 -2.38
N ALA B 206 25.63 29.42 -2.80
CA ALA B 206 26.36 30.64 -2.46
C ALA B 206 26.12 31.78 -3.44
N ILE B 207 25.64 31.50 -4.64
CA ILE B 207 25.40 32.52 -5.66
C ILE B 207 24.00 33.08 -5.43
N GLY B 208 23.92 34.19 -4.70
CA GLY B 208 22.66 34.82 -4.37
C GLY B 208 22.43 36.11 -5.15
N PHE B 209 21.23 36.65 -4.98
CA PHE B 209 20.82 37.86 -5.67
C PHE B 209 20.40 38.96 -4.69
N VAL B 210 19.50 38.65 -3.76
CA VAL B 210 19.18 39.61 -2.70
C VAL B 210 20.22 39.56 -1.60
N HIS B 211 20.46 38.37 -1.05
CA HIS B 211 21.57 38.16 -0.14
C HIS B 211 22.84 37.92 -0.96
N THR B 212 23.96 38.47 -0.50
CA THR B 212 25.21 38.39 -1.24
C THR B 212 26.37 38.36 -0.26
N GLY B 213 27.38 37.54 -0.57
CA GLY B 213 28.56 37.40 0.26
C GLY B 213 28.47 36.30 1.28
N LYS B 214 27.26 36.00 1.77
CA LYS B 214 27.10 34.92 2.72
C LYS B 214 27.21 33.58 2.02
N PRO B 215 27.67 32.53 2.72
CA PRO B 215 27.85 31.23 2.07
C PRO B 215 26.56 30.55 1.66
N LEU B 216 25.40 31.03 2.09
CA LEU B 216 24.11 30.45 1.74
C LEU B 216 23.15 31.53 1.28
N SER B 217 23.62 32.40 0.39
CA SER B 217 22.82 33.54 -0.02
C SER B 217 21.56 33.11 -0.76
N PHE B 218 21.71 32.22 -1.74
CA PHE B 218 20.55 31.80 -2.53
C PHE B 218 19.54 31.05 -1.66
N VAL B 219 20.03 30.26 -0.69
CA VAL B 219 19.14 29.57 0.22
C VAL B 219 18.31 30.58 1.01
N TYR B 220 18.95 31.64 1.49
CA TYR B 220 18.22 32.66 2.24
C TYR B 220 17.24 33.40 1.35
N ASP B 221 17.56 33.55 0.07
CA ASP B 221 16.61 34.18 -0.86
C ASP B 221 15.37 33.30 -1.04
N ILE B 222 15.57 32.09 -1.58
CA ILE B 222 14.45 31.22 -1.91
C ILE B 222 13.62 30.90 -0.66
N ALA B 223 14.28 30.66 0.47
CA ALA B 223 13.54 30.36 1.69
C ALA B 223 12.86 31.60 2.25
N ASP B 224 13.52 32.76 2.16
CA ASP B 224 12.89 34.01 2.59
C ASP B 224 11.67 34.35 1.76
N ILE B 225 11.56 33.81 0.55
CA ILE B 225 10.37 34.07 -0.27
C ILE B 225 9.12 33.47 0.37
N ILE B 226 9.22 32.26 0.91
CA ILE B 226 8.06 31.53 1.42
C ILE B 226 8.15 31.30 2.93
N LYS B 227 8.99 32.07 3.62
CA LYS B 227 9.18 31.85 5.05
C LYS B 227 7.94 32.19 5.85
N PHE B 228 7.46 33.43 5.72
CA PHE B 228 6.38 33.96 6.55
C PHE B 228 5.01 33.43 6.17
N ASP B 229 4.87 32.78 5.03
CA ASP B 229 3.56 32.25 4.63
C ASP B 229 3.04 31.25 5.64
N THR B 230 3.92 30.37 6.14
CA THR B 230 3.50 29.33 7.08
C THR B 230 4.48 29.07 8.22
N VAL B 231 5.78 29.35 8.06
CA VAL B 231 6.75 28.83 9.01
C VAL B 231 6.83 29.68 10.26
N VAL B 232 6.93 31.00 10.10
CA VAL B 232 7.13 31.93 11.22
C VAL B 232 5.92 31.98 12.14
N PRO B 233 4.68 32.16 11.64
CA PRO B 233 3.55 32.27 12.59
C PRO B 233 3.34 31.04 13.43
N LYS B 234 3.66 29.85 12.92
CA LYS B 234 3.58 28.65 13.75
C LYS B 234 4.62 28.70 14.87
N ALA B 235 5.81 29.22 14.58
CA ALA B 235 6.80 29.43 15.63
C ALA B 235 6.31 30.43 16.66
N PHE B 236 5.57 31.45 16.22
CA PHE B 236 4.94 32.36 17.17
C PHE B 236 3.89 31.66 18.02
N GLU B 237 3.17 30.70 17.44
CA GLU B 237 2.17 29.96 18.21
C GLU B 237 2.84 29.09 19.27
N ILE B 238 3.83 28.29 18.87
CA ILE B 238 4.54 27.44 19.82
C ILE B 238 5.20 28.29 20.90
N ALA B 239 5.73 29.46 20.51
CA ALA B 239 6.29 30.38 21.49
C ALA B 239 5.23 30.91 22.44
N ARG B 240 4.00 31.09 21.95
CA ARG B 240 2.91 31.51 22.82
C ARG B 240 2.58 30.41 23.83
N ARG B 241 2.59 29.15 23.40
CA ARG B 241 2.34 28.06 24.33
C ARG B 241 3.45 27.93 25.37
N ASN B 242 4.69 28.26 24.98
CA ASN B 242 5.87 28.17 25.83
C ASN B 242 5.99 26.77 26.44
N PRO B 243 6.30 25.75 25.64
CA PRO B 243 6.34 24.38 26.17
C PRO B 243 7.67 24.07 26.85
N GLY B 244 7.85 22.82 27.25
CA GLY B 244 9.08 22.37 27.86
C GLY B 244 10.13 21.96 26.85
N GLU B 245 9.70 21.30 25.78
CA GLU B 245 10.61 20.90 24.70
C GLU B 245 10.26 21.68 23.43
N PRO B 246 10.75 22.92 23.29
CA PRO B 246 10.38 23.71 22.10
C PRO B 246 10.97 23.16 20.81
N ASP B 247 12.16 22.56 20.87
CA ASP B 247 12.79 22.04 19.65
C ASP B 247 11.94 20.94 19.01
N ARG B 248 11.53 19.96 19.80
CA ARG B 248 10.76 18.84 19.25
C ARG B 248 9.41 19.33 18.72
N GLU B 249 8.76 20.24 19.44
CA GLU B 249 7.49 20.77 18.99
C GLU B 249 7.63 21.53 17.67
N VAL B 250 8.68 22.34 17.56
CA VAL B 250 8.91 23.10 16.33
C VAL B 250 9.22 22.17 15.17
N ARG B 251 9.97 21.09 15.44
CA ARG B 251 10.26 20.12 14.38
C ARG B 251 9.01 19.38 13.94
N LEU B 252 8.13 19.04 14.90
CA LEU B 252 6.85 18.43 14.55
C LEU B 252 6.03 19.36 13.66
N ALA B 253 5.84 20.61 14.10
CA ALA B 253 5.01 21.55 13.35
C ALA B 253 5.60 21.83 11.98
N CYS B 254 6.93 21.94 11.88
CA CYS B 254 7.56 22.16 10.60
C CYS B 254 7.41 20.96 9.69
N ARG B 255 7.47 19.75 10.26
CA ARG B 255 7.23 18.55 9.47
C ARG B 255 5.82 18.55 8.90
N ASP B 256 4.82 18.86 9.73
CA ASP B 256 3.44 18.88 9.25
C ASP B 256 3.20 20.00 8.25
N ILE B 257 3.92 21.11 8.37
CA ILE B 257 3.77 22.19 7.39
C ILE B 257 4.40 21.79 6.06
N PHE B 258 5.58 21.16 6.11
CA PHE B 258 6.23 20.72 4.89
C PHE B 258 5.43 19.61 4.20
N ARG B 259 4.69 18.81 4.98
CA ARG B 259 3.83 17.81 4.38
C ARG B 259 2.56 18.42 3.80
N SER B 260 1.94 19.35 4.55
CA SER B 260 0.69 19.96 4.10
C SER B 260 0.91 20.84 2.87
N SER B 261 1.79 21.83 3.00
CA SER B 261 2.08 22.72 1.88
C SER B 261 2.89 22.05 0.78
N LYS B 262 3.38 20.83 1.01
CA LYS B 262 4.21 20.10 0.05
C LYS B 262 5.36 20.97 -0.44
N THR B 263 6.07 21.57 0.51
CA THR B 263 7.13 22.50 0.18
C THR B 263 8.27 21.80 -0.56
N LEU B 264 8.61 20.58 -0.13
CA LEU B 264 9.74 19.87 -0.72
C LEU B 264 9.56 19.65 -2.20
N ALA B 265 8.32 19.52 -2.67
CA ALA B 265 8.07 19.37 -4.09
C ALA B 265 7.99 20.70 -4.81
N LYS B 266 7.56 21.76 -4.12
CA LYS B 266 7.39 23.07 -4.73
C LYS B 266 8.66 23.91 -4.74
N LEU B 267 9.72 23.47 -4.06
CA LEU B 267 10.91 24.31 -3.92
C LEU B 267 11.58 24.55 -5.27
N ILE B 268 11.75 23.50 -6.06
CA ILE B 268 12.46 23.61 -7.34
C ILE B 268 11.64 24.43 -8.34
N PRO B 269 10.32 24.22 -8.49
CA PRO B 269 9.56 25.12 -9.37
C PRO B 269 9.61 26.58 -8.94
N LEU B 270 9.71 26.84 -7.64
CA LEU B 270 9.90 28.22 -7.18
C LEU B 270 11.25 28.76 -7.62
N ILE B 271 12.29 27.92 -7.57
CA ILE B 271 13.62 28.35 -8.02
C ILE B 271 13.58 28.68 -9.51
N GLU B 272 13.00 27.79 -10.31
CA GLU B 272 12.99 28.01 -11.75
C GLU B 272 12.07 29.17 -12.14
N ASP B 273 11.00 29.40 -11.39
CA ASP B 273 10.14 30.54 -11.68
C ASP B 273 10.77 31.85 -11.23
N VAL B 274 11.59 31.81 -10.19
CA VAL B 274 12.31 33.02 -9.77
C VAL B 274 13.40 33.37 -10.77
N LEU B 275 14.22 32.39 -11.14
CA LEU B 275 15.27 32.64 -12.12
C LEU B 275 14.71 32.88 -13.51
N ALA B 276 13.47 32.45 -13.78
CA ALA B 276 12.90 32.64 -15.11
C ALA B 276 12.70 34.10 -15.44
N ALA B 277 12.52 34.95 -14.43
CA ALA B 277 12.31 36.37 -14.68
C ALA B 277 13.53 37.05 -15.29
N GLY B 278 14.70 36.43 -15.18
CA GLY B 278 15.87 36.94 -15.86
C GLY B 278 15.77 36.87 -17.38
N GLU B 279 14.89 36.02 -17.89
CA GLU B 279 14.62 35.91 -19.32
C GLU B 279 15.88 35.54 -20.11
N VAL C 18 -43.66 -33.29 2.20
CA VAL C 18 -42.31 -32.73 2.28
C VAL C 18 -41.42 -33.65 3.11
N SER C 19 -40.68 -34.53 2.42
CA SER C 19 -39.80 -35.49 3.06
C SER C 19 -38.36 -34.96 3.08
N MET C 20 -37.58 -35.48 4.03
CA MET C 20 -36.21 -35.03 4.21
C MET C 20 -35.42 -36.12 4.90
N ILE C 21 -34.09 -35.99 4.87
CA ILE C 21 -33.20 -36.95 5.51
C ILE C 21 -31.97 -36.22 6.03
N PHE C 22 -31.42 -36.70 7.14
CA PHE C 22 -30.23 -36.13 7.76
C PHE C 22 -29.03 -37.02 7.46
N LEU C 23 -28.03 -36.46 6.80
CA LEU C 23 -26.78 -37.15 6.53
C LEU C 23 -25.70 -36.65 7.47
N GLN C 24 -24.80 -37.55 7.87
CA GLN C 24 -23.82 -37.23 8.89
C GLN C 24 -22.60 -38.12 8.76
N TYR C 25 -21.41 -37.52 8.90
CA TYR C 25 -20.14 -38.24 8.98
C TYR C 25 -19.92 -39.12 7.76
N GLY C 26 -19.82 -38.47 6.60
CA GLY C 26 -19.56 -39.20 5.37
C GLY C 26 -19.43 -38.26 4.20
N GLN C 27 -19.20 -38.86 3.04
CA GLN C 27 -19.07 -38.12 1.79
C GLN C 27 -20.21 -38.49 0.86
N ILE C 28 -20.87 -37.47 0.32
CA ILE C 28 -22.07 -37.64 -0.51
C ILE C 28 -21.64 -37.60 -1.97
N ASP C 29 -21.70 -38.75 -2.63
CA ASP C 29 -21.41 -38.85 -4.06
C ASP C 29 -22.68 -39.27 -4.80
N VAL C 30 -22.53 -39.51 -6.10
CA VAL C 30 -23.61 -39.99 -6.95
C VAL C 30 -23.16 -41.31 -7.57
N ILE C 31 -23.95 -42.35 -7.37
CA ILE C 31 -23.71 -43.65 -7.98
C ILE C 31 -24.98 -44.07 -8.72
N ASP C 32 -24.83 -44.42 -9.99
CA ASP C 32 -25.95 -44.85 -10.84
C ASP C 32 -27.10 -43.85 -10.77
N GLY C 33 -26.77 -42.57 -10.69
CA GLY C 33 -27.78 -41.54 -10.65
C GLY C 33 -28.54 -41.43 -9.34
N ALA C 34 -27.91 -41.80 -8.23
CA ALA C 34 -28.55 -41.72 -6.93
C ALA C 34 -27.57 -41.17 -5.91
N PHE C 35 -28.10 -40.45 -4.93
CA PHE C 35 -27.29 -39.97 -3.82
C PHE C 35 -26.79 -41.14 -3.00
N VAL C 36 -25.50 -41.16 -2.70
CA VAL C 36 -24.91 -42.17 -1.83
C VAL C 36 -24.09 -41.47 -0.75
N LEU C 37 -24.21 -41.95 0.47
CA LEU C 37 -23.50 -41.40 1.62
C LEU C 37 -22.49 -42.46 2.07
N ILE C 38 -21.23 -42.25 1.74
CA ILE C 38 -20.16 -43.18 2.13
C ILE C 38 -19.70 -42.83 3.54
N ASP C 39 -19.73 -43.83 4.42
CA ASP C 39 -19.41 -43.65 5.82
C ASP C 39 -17.92 -43.88 6.07
N LYS C 40 -17.46 -43.50 7.26
CA LYS C 40 -16.09 -43.78 7.67
C LYS C 40 -15.79 -45.27 7.66
N THR C 41 -16.80 -46.10 7.94
CA THR C 41 -16.64 -47.54 7.96
C THR C 41 -16.85 -48.19 6.60
N GLY C 42 -17.42 -47.47 5.64
CA GLY C 42 -17.72 -48.02 4.34
C GLY C 42 -19.17 -48.39 4.11
N ILE C 43 -20.09 -47.89 4.92
CA ILE C 43 -21.52 -48.22 4.80
C ILE C 43 -22.13 -47.23 3.82
N ARG C 44 -22.35 -47.69 2.59
CA ARG C 44 -22.99 -46.85 1.59
C ARG C 44 -24.49 -46.77 1.83
N THR C 45 -25.05 -45.57 1.66
CA THR C 45 -26.47 -45.33 1.84
C THR C 45 -27.02 -44.74 0.55
N HIS C 46 -27.40 -45.61 -0.38
CA HIS C 46 -27.94 -45.15 -1.66
C HIS C 46 -29.30 -44.50 -1.45
N ILE C 47 -29.45 -43.28 -1.96
CA ILE C 47 -30.70 -42.53 -1.80
C ILE C 47 -31.25 -42.17 -3.18
N PRO C 48 -32.43 -42.68 -3.55
CA PRO C 48 -33.02 -42.29 -4.84
C PRO C 48 -33.40 -40.82 -4.85
N VAL C 49 -33.41 -40.24 -6.06
CA VAL C 49 -33.66 -38.81 -6.18
C VAL C 49 -35.10 -38.46 -5.82
N GLY C 50 -36.03 -39.38 -6.05
CA GLY C 50 -37.43 -39.13 -5.77
C GLY C 50 -37.88 -39.49 -4.38
N SER C 51 -36.98 -39.95 -3.52
CA SER C 51 -37.35 -40.40 -2.18
C SER C 51 -37.20 -39.30 -1.13
N VAL C 52 -36.43 -38.26 -1.40
CA VAL C 52 -36.23 -37.16 -0.46
C VAL C 52 -36.37 -35.84 -1.20
N ALA C 53 -37.00 -34.88 -0.54
CA ALA C 53 -37.10 -33.52 -1.07
C ALA C 53 -36.19 -32.54 -0.38
N CYS C 54 -35.50 -32.97 0.68
CA CYS C 54 -34.63 -32.07 1.43
C CYS C 54 -33.56 -32.90 2.13
N ILE C 55 -32.30 -32.48 2.02
CA ILE C 55 -31.17 -33.17 2.60
C ILE C 55 -30.52 -32.23 3.60
N MET C 56 -30.59 -32.58 4.88
CA MET C 56 -29.90 -31.85 5.94
C MET C 56 -28.50 -32.41 6.09
N LEU C 57 -27.49 -31.56 5.93
CA LEU C 57 -26.09 -31.98 6.01
C LEU C 57 -25.55 -31.57 7.38
N GLU C 58 -25.39 -32.57 8.25
CA GLU C 58 -24.84 -32.35 9.58
C GLU C 58 -23.33 -32.19 9.50
N PRO C 59 -22.68 -31.76 10.58
CA PRO C 59 -21.21 -31.66 10.58
C PRO C 59 -20.55 -32.99 10.24
N GLY C 60 -19.42 -32.91 9.55
CA GLY C 60 -18.66 -34.08 9.15
C GLY C 60 -18.98 -34.63 7.78
N THR C 61 -19.77 -33.92 6.98
CA THR C 61 -20.14 -34.36 5.64
C THR C 61 -19.35 -33.58 4.59
N ARG C 62 -18.93 -34.29 3.54
CA ARG C 62 -18.25 -33.67 2.41
C ARG C 62 -19.10 -33.89 1.17
N VAL C 63 -19.39 -32.80 0.46
CA VAL C 63 -20.30 -32.82 -0.68
C VAL C 63 -19.48 -32.80 -1.97
N SER C 64 -19.79 -33.72 -2.88
CA SER C 64 -19.14 -33.76 -4.17
C SER C 64 -19.93 -32.96 -5.20
N HIS C 65 -19.24 -32.56 -6.27
CA HIS C 65 -19.87 -31.70 -7.27
C HIS C 65 -21.01 -32.42 -7.97
N ALA C 66 -20.84 -33.72 -8.25
CA ALA C 66 -21.88 -34.49 -8.91
C ALA C 66 -23.16 -34.52 -8.08
N ALA C 67 -23.02 -34.61 -6.76
CA ALA C 67 -24.20 -34.62 -5.90
C ALA C 67 -24.95 -33.30 -5.95
N VAL C 68 -24.22 -32.18 -5.97
CA VAL C 68 -24.88 -30.89 -6.04
C VAL C 68 -25.54 -30.70 -7.41
N ARG C 69 -24.90 -31.22 -8.46
CA ARG C 69 -25.52 -31.14 -9.79
C ARG C 69 -26.81 -31.95 -9.84
N LEU C 70 -26.80 -33.15 -9.25
CA LEU C 70 -28.00 -33.98 -9.22
C LEU C 70 -29.11 -33.31 -8.43
N ALA C 71 -28.80 -32.91 -7.19
CA ALA C 71 -29.80 -32.22 -6.36
C ALA C 71 -30.32 -30.97 -7.06
N ALA C 72 -29.49 -30.30 -7.85
CA ALA C 72 -29.94 -29.13 -8.59
C ALA C 72 -30.91 -29.52 -9.70
N GLN C 73 -30.58 -30.57 -10.46
CA GLN C 73 -31.40 -30.92 -11.61
C GLN C 73 -32.73 -31.54 -11.19
N VAL C 74 -32.79 -32.16 -10.01
CA VAL C 74 -34.05 -32.69 -9.51
C VAL C 74 -34.73 -31.74 -8.51
N GLY C 75 -34.10 -30.61 -8.20
CA GLY C 75 -34.69 -29.65 -7.29
C GLY C 75 -34.66 -30.03 -5.83
N THR C 76 -33.62 -30.74 -5.40
CA THR C 76 -33.48 -31.13 -4.00
C THR C 76 -32.83 -29.99 -3.21
N LEU C 77 -33.44 -29.63 -2.09
CA LEU C 77 -32.90 -28.58 -1.23
C LEU C 77 -31.81 -29.14 -0.33
N LEU C 78 -30.66 -28.47 -0.31
CA LEU C 78 -29.54 -28.84 0.55
C LEU C 78 -29.38 -27.76 1.61
N VAL C 79 -29.39 -28.17 2.88
CA VAL C 79 -29.27 -27.25 4.01
C VAL C 79 -28.16 -27.75 4.91
N TRP C 80 -27.03 -27.06 4.92
CA TRP C 80 -25.95 -27.35 5.86
C TRP C 80 -26.36 -26.88 7.24
N VAL C 81 -26.58 -27.83 8.15
CA VAL C 81 -27.06 -27.54 9.50
C VAL C 81 -26.12 -28.19 10.51
N GLY C 82 -26.38 -27.90 11.77
CA GLY C 82 -25.74 -28.59 12.88
C GLY C 82 -26.40 -29.94 13.12
N GLU C 83 -25.96 -30.58 14.19
CA GLU C 83 -26.49 -31.90 14.53
C GLU C 83 -27.96 -31.79 14.88
N ALA C 84 -28.80 -32.56 14.18
CA ALA C 84 -30.25 -32.58 14.38
C ALA C 84 -30.87 -31.20 14.11
N GLY C 85 -30.25 -30.43 13.22
CA GLY C 85 -30.77 -29.12 12.90
C GLY C 85 -30.69 -28.12 14.03
N VAL C 86 -29.70 -28.28 14.92
CA VAL C 86 -29.57 -27.37 16.04
C VAL C 86 -29.22 -25.96 15.58
N ARG C 87 -28.46 -25.84 14.50
CA ARG C 87 -28.11 -24.56 13.90
C ARG C 87 -28.17 -24.72 12.38
N VAL C 88 -28.63 -23.68 11.70
CA VAL C 88 -28.72 -23.68 10.24
C VAL C 88 -27.59 -22.80 9.72
N TYR C 89 -26.54 -23.44 9.21
CA TYR C 89 -25.36 -22.71 8.76
C TYR C 89 -25.56 -22.13 7.36
N ALA C 90 -25.97 -22.98 6.41
CA ALA C 90 -26.19 -22.53 5.05
C ALA C 90 -27.35 -23.32 4.45
N SER C 91 -27.80 -22.88 3.27
CA SER C 91 -28.87 -23.58 2.58
C SER C 91 -28.77 -23.29 1.09
N GLY C 92 -28.97 -24.34 0.29
CA GLY C 92 -29.08 -24.16 -1.15
C GLY C 92 -30.32 -23.37 -1.51
N GLN C 93 -30.37 -22.98 -2.78
CA GLN C 93 -31.43 -22.09 -3.29
C GLN C 93 -31.59 -20.90 -2.36
N PRO C 94 -30.54 -20.10 -2.16
CA PRO C 94 -30.59 -19.07 -1.12
C PRO C 94 -31.48 -17.92 -1.51
N GLY C 95 -32.04 -17.26 -0.49
CA GLY C 95 -32.99 -16.19 -0.69
C GLY C 95 -34.40 -16.64 -0.99
N GLY C 96 -34.66 -17.94 -1.04
CA GLY C 96 -35.98 -18.44 -1.39
C GLY C 96 -36.04 -18.99 -2.80
N ALA C 97 -36.53 -20.22 -2.93
CA ALA C 97 -36.62 -20.88 -4.24
C ALA C 97 -37.95 -20.58 -4.92
N ARG C 98 -39.06 -21.02 -4.32
CA ARG C 98 -40.37 -20.78 -4.89
C ARG C 98 -40.80 -19.35 -4.60
N SER C 99 -41.05 -18.56 -5.65
CA SER C 99 -41.48 -17.19 -5.47
C SER C 99 -42.94 -17.09 -5.04
N ASP C 100 -43.76 -18.07 -5.44
CA ASP C 100 -45.18 -18.04 -5.08
C ASP C 100 -45.39 -18.20 -3.58
N LYS C 101 -44.54 -18.99 -2.92
CA LYS C 101 -44.65 -19.14 -1.47
C LYS C 101 -44.17 -17.88 -0.75
N LEU C 102 -43.13 -17.24 -1.28
CA LEU C 102 -42.63 -16.01 -0.68
C LEU C 102 -43.64 -14.88 -0.82
N LEU C 103 -44.27 -14.77 -1.99
CA LEU C 103 -45.30 -13.77 -2.19
C LEU C 103 -46.60 -14.13 -1.46
N TYR C 104 -46.81 -15.42 -1.19
CA TYR C 104 -47.95 -15.84 -0.39
C TYR C 104 -47.77 -15.41 1.06
N GLN C 105 -46.62 -15.76 1.65
CA GLN C 105 -46.30 -15.32 3.01
C GLN C 105 -46.29 -13.81 3.11
N ALA C 106 -45.69 -13.13 2.12
CA ALA C 106 -45.61 -11.68 2.15
C ALA C 106 -46.99 -11.05 2.03
N LYS C 107 -47.85 -11.59 1.16
CA LYS C 107 -49.21 -11.09 1.06
C LYS C 107 -49.96 -11.29 2.37
N LEU C 108 -49.75 -12.44 3.03
CA LEU C 108 -50.34 -12.65 4.34
C LEU C 108 -49.85 -11.63 5.36
N ALA C 109 -48.59 -11.19 5.23
CA ALA C 109 -48.02 -10.31 6.24
C ALA C 109 -48.31 -8.83 5.99
N LEU C 110 -48.59 -8.45 4.75
CA LEU C 110 -48.79 -7.03 4.46
C LEU C 110 -50.19 -6.57 4.83
N ASP C 111 -51.22 -7.32 4.42
CA ASP C 111 -52.59 -6.95 4.73
C ASP C 111 -52.85 -7.12 6.23
N GLU C 112 -53.35 -6.05 6.87
CA GLU C 112 -53.52 -6.06 8.31
C GLU C 112 -54.54 -7.10 8.77
N ASP C 113 -55.59 -7.32 7.99
CA ASP C 113 -56.58 -8.33 8.36
C ASP C 113 -55.98 -9.72 8.34
N LEU C 114 -55.31 -10.07 7.24
CA LEU C 114 -54.67 -11.39 7.15
C LEU C 114 -53.59 -11.54 8.21
N ARG C 115 -52.81 -10.49 8.43
CA ARG C 115 -51.78 -10.52 9.48
C ARG C 115 -52.41 -10.82 10.84
N LEU C 116 -53.49 -10.12 11.18
CA LEU C 116 -54.12 -10.34 12.46
C LEU C 116 -54.70 -11.75 12.56
N LYS C 117 -55.21 -12.27 11.44
CA LYS C 117 -55.70 -13.65 11.43
C LYS C 117 -54.58 -14.64 11.73
N VAL C 118 -53.45 -14.49 11.04
CA VAL C 118 -52.32 -15.39 11.26
C VAL C 118 -51.82 -15.29 12.69
N VAL C 119 -51.73 -14.06 13.21
CA VAL C 119 -51.32 -13.86 14.61
C VAL C 119 -52.27 -14.59 15.55
N ARG C 120 -53.57 -14.45 15.33
CA ARG C 120 -54.55 -15.09 16.20
C ARG C 120 -54.42 -16.61 16.14
N LYS C 121 -54.15 -17.16 14.95
CA LYS C 121 -53.94 -18.60 14.86
C LYS C 121 -52.69 -19.02 15.63
N MET C 122 -51.62 -18.22 15.53
CA MET C 122 -50.43 -18.49 16.32
C MET C 122 -50.75 -18.53 17.82
N PHE C 123 -51.56 -17.56 18.28
CA PHE C 123 -51.96 -17.53 19.68
C PHE C 123 -52.73 -18.79 20.05
N GLU C 124 -53.73 -19.15 19.25
CA GLU C 124 -54.56 -20.31 19.55
C GLU C 124 -53.76 -21.60 19.52
N LEU C 125 -52.67 -21.64 18.76
CA LEU C 125 -51.84 -22.84 18.74
C LEU C 125 -50.87 -22.88 19.90
N ARG C 126 -50.34 -21.72 20.30
CA ARG C 126 -49.40 -21.67 21.42
C ARG C 126 -50.11 -22.01 22.73
N PHE C 127 -51.11 -21.23 23.10
CA PHE C 127 -51.96 -21.52 24.24
C PHE C 127 -53.24 -22.17 23.75
N GLY C 128 -53.69 -23.22 24.45
CA GLY C 128 -54.88 -23.93 24.02
C GLY C 128 -56.10 -23.05 23.88
N GLU C 129 -56.19 -21.99 24.67
CA GLU C 129 -57.33 -21.09 24.62
C GLU C 129 -57.19 -20.11 23.46
N PRO C 130 -58.26 -19.87 22.71
CA PRO C 130 -58.22 -18.80 21.70
C PRO C 130 -58.16 -17.43 22.35
N ALA C 131 -57.49 -16.51 21.65
CA ALA C 131 -57.31 -15.16 22.17
C ALA C 131 -58.62 -14.38 22.13
N PRO C 132 -58.75 -13.34 22.95
CA PRO C 132 -59.91 -12.45 22.84
C PRO C 132 -59.97 -11.80 21.47
N ALA C 133 -61.18 -11.70 20.92
CA ALA C 133 -61.36 -11.18 19.57
C ALA C 133 -61.23 -9.66 19.49
N ARG C 134 -61.45 -8.97 20.60
CA ARG C 134 -61.44 -7.51 20.58
C ARG C 134 -60.05 -6.95 20.28
N ARG C 135 -59.00 -7.69 20.62
CA ARG C 135 -57.68 -7.12 20.72
C ARG C 135 -56.96 -7.07 19.38
N SER C 136 -55.99 -6.16 19.29
CA SER C 136 -55.14 -5.97 18.13
C SER C 136 -53.83 -6.72 18.33
N VAL C 137 -52.89 -6.55 17.40
CA VAL C 137 -51.64 -7.30 17.45
C VAL C 137 -50.81 -6.87 18.66
N GLU C 138 -50.79 -5.56 18.96
CA GLU C 138 -50.00 -5.09 20.09
C GLU C 138 -50.56 -5.60 21.41
N GLN C 139 -51.88 -5.64 21.54
CA GLN C 139 -52.49 -6.13 22.77
C GLN C 139 -52.22 -7.61 22.97
N LEU C 140 -52.29 -8.39 21.88
CA LEU C 140 -51.89 -9.80 21.95
C LEU C 140 -50.42 -9.94 22.29
N ARG C 141 -49.59 -9.00 21.85
CA ARG C 141 -48.18 -9.01 22.24
C ARG C 141 -48.03 -8.80 23.73
N GLY C 142 -48.80 -7.87 24.31
CA GLY C 142 -48.75 -7.66 25.75
C GLY C 142 -49.22 -8.89 26.52
N ILE C 143 -50.33 -9.49 26.08
CA ILE C 143 -50.79 -10.73 26.70
C ILE C 143 -49.69 -11.78 26.67
N GLU C 144 -49.07 -11.95 25.50
CA GLU C 144 -47.95 -12.89 25.40
C GLU C 144 -46.88 -12.59 26.43
N GLY C 145 -46.51 -11.31 26.58
CA GLY C 145 -45.50 -10.94 27.56
C GLY C 145 -45.89 -11.33 28.98
N SER C 146 -47.15 -11.07 29.35
CA SER C 146 -47.60 -11.42 30.69
C SER C 146 -47.54 -12.93 30.92
N ARG C 147 -48.10 -13.71 29.98
CA ARG C 147 -48.12 -15.16 30.13
C ARG C 147 -46.70 -15.72 30.19
N VAL C 148 -45.77 -15.13 29.43
CA VAL C 148 -44.39 -15.60 29.45
C VAL C 148 -43.74 -15.26 30.80
N ARG C 149 -44.06 -14.10 31.35
CA ARG C 149 -43.58 -13.74 32.68
C ARG C 149 -44.03 -14.77 33.72
N ALA C 150 -45.33 -15.02 33.77
CA ALA C 150 -45.86 -16.00 34.71
C ALA C 150 -45.27 -17.39 34.48
N THR C 151 -45.00 -17.74 33.22
CA THR C 151 -44.41 -19.04 32.92
C THR C 151 -42.98 -19.12 33.43
N TYR C 152 -42.21 -18.03 33.28
CA TYR C 152 -40.86 -17.99 33.83
C TYR C 152 -40.88 -18.20 35.34
N ALA C 153 -41.75 -17.48 36.04
CA ALA C 153 -41.84 -17.66 37.49
C ALA C 153 -42.24 -19.09 37.85
N LEU C 154 -43.27 -19.61 37.17
CA LEU C 154 -43.80 -20.92 37.52
C LEU C 154 -42.78 -22.02 37.29
N LEU C 155 -42.05 -21.97 36.17
CA LEU C 155 -40.97 -22.92 35.95
C LEU C 155 -39.88 -22.76 36.99
N ALA C 156 -39.57 -21.50 37.33
CA ALA C 156 -38.55 -21.25 38.36
C ALA C 156 -38.90 -21.93 39.67
N LYS C 157 -40.19 -21.94 40.05
CA LYS C 157 -40.57 -22.63 41.27
C LYS C 157 -40.62 -24.14 41.07
N GLN C 158 -41.06 -24.59 39.89
CA GLN C 158 -41.20 -26.02 39.65
C GLN C 158 -39.86 -26.74 39.70
N TYR C 159 -38.81 -26.12 39.14
CA TYR C 159 -37.51 -26.76 39.16
C TYR C 159 -36.62 -26.27 40.30
N GLY C 160 -37.07 -25.30 41.08
CA GLY C 160 -36.33 -24.83 42.22
C GLY C 160 -35.01 -24.19 41.87
N VAL C 161 -35.05 -23.18 41.02
CA VAL C 161 -33.87 -22.41 40.63
C VAL C 161 -34.10 -20.96 41.00
N THR C 162 -33.04 -20.30 41.47
CA THR C 162 -33.15 -18.90 41.87
C THR C 162 -33.32 -18.04 40.63
N TRP C 163 -34.43 -17.30 40.57
CA TRP C 163 -34.81 -16.53 39.40
C TRP C 163 -34.87 -15.05 39.75
N ASN C 164 -34.05 -14.26 39.08
CA ASN C 164 -34.07 -12.80 39.22
C ASN C 164 -34.59 -12.10 37.97
N GLY C 165 -34.93 -12.84 36.93
CA GLY C 165 -35.45 -12.28 35.71
C GLY C 165 -34.72 -12.82 34.50
N ARG C 166 -35.11 -12.28 33.33
CA ARG C 166 -34.52 -12.68 32.07
C ARG C 166 -33.26 -11.90 31.72
N ARG C 167 -33.04 -10.76 32.37
CA ARG C 167 -31.97 -9.84 31.98
C ARG C 167 -30.62 -10.53 31.90
N TYR C 168 -29.91 -10.28 30.80
CA TYR C 168 -28.57 -10.79 30.59
C TYR C 168 -27.70 -9.68 30.04
N ASP C 169 -26.40 -9.96 29.89
CA ASP C 169 -25.48 -9.01 29.31
C ASP C 169 -25.22 -9.39 27.86
N PRO C 170 -25.69 -8.61 26.88
CA PRO C 170 -25.51 -9.01 25.48
C PRO C 170 -24.06 -8.94 24.99
N LYS C 171 -23.21 -8.17 25.67
CA LYS C 171 -21.82 -8.04 25.23
C LYS C 171 -21.01 -9.27 25.58
N ASP C 172 -21.05 -9.68 26.85
CA ASP C 172 -20.29 -10.83 27.34
C ASP C 172 -21.24 -11.94 27.74
N TRP C 173 -21.00 -13.14 27.21
CA TRP C 173 -21.85 -14.28 27.52
C TRP C 173 -21.60 -14.84 28.90
N GLU C 174 -20.36 -14.77 29.38
CA GLU C 174 -19.97 -15.36 30.66
C GLU C 174 -20.34 -14.49 31.86
N LYS C 175 -21.17 -13.47 31.67
CA LYS C 175 -21.57 -12.57 32.75
C LYS C 175 -23.02 -12.76 33.18
N GLY C 176 -23.70 -13.78 32.65
CA GLY C 176 -25.10 -14.02 32.95
C GLY C 176 -25.27 -15.22 33.86
N ASP C 177 -26.50 -15.36 34.36
CA ASP C 177 -26.84 -16.49 35.22
C ASP C 177 -26.85 -17.79 34.42
N THR C 178 -26.69 -18.90 35.15
CA THR C 178 -26.75 -20.20 34.51
C THR C 178 -28.13 -20.46 33.90
N ILE C 179 -29.19 -19.97 34.56
CA ILE C 179 -30.53 -20.16 34.03
C ILE C 179 -30.72 -19.37 32.73
N ASN C 180 -30.22 -18.13 32.70
CA ASN C 180 -30.32 -17.34 31.47
C ASN C 180 -29.47 -17.94 30.35
N GLN C 181 -28.33 -18.54 30.69
CA GLN C 181 -27.52 -19.22 29.69
C GLN C 181 -28.26 -20.44 29.13
N CYS C 182 -28.89 -21.22 30.01
CA CYS C 182 -29.61 -22.41 29.54
C CYS C 182 -30.80 -22.02 28.68
N ILE C 183 -31.56 -21.00 29.10
CA ILE C 183 -32.69 -20.54 28.30
C ILE C 183 -32.21 -20.02 26.95
N SER C 184 -31.13 -19.24 26.94
CA SER C 184 -30.65 -18.66 25.70
C SER C 184 -30.13 -19.71 24.74
N ALA C 185 -29.39 -20.70 25.25
CA ALA C 185 -28.92 -21.78 24.39
C ALA C 185 -30.09 -22.61 23.85
N ALA C 186 -31.04 -22.94 24.74
CA ALA C 186 -32.21 -23.69 24.31
C ALA C 186 -32.95 -22.98 23.19
N THR C 187 -33.22 -21.68 23.37
CA THR C 187 -33.91 -20.93 22.33
C THR C 187 -33.06 -20.81 21.08
N SER C 188 -31.74 -20.84 21.21
CA SER C 188 -30.88 -20.87 20.03
C SER C 188 -31.12 -22.13 19.20
N CYS C 189 -31.06 -23.29 19.86
CA CYS C 189 -31.33 -24.55 19.15
C CYS C 189 -32.73 -24.55 18.55
N LEU C 190 -33.71 -24.07 19.31
CA LEU C 190 -35.09 -24.02 18.81
C LEU C 190 -35.18 -23.14 17.57
N TYR C 191 -34.43 -22.04 17.54
CA TYR C 191 -34.38 -21.23 16.32
C TYR C 191 -33.67 -21.96 15.20
N GLY C 192 -32.77 -22.89 15.55
CA GLY C 192 -32.16 -23.75 14.56
C GLY C 192 -33.18 -24.63 13.85
N VAL C 193 -33.88 -25.48 14.60
CA VAL C 193 -34.85 -26.37 13.97
C VAL C 193 -35.97 -25.57 13.31
N THR C 194 -36.43 -24.51 13.98
CA THR C 194 -37.48 -23.66 13.40
C THR C 194 -37.04 -23.12 12.04
N GLU C 195 -35.82 -22.60 11.97
CA GLU C 195 -35.31 -22.08 10.71
C GLU C 195 -35.22 -23.18 9.66
N ALA C 196 -34.81 -24.39 10.07
CA ALA C 196 -34.78 -25.51 9.14
C ALA C 196 -36.16 -25.81 8.58
N ALA C 197 -37.19 -25.76 9.42
CA ALA C 197 -38.55 -26.02 8.96
C ALA C 197 -39.04 -24.92 8.03
N ILE C 198 -38.69 -23.67 8.33
CA ILE C 198 -39.15 -22.56 7.49
C ILE C 198 -38.47 -22.63 6.12
N LEU C 199 -37.20 -23.02 6.09
CA LEU C 199 -36.50 -23.15 4.80
C LEU C 199 -37.01 -24.35 4.02
N ALA C 200 -37.23 -25.48 4.70
CA ALA C 200 -37.71 -26.67 4.00
C ALA C 200 -39.13 -26.47 3.48
N ALA C 201 -39.95 -25.69 4.19
CA ALA C 201 -41.29 -25.40 3.71
C ALA C 201 -41.29 -24.40 2.56
N GLY C 202 -40.18 -23.71 2.33
CA GLY C 202 -40.08 -22.77 1.22
C GLY C 202 -40.54 -21.36 1.52
N TYR C 203 -40.53 -20.95 2.77
CA TYR C 203 -40.96 -19.62 3.16
C TYR C 203 -39.79 -18.80 3.66
N ALA C 204 -39.99 -17.47 3.71
CA ALA C 204 -38.95 -16.55 4.11
C ALA C 204 -38.91 -16.42 5.63
N PRO C 205 -37.76 -16.65 6.26
CA PRO C 205 -37.67 -16.45 7.72
C PRO C 205 -37.80 -14.99 8.15
N ALA C 206 -37.62 -14.05 7.23
CA ALA C 206 -37.66 -12.63 7.58
C ALA C 206 -39.08 -12.07 7.58
N ILE C 207 -40.02 -12.71 6.89
CA ILE C 207 -41.39 -12.22 6.78
C ILE C 207 -42.15 -12.70 8.02
N GLY C 208 -42.22 -11.85 9.05
CA GLY C 208 -42.89 -12.19 10.29
C GLY C 208 -44.25 -11.49 10.42
N PHE C 209 -45.00 -11.95 11.42
CA PHE C 209 -46.32 -11.40 11.72
C PHE C 209 -46.36 -10.71 13.08
N VAL C 210 -46.10 -11.44 14.17
CA VAL C 210 -45.95 -10.80 15.47
C VAL C 210 -44.63 -10.04 15.53
N HIS C 211 -43.53 -10.76 15.37
CA HIS C 211 -42.22 -10.12 15.26
C HIS C 211 -42.05 -9.57 13.84
N THR C 212 -41.52 -8.34 13.75
CA THR C 212 -41.34 -7.66 12.48
C THR C 212 -40.01 -6.91 12.50
N GLY C 213 -39.54 -6.57 11.30
CA GLY C 213 -38.34 -5.78 11.14
C GLY C 213 -37.03 -6.55 11.18
N LYS C 214 -37.01 -7.71 11.82
CA LYS C 214 -35.78 -8.48 11.94
C LYS C 214 -35.71 -9.56 10.87
N PRO C 215 -34.50 -9.95 10.44
CA PRO C 215 -34.38 -10.96 9.36
C PRO C 215 -34.78 -12.36 9.77
N LEU C 216 -35.10 -12.61 11.05
CA LEU C 216 -35.54 -13.92 11.51
C LEU C 216 -36.87 -13.83 12.25
N SER C 217 -37.70 -12.85 11.87
CA SER C 217 -38.93 -12.60 12.61
C SER C 217 -39.89 -13.79 12.54
N PHE C 218 -40.02 -14.40 11.35
CA PHE C 218 -40.87 -15.58 11.23
C PHE C 218 -40.35 -16.73 12.06
N VAL C 219 -39.02 -16.85 12.19
CA VAL C 219 -38.44 -17.87 13.06
C VAL C 219 -38.86 -17.64 14.50
N TYR C 220 -38.88 -16.38 14.94
CA TYR C 220 -39.31 -16.07 16.29
C TYR C 220 -40.80 -16.36 16.48
N ASP C 221 -41.60 -16.06 15.45
CA ASP C 221 -43.03 -16.31 15.52
C ASP C 221 -43.33 -17.79 15.67
N ILE C 222 -42.83 -18.61 14.74
CA ILE C 222 -43.13 -20.04 14.79
C ILE C 222 -42.47 -20.69 16.00
N ALA C 223 -41.28 -20.22 16.39
CA ALA C 223 -40.58 -20.84 17.50
C ALA C 223 -41.22 -20.48 18.84
N ASP C 224 -41.84 -19.31 18.96
CA ASP C 224 -42.54 -18.96 20.19
C ASP C 224 -43.75 -19.85 20.45
N ILE C 225 -44.19 -20.64 19.47
CA ILE C 225 -45.41 -21.42 19.63
C ILE C 225 -45.16 -22.68 20.47
N ILE C 226 -44.02 -23.35 20.25
CA ILE C 226 -43.72 -24.59 20.96
C ILE C 226 -42.52 -24.42 21.89
N LYS C 227 -42.19 -23.19 22.26
CA LYS C 227 -40.98 -22.92 23.02
C LYS C 227 -41.07 -23.50 24.42
N PHE C 228 -42.10 -23.13 25.16
CA PHE C 228 -42.25 -23.54 26.55
C PHE C 228 -42.92 -24.90 26.70
N ASP C 229 -43.00 -25.67 25.61
CA ASP C 229 -43.55 -27.02 25.69
C ASP C 229 -42.51 -28.04 26.13
N THR C 230 -41.24 -27.85 25.76
CA THR C 230 -40.23 -28.84 26.09
C THR C 230 -38.83 -28.24 26.30
N VAL C 231 -38.38 -27.36 25.41
CA VAL C 231 -36.97 -26.98 25.41
C VAL C 231 -36.64 -26.06 26.58
N VAL C 232 -37.53 -25.12 26.90
CA VAL C 232 -37.28 -24.22 28.02
C VAL C 232 -37.37 -24.98 29.34
N PRO C 233 -38.38 -25.83 29.57
CA PRO C 233 -38.33 -26.69 30.76
C PRO C 233 -37.07 -27.52 30.84
N LYS C 234 -36.57 -28.00 29.70
CA LYS C 234 -35.30 -28.73 29.70
C LYS C 234 -34.16 -27.81 30.12
N ALA C 235 -34.24 -26.52 29.75
CA ALA C 235 -33.22 -25.58 30.17
C ALA C 235 -33.27 -25.37 31.68
N PHE C 236 -34.48 -25.32 32.26
CA PHE C 236 -34.59 -25.22 33.71
C PHE C 236 -34.11 -26.50 34.40
N GLU C 237 -34.27 -27.64 33.74
CA GLU C 237 -33.76 -28.90 34.30
C GLU C 237 -32.23 -28.90 34.32
N ILE C 238 -31.60 -28.54 33.19
CA ILE C 238 -30.14 -28.47 33.14
C ILE C 238 -29.64 -27.45 34.14
N ALA C 239 -30.33 -26.32 34.25
CA ALA C 239 -29.94 -25.31 35.23
C ALA C 239 -30.06 -25.85 36.66
N ARG C 240 -31.07 -26.68 36.91
CA ARG C 240 -31.21 -27.30 38.23
C ARG C 240 -30.03 -28.23 38.51
N ARG C 241 -29.70 -29.11 37.56
CA ARG C 241 -28.56 -30.00 37.75
C ARG C 241 -27.26 -29.22 37.85
N ASN C 242 -27.18 -28.07 37.18
CA ASN C 242 -26.04 -27.17 37.21
C ASN C 242 -24.75 -27.89 36.83
N PRO C 243 -24.54 -28.19 35.55
CA PRO C 243 -23.32 -28.87 35.12
C PRO C 243 -22.19 -27.85 34.92
N GLY C 244 -21.01 -28.39 34.58
CA GLY C 244 -19.87 -27.52 34.34
C GLY C 244 -20.01 -26.69 33.08
N GLU C 245 -20.44 -27.33 31.98
CA GLU C 245 -20.70 -26.65 30.72
C GLU C 245 -22.19 -26.67 30.45
N PRO C 246 -22.95 -25.69 30.96
CA PRO C 246 -24.41 -25.74 30.78
C PRO C 246 -24.84 -25.46 29.36
N ASP C 247 -24.09 -24.66 28.61
CA ASP C 247 -24.44 -24.37 27.23
C ASP C 247 -24.37 -25.64 26.37
N ARG C 248 -23.30 -26.41 26.53
CA ARG C 248 -23.17 -27.64 25.77
C ARG C 248 -24.20 -28.67 26.20
N GLU C 249 -24.50 -28.74 27.50
CA GLU C 249 -25.51 -29.70 27.96
C GLU C 249 -26.89 -29.34 27.46
N VAL C 250 -27.22 -28.04 27.41
CA VAL C 250 -28.52 -27.64 26.89
C VAL C 250 -28.58 -27.85 25.39
N ARG C 251 -27.49 -27.60 24.68
CA ARG C 251 -27.49 -27.81 23.23
C ARG C 251 -27.64 -29.28 22.87
N LEU C 252 -26.91 -30.16 23.57
CA LEU C 252 -27.06 -31.59 23.34
C LEU C 252 -28.43 -32.09 23.79
N ALA C 253 -28.98 -31.50 24.86
CA ALA C 253 -30.32 -31.89 25.31
C ALA C 253 -31.37 -31.52 24.28
N CYS C 254 -31.27 -30.32 23.71
CA CYS C 254 -32.19 -29.92 22.64
C CYS C 254 -31.98 -30.78 21.41
N ARG C 255 -30.73 -31.16 21.13
CA ARG C 255 -30.45 -32.08 20.03
C ARG C 255 -31.22 -33.39 20.23
N ASP C 256 -31.11 -33.97 21.42
CA ASP C 256 -31.80 -35.22 21.70
C ASP C 256 -33.31 -35.06 21.68
N ILE C 257 -33.82 -33.90 22.11
CA ILE C 257 -35.25 -33.66 22.06
C ILE C 257 -35.74 -33.59 20.62
N PHE C 258 -35.01 -32.87 19.77
CA PHE C 258 -35.40 -32.75 18.37
C PHE C 258 -35.30 -34.09 17.64
N ARG C 259 -34.34 -34.93 18.01
CA ARG C 259 -34.22 -36.24 17.37
C ARG C 259 -35.32 -37.18 17.84
N SER C 260 -35.55 -37.23 19.16
CA SER C 260 -36.47 -38.22 19.71
C SER C 260 -37.92 -37.87 19.40
N SER C 261 -38.27 -36.58 19.50
CA SER C 261 -39.65 -36.16 19.32
C SER C 261 -39.97 -35.77 17.87
N LYS C 262 -38.98 -35.77 16.98
CA LYS C 262 -39.17 -35.40 15.57
C LYS C 262 -39.80 -34.01 15.44
N THR C 263 -39.16 -33.03 16.10
CA THR C 263 -39.71 -31.68 16.14
C THR C 263 -39.74 -31.07 14.74
N LEU C 264 -38.67 -31.22 13.98
CA LEU C 264 -38.59 -30.63 12.64
C LEU C 264 -39.71 -31.15 11.75
N ALA C 265 -40.01 -32.45 11.83
CA ALA C 265 -41.07 -33.02 11.02
C ALA C 265 -42.43 -32.44 11.41
N LYS C 266 -42.66 -32.23 12.70
CA LYS C 266 -43.93 -31.69 13.15
C LYS C 266 -44.05 -30.19 12.95
N LEU C 267 -42.95 -29.50 12.66
CA LEU C 267 -43.02 -28.05 12.51
C LEU C 267 -43.62 -27.64 11.17
N ILE C 268 -43.29 -28.36 10.09
CA ILE C 268 -43.73 -27.94 8.75
C ILE C 268 -45.25 -27.91 8.62
N PRO C 269 -46.00 -28.96 9.01
CA PRO C 269 -47.47 -28.81 9.00
C PRO C 269 -47.95 -27.66 9.85
N LEU C 270 -47.27 -27.38 10.97
CA LEU C 270 -47.66 -26.24 11.80
C LEU C 270 -47.49 -24.93 11.03
N ILE C 271 -46.39 -24.78 10.30
CA ILE C 271 -46.19 -23.59 9.47
C ILE C 271 -47.31 -23.48 8.45
N GLU C 272 -47.56 -24.56 7.71
CA GLU C 272 -48.57 -24.53 6.65
C GLU C 272 -49.95 -24.24 7.21
N ASP C 273 -50.22 -24.64 8.45
CA ASP C 273 -51.52 -24.38 9.06
C ASP C 273 -51.62 -22.94 9.55
N VAL C 274 -50.55 -22.43 10.15
CA VAL C 274 -50.51 -21.04 10.58
C VAL C 274 -50.74 -20.11 9.39
N LEU C 275 -50.03 -20.34 8.30
CA LEU C 275 -50.24 -19.52 7.11
C LEU C 275 -51.58 -19.83 6.46
N ALA C 276 -52.08 -21.06 6.63
CA ALA C 276 -53.36 -21.45 6.03
C ALA C 276 -54.53 -20.74 6.70
N ALA C 277 -54.39 -20.36 7.97
CA ALA C 277 -55.46 -19.68 8.68
C ALA C 277 -55.71 -18.27 8.16
N GLY C 278 -54.90 -17.77 7.22
CA GLY C 278 -55.18 -16.49 6.60
C GLY C 278 -56.34 -16.51 5.63
N GLU C 279 -56.87 -17.69 5.31
CA GLU C 279 -58.00 -17.87 4.40
C GLU C 279 -57.68 -17.42 2.97
N ILE C 280 -56.44 -17.62 2.53
CA ILE C 280 -56.02 -17.39 1.16
C ILE C 280 -55.54 -18.72 0.59
N GLN C 281 -55.83 -18.97 -0.67
CA GLN C 281 -55.49 -20.25 -1.29
C GLN C 281 -53.98 -20.48 -1.25
N PRO C 282 -53.53 -21.64 -0.80
CA PRO C 282 -52.08 -21.91 -0.75
C PRO C 282 -51.51 -22.08 -2.15
N PRO C 283 -50.19 -21.93 -2.31
CA PRO C 283 -49.58 -22.13 -3.63
C PRO C 283 -49.77 -23.55 -4.16
N ALA C 284 -49.32 -24.54 -3.40
CA ALA C 284 -49.44 -25.96 -3.76
C ALA C 284 -48.89 -26.26 -5.14
N LEU D 7 -14.85 -14.03 20.23
CA LEU D 7 -14.54 -13.06 19.17
C LEU D 7 -15.28 -13.42 17.88
N PRO D 8 -16.17 -12.53 17.43
CA PRO D 8 -17.05 -12.84 16.31
C PRO D 8 -16.33 -12.73 14.96
N LEU D 9 -17.07 -13.05 13.91
CA LEU D 9 -16.56 -13.07 12.54
C LEU D 9 -17.69 -12.60 11.62
N ASN D 10 -17.56 -11.40 11.06
CA ASN D 10 -18.65 -10.79 10.32
C ASN D 10 -18.24 -10.48 8.89
N PRO D 11 -19.19 -10.46 7.96
CA PRO D 11 -18.84 -10.18 6.56
C PRO D 11 -18.49 -8.71 6.34
N ILE D 12 -17.68 -8.48 5.31
CA ILE D 12 -17.28 -7.13 4.93
C ILE D 12 -18.18 -6.65 3.79
N PRO D 13 -18.28 -5.34 3.55
CA PRO D 13 -19.14 -4.86 2.47
C PRO D 13 -18.74 -5.42 1.11
N LEU D 14 -19.68 -5.35 0.17
CA LEU D 14 -19.49 -5.99 -1.12
C LEU D 14 -18.56 -5.19 -2.02
N LYS D 15 -18.59 -3.87 -1.92
CA LYS D 15 -17.78 -3.03 -2.79
C LYS D 15 -16.29 -3.23 -2.54
N ASP D 16 -15.91 -3.63 -1.33
CA ASP D 16 -14.52 -3.81 -0.96
C ASP D 16 -13.99 -5.20 -1.32
N ARG D 17 -14.75 -5.99 -2.08
CA ARG D 17 -14.37 -7.35 -2.41
C ARG D 17 -13.89 -7.43 -3.87
N VAL D 18 -13.34 -8.59 -4.21
CA VAL D 18 -13.01 -8.90 -5.60
C VAL D 18 -14.22 -9.58 -6.22
N SER D 19 -14.21 -9.74 -7.55
CA SER D 19 -15.41 -10.19 -8.26
C SER D 19 -15.70 -11.66 -8.00
N MET D 20 -14.80 -12.54 -8.41
CA MET D 20 -15.08 -13.97 -8.41
C MET D 20 -13.80 -14.75 -8.28
N ILE D 21 -13.91 -16.00 -7.80
CA ILE D 21 -12.78 -16.92 -7.77
C ILE D 21 -13.25 -18.29 -8.24
N PHE D 22 -12.65 -18.79 -9.33
CA PHE D 22 -12.99 -20.09 -9.87
C PHE D 22 -12.06 -21.16 -9.30
N LEU D 23 -12.64 -22.20 -8.71
CA LEU D 23 -11.89 -23.33 -8.15
C LEU D 23 -12.28 -24.60 -8.88
N GLN D 24 -11.31 -25.50 -9.05
CA GLN D 24 -11.57 -26.74 -9.77
C GLN D 24 -10.58 -27.81 -9.33
N TYR D 25 -11.04 -29.06 -9.37
CA TYR D 25 -10.20 -30.24 -9.16
C TYR D 25 -9.43 -30.18 -7.85
N GLY D 26 -10.10 -30.47 -6.75
CA GLY D 26 -9.49 -30.46 -5.44
C GLY D 26 -10.55 -30.38 -4.36
N GLN D 27 -10.16 -30.77 -3.16
CA GLN D 27 -11.07 -30.79 -2.03
C GLN D 27 -10.94 -29.50 -1.23
N ILE D 28 -12.08 -28.92 -0.86
CA ILE D 28 -12.11 -27.65 -0.14
C ILE D 28 -12.30 -27.95 1.34
N ASP D 29 -11.27 -27.69 2.14
CA ASP D 29 -11.30 -27.90 3.59
C ASP D 29 -11.19 -26.57 4.30
N VAL D 30 -11.34 -26.63 5.62
CA VAL D 30 -11.05 -25.52 6.51
C VAL D 30 -9.88 -25.92 7.40
N ILE D 31 -8.76 -25.22 7.25
CA ILE D 31 -7.55 -25.48 8.03
C ILE D 31 -7.28 -24.26 8.90
N ASP D 32 -7.31 -24.46 10.22
CA ASP D 32 -7.08 -23.39 11.20
C ASP D 32 -8.04 -22.23 11.01
N GLY D 33 -9.24 -22.52 10.54
CA GLY D 33 -10.24 -21.48 10.33
C GLY D 33 -10.12 -20.72 9.04
N ALA D 34 -9.48 -21.30 8.04
CA ALA D 34 -9.27 -20.63 6.76
C ALA D 34 -9.81 -21.49 5.63
N PHE D 35 -10.29 -20.83 4.59
CA PHE D 35 -10.76 -21.50 3.37
C PHE D 35 -9.56 -22.01 2.60
N VAL D 36 -9.42 -23.33 2.50
CA VAL D 36 -8.24 -23.94 1.89
C VAL D 36 -8.68 -24.87 0.78
N LEU D 37 -7.98 -24.81 -0.35
CA LEU D 37 -8.20 -25.71 -1.47
C LEU D 37 -7.01 -26.65 -1.56
N ILE D 38 -7.22 -27.91 -1.22
CA ILE D 38 -6.16 -28.92 -1.25
C ILE D 38 -6.23 -29.65 -2.57
N ASP D 39 -5.06 -29.77 -3.23
CA ASP D 39 -4.93 -30.45 -4.50
C ASP D 39 -4.81 -31.96 -4.29
N LYS D 40 -4.93 -32.71 -5.39
CA LYS D 40 -4.73 -34.15 -5.30
C LYS D 40 -3.29 -34.49 -4.96
N THR D 41 -2.35 -33.61 -5.32
CA THR D 41 -0.95 -33.79 -4.99
C THR D 41 -0.59 -33.23 -3.61
N GLY D 42 -1.54 -32.64 -2.91
CA GLY D 42 -1.29 -32.10 -1.59
C GLY D 42 -0.97 -30.63 -1.55
N ILE D 43 -1.01 -29.94 -2.68
CA ILE D 43 -0.66 -28.52 -2.73
C ILE D 43 -1.79 -27.72 -2.11
N ARG D 44 -1.57 -27.22 -0.89
CA ARG D 44 -2.58 -26.40 -0.23
C ARG D 44 -2.58 -24.99 -0.82
N THR D 45 -3.78 -24.46 -1.05
CA THR D 45 -3.95 -23.14 -1.64
C THR D 45 -5.04 -22.39 -0.87
N HIS D 46 -4.62 -21.52 0.04
CA HIS D 46 -5.59 -20.73 0.79
C HIS D 46 -6.33 -19.78 -0.13
N ILE D 47 -7.62 -19.57 0.15
CA ILE D 47 -8.48 -18.70 -0.63
C ILE D 47 -9.01 -17.62 0.30
N PRO D 48 -8.72 -16.33 0.06
CA PRO D 48 -9.29 -15.28 0.91
C PRO D 48 -10.78 -15.16 0.71
N VAL D 49 -11.53 -16.09 1.31
CA VAL D 49 -12.97 -16.18 1.06
C VAL D 49 -13.68 -14.90 1.49
N GLY D 50 -13.19 -14.24 2.54
CA GLY D 50 -13.83 -13.04 3.02
C GLY D 50 -13.71 -11.84 2.09
N SER D 51 -12.81 -11.92 1.10
CA SER D 51 -12.54 -10.81 0.21
C SER D 51 -13.09 -11.03 -1.20
N VAL D 52 -13.84 -12.11 -1.42
CA VAL D 52 -14.37 -12.45 -2.73
C VAL D 52 -15.89 -12.32 -2.68
N ALA D 53 -16.47 -11.80 -3.76
CA ALA D 53 -17.92 -11.70 -3.83
C ALA D 53 -18.58 -13.07 -4.03
N CYS D 54 -17.98 -13.91 -4.87
CA CYS D 54 -18.51 -15.24 -5.07
C CYS D 54 -17.41 -16.19 -5.53
N ILE D 55 -17.52 -17.44 -5.07
CA ILE D 55 -16.60 -18.51 -5.41
C ILE D 55 -17.34 -19.49 -6.29
N MET D 56 -16.91 -19.59 -7.55
CA MET D 56 -17.45 -20.57 -8.47
C MET D 56 -16.73 -21.90 -8.29
N LEU D 57 -17.50 -22.97 -8.09
CA LEU D 57 -16.97 -24.31 -7.84
C LEU D 57 -17.19 -25.15 -9.10
N GLU D 58 -16.12 -25.31 -9.88
CA GLU D 58 -16.19 -26.11 -11.10
C GLU D 58 -16.25 -27.60 -10.76
N PRO D 59 -16.62 -28.45 -11.72
CA PRO D 59 -16.62 -29.89 -11.47
C PRO D 59 -15.27 -30.38 -10.97
N GLY D 60 -15.30 -31.26 -9.98
CA GLY D 60 -14.10 -31.77 -9.34
C GLY D 60 -13.85 -31.22 -7.96
N THR D 61 -14.73 -30.38 -7.44
CA THR D 61 -14.54 -29.75 -6.13
C THR D 61 -15.39 -30.45 -5.09
N ARG D 62 -14.75 -30.97 -4.05
CA ARG D 62 -15.42 -31.65 -2.95
C ARG D 62 -15.35 -30.74 -1.73
N VAL D 63 -16.46 -30.05 -1.44
CA VAL D 63 -16.50 -29.06 -0.37
C VAL D 63 -16.85 -29.74 0.95
N SER D 64 -16.32 -29.21 2.04
CA SER D 64 -16.59 -29.72 3.37
C SER D 64 -17.68 -28.90 4.05
N HIS D 65 -18.27 -29.48 5.10
CA HIS D 65 -19.32 -28.80 5.84
C HIS D 65 -18.81 -27.52 6.49
N ALA D 66 -17.63 -27.58 7.11
CA ALA D 66 -17.03 -26.39 7.69
C ALA D 66 -16.71 -25.35 6.64
N ALA D 67 -16.48 -25.78 5.40
CA ALA D 67 -16.17 -24.83 4.33
C ALA D 67 -17.41 -24.06 3.89
N VAL D 68 -18.53 -24.76 3.72
CA VAL D 68 -19.77 -24.07 3.40
C VAL D 68 -20.20 -23.17 4.56
N ARG D 69 -20.00 -23.64 5.80
CA ARG D 69 -20.30 -22.82 6.96
C ARG D 69 -19.49 -21.54 6.94
N LEU D 70 -18.17 -21.67 6.76
CA LEU D 70 -17.29 -20.49 6.75
C LEU D 70 -17.65 -19.54 5.62
N ALA D 71 -17.86 -20.08 4.42
CA ALA D 71 -18.25 -19.24 3.29
C ALA D 71 -19.52 -18.47 3.59
N ALA D 72 -20.51 -19.14 4.19
CA ALA D 72 -21.75 -18.45 4.52
C ALA D 72 -21.56 -17.41 5.61
N GLN D 73 -20.65 -17.66 6.55
CA GLN D 73 -20.51 -16.77 7.69
C GLN D 73 -19.86 -15.44 7.28
N VAL D 74 -18.90 -15.50 6.36
CA VAL D 74 -18.19 -14.30 5.92
C VAL D 74 -18.95 -13.64 4.78
N GLY D 75 -20.14 -14.15 4.50
CA GLY D 75 -20.98 -13.56 3.46
C GLY D 75 -20.45 -13.70 2.05
N THR D 76 -19.92 -14.88 1.70
CA THR D 76 -19.40 -15.14 0.37
C THR D 76 -20.23 -16.23 -0.27
N LEU D 77 -20.90 -15.88 -1.37
CA LEU D 77 -21.80 -16.83 -2.02
C LEU D 77 -21.02 -17.96 -2.67
N LEU D 78 -21.47 -19.19 -2.47
CA LEU D 78 -20.92 -20.35 -3.15
C LEU D 78 -21.81 -20.69 -4.34
N VAL D 79 -21.18 -20.89 -5.51
CA VAL D 79 -21.90 -21.16 -6.75
C VAL D 79 -21.26 -22.37 -7.42
N TRP D 80 -21.92 -23.52 -7.34
CA TRP D 80 -21.51 -24.66 -8.14
C TRP D 80 -21.87 -24.41 -9.60
N VAL D 81 -20.87 -24.44 -10.48
CA VAL D 81 -21.06 -24.22 -11.90
C VAL D 81 -20.63 -25.47 -12.66
N GLY D 82 -21.16 -25.60 -13.87
CA GLY D 82 -20.85 -26.69 -14.77
C GLY D 82 -19.90 -26.27 -15.87
N GLU D 83 -20.11 -26.84 -17.05
CA GLU D 83 -19.28 -26.48 -18.20
C GLU D 83 -19.62 -25.07 -18.69
N ALA D 84 -18.60 -24.37 -19.18
CA ALA D 84 -18.70 -22.99 -19.62
C ALA D 84 -19.22 -22.06 -18.53
N GLY D 85 -19.02 -22.44 -17.27
CA GLY D 85 -19.37 -21.59 -16.15
C GLY D 85 -20.85 -21.39 -15.89
N VAL D 86 -21.71 -22.18 -16.54
CA VAL D 86 -23.16 -22.03 -16.33
C VAL D 86 -23.50 -22.44 -14.90
N ARG D 87 -24.37 -21.66 -14.27
CA ARG D 87 -24.68 -21.86 -12.86
C ARG D 87 -25.49 -23.13 -12.65
N VAL D 88 -25.07 -23.96 -11.70
CA VAL D 88 -25.77 -25.18 -11.35
C VAL D 88 -26.50 -25.04 -10.02
N TYR D 89 -25.82 -24.51 -9.01
CA TYR D 89 -26.38 -24.42 -7.67
C TYR D 89 -25.67 -23.30 -6.92
N ALA D 90 -26.16 -23.01 -5.72
CA ALA D 90 -25.59 -21.95 -4.91
C ALA D 90 -26.01 -22.13 -3.46
N SER D 91 -25.09 -21.86 -2.54
CA SER D 91 -25.37 -21.83 -1.11
C SER D 91 -24.94 -20.48 -0.55
N GLY D 92 -25.78 -19.93 0.33
CA GLY D 92 -25.51 -18.65 0.93
C GLY D 92 -26.11 -18.51 2.32
N GLN D 93 -26.17 -17.28 2.82
CA GLN D 93 -26.69 -17.05 4.17
C GLN D 93 -28.17 -17.39 4.25
N PRO D 94 -28.58 -18.32 5.11
CA PRO D 94 -30.00 -18.66 5.24
C PRO D 94 -30.77 -17.62 6.05
N GLY D 95 -30.84 -16.40 5.51
CA GLY D 95 -31.43 -15.29 6.22
C GLY D 95 -30.71 -13.99 5.96
N GLY D 96 -29.96 -13.93 4.87
CA GLY D 96 -29.31 -12.70 4.49
C GLY D 96 -30.24 -11.59 4.07
N ALA D 97 -31.53 -11.89 3.88
CA ALA D 97 -32.50 -10.91 3.45
C ALA D 97 -32.94 -10.02 4.60
N ARG D 98 -32.95 -8.71 4.36
CA ARG D 98 -33.53 -7.78 5.32
C ARG D 98 -35.04 -7.71 5.11
N SER D 99 -35.79 -7.76 6.21
CA SER D 99 -37.24 -7.88 6.11
C SER D 99 -37.88 -6.66 5.46
N ASP D 100 -37.33 -5.48 5.69
CA ASP D 100 -37.90 -4.27 5.10
C ASP D 100 -37.74 -4.26 3.59
N LYS D 101 -36.53 -4.58 3.10
CA LYS D 101 -36.28 -4.60 1.67
C LYS D 101 -36.99 -5.77 1.01
N LEU D 102 -37.05 -6.92 1.70
CA LEU D 102 -37.72 -8.09 1.13
C LEU D 102 -39.22 -7.85 1.02
N LEU D 103 -39.83 -7.30 2.07
CA LEU D 103 -41.26 -6.99 2.03
C LEU D 103 -41.56 -5.86 1.05
N TYR D 104 -40.61 -4.94 0.85
CA TYR D 104 -40.81 -3.89 -0.14
C TYR D 104 -40.78 -4.46 -1.56
N GLN D 105 -39.77 -5.29 -1.86
CA GLN D 105 -39.69 -5.95 -3.15
C GLN D 105 -40.94 -6.79 -3.40
N ALA D 106 -41.38 -7.54 -2.40
CA ALA D 106 -42.57 -8.38 -2.55
C ALA D 106 -43.82 -7.53 -2.76
N LYS D 107 -43.91 -6.40 -2.05
CA LYS D 107 -45.05 -5.51 -2.24
C LYS D 107 -45.09 -4.95 -3.66
N LEU D 108 -43.93 -4.54 -4.18
CA LEU D 108 -43.89 -4.08 -5.57
C LEU D 108 -44.22 -5.20 -6.55
N ALA D 109 -43.92 -6.45 -6.17
CA ALA D 109 -44.19 -7.57 -7.07
C ALA D 109 -45.66 -7.97 -7.06
N LEU D 110 -46.35 -7.77 -5.94
CA LEU D 110 -47.74 -8.22 -5.83
C LEU D 110 -48.69 -7.29 -6.57
N ASP D 111 -48.56 -5.98 -6.36
CA ASP D 111 -49.40 -5.02 -7.07
C ASP D 111 -48.93 -4.90 -8.52
N GLU D 112 -49.88 -5.04 -9.45
CA GLU D 112 -49.50 -5.02 -10.86
C GLU D 112 -49.19 -3.62 -11.35
N ASP D 113 -49.74 -2.59 -10.70
CA ASP D 113 -49.44 -1.21 -11.08
C ASP D 113 -47.97 -0.90 -10.82
N LEU D 114 -47.53 -1.08 -9.58
CA LEU D 114 -46.13 -0.84 -9.24
C LEU D 114 -45.21 -1.79 -9.99
N ARG D 115 -45.68 -3.01 -10.28
CA ARG D 115 -44.88 -3.93 -11.09
C ARG D 115 -44.66 -3.38 -12.48
N LEU D 116 -45.71 -2.81 -13.09
CA LEU D 116 -45.56 -2.18 -14.40
C LEU D 116 -44.63 -0.97 -14.32
N LYS D 117 -44.73 -0.20 -13.23
CA LYS D 117 -43.81 0.92 -13.04
C LYS D 117 -42.37 0.45 -13.01
N VAL D 118 -42.10 -0.66 -12.30
CA VAL D 118 -40.73 -1.16 -12.19
C VAL D 118 -40.27 -1.73 -13.53
N VAL D 119 -41.17 -2.36 -14.28
CA VAL D 119 -40.80 -2.90 -15.59
C VAL D 119 -40.43 -1.77 -16.54
N ARG D 120 -41.27 -0.74 -16.61
CA ARG D 120 -40.98 0.40 -17.49
C ARG D 120 -39.71 1.12 -17.05
N LYS D 121 -39.48 1.21 -15.74
CA LYS D 121 -38.23 1.80 -15.25
C LYS D 121 -37.03 0.97 -15.69
N MET D 122 -37.16 -0.36 -15.65
CA MET D 122 -36.09 -1.22 -16.16
C MET D 122 -35.85 -0.97 -17.64
N PHE D 123 -36.92 -0.84 -18.42
CA PHE D 123 -36.77 -0.55 -19.85
C PHE D 123 -36.03 0.76 -20.07
N GLU D 124 -36.46 1.82 -19.40
CA GLU D 124 -35.83 3.13 -19.57
C GLU D 124 -34.37 3.11 -19.16
N LEU D 125 -34.05 2.41 -18.07
CA LEU D 125 -32.66 2.29 -17.65
C LEU D 125 -31.84 1.41 -18.59
N ARG D 126 -32.50 0.50 -19.32
CA ARG D 126 -31.78 -0.37 -20.25
C ARG D 126 -31.44 0.36 -21.54
N PHE D 127 -32.42 1.00 -22.17
CA PHE D 127 -32.22 1.57 -23.49
C PHE D 127 -32.06 3.08 -23.48
N GLY D 128 -31.88 3.68 -22.30
CA GLY D 128 -31.65 5.12 -22.18
C GLY D 128 -32.77 6.01 -22.67
N GLU D 129 -33.92 5.45 -23.05
CA GLU D 129 -35.07 6.23 -23.49
C GLU D 129 -36.33 5.64 -22.88
N PRO D 130 -37.33 6.48 -22.58
CA PRO D 130 -38.55 5.96 -21.95
C PRO D 130 -39.25 4.94 -22.83
N ALA D 131 -39.87 3.95 -22.19
CA ALA D 131 -40.60 2.93 -22.91
C ALA D 131 -41.83 3.54 -23.60
N PRO D 132 -42.29 2.93 -24.69
CA PRO D 132 -43.52 3.42 -25.33
C PRO D 132 -44.70 3.36 -24.36
N ALA D 133 -45.50 4.41 -24.38
CA ALA D 133 -46.59 4.54 -23.43
C ALA D 133 -47.72 3.56 -23.76
N ARG D 134 -48.51 3.25 -22.72
CA ARG D 134 -49.69 2.39 -22.84
C ARG D 134 -49.33 1.01 -23.39
N ARG D 135 -48.12 0.54 -23.10
CA ARG D 135 -47.67 -0.78 -23.51
C ARG D 135 -47.63 -1.71 -22.30
N SER D 136 -48.00 -2.97 -22.53
CA SER D 136 -48.10 -3.95 -21.45
C SER D 136 -46.73 -4.56 -21.17
N VAL D 137 -46.68 -5.42 -20.15
CA VAL D 137 -45.43 -6.07 -19.79
C VAL D 137 -44.98 -7.03 -20.89
N GLU D 138 -45.93 -7.75 -21.49
CA GLU D 138 -45.60 -8.68 -22.57
C GLU D 138 -45.09 -7.92 -23.79
N GLN D 139 -45.70 -6.78 -24.12
CA GLN D 139 -45.25 -5.99 -25.25
C GLN D 139 -43.83 -5.47 -25.02
N LEU D 140 -43.57 -4.94 -23.82
CA LEU D 140 -42.22 -4.49 -23.50
C LEU D 140 -41.22 -5.63 -23.50
N ARG D 141 -41.67 -6.85 -23.18
CA ARG D 141 -40.77 -8.00 -23.22
C ARG D 141 -40.46 -8.41 -24.66
N GLY D 142 -41.44 -8.30 -25.55
CA GLY D 142 -41.18 -8.57 -26.96
C GLY D 142 -40.29 -7.54 -27.59
N ILE D 143 -40.50 -6.26 -27.26
CA ILE D 143 -39.57 -5.21 -27.68
C ILE D 143 -38.17 -5.51 -27.16
N GLU D 144 -38.08 -5.97 -25.90
CA GLU D 144 -36.79 -6.38 -25.37
C GLU D 144 -36.17 -7.48 -26.21
N GLY D 145 -36.99 -8.44 -26.66
CA GLY D 145 -36.47 -9.52 -27.48
C GLY D 145 -35.92 -9.03 -28.81
N SER D 146 -36.68 -8.17 -29.50
CA SER D 146 -36.22 -7.67 -30.79
C SER D 146 -34.99 -6.78 -30.63
N ARG D 147 -34.98 -5.91 -29.61
CA ARG D 147 -33.83 -5.04 -29.38
C ARG D 147 -32.59 -5.84 -29.04
N VAL D 148 -32.73 -6.89 -28.23
CA VAL D 148 -31.58 -7.71 -27.86
C VAL D 148 -31.07 -8.50 -29.07
N ARG D 149 -32.00 -8.99 -29.90
CA ARG D 149 -31.60 -9.70 -31.11
C ARG D 149 -30.81 -8.79 -32.05
N ALA D 150 -31.37 -7.61 -32.35
CA ALA D 150 -30.68 -6.66 -33.21
C ALA D 150 -29.38 -6.17 -32.59
N THR D 151 -29.30 -6.14 -31.26
CA THR D 151 -28.08 -5.71 -30.60
C THR D 151 -26.98 -6.77 -30.73
N TYR D 152 -27.34 -8.04 -30.52
CA TYR D 152 -26.41 -9.12 -30.82
C TYR D 152 -25.92 -9.05 -32.26
N ALA D 153 -26.84 -8.80 -33.20
CA ALA D 153 -26.43 -8.69 -34.60
C ALA D 153 -25.46 -7.53 -34.81
N LEU D 154 -25.74 -6.38 -34.19
CA LEU D 154 -24.89 -5.21 -34.40
C LEU D 154 -23.50 -5.40 -33.79
N LEU D 155 -23.43 -5.97 -32.59
CA LEU D 155 -22.14 -6.33 -32.01
C LEU D 155 -21.41 -7.34 -32.88
N ALA D 156 -22.16 -8.26 -33.51
CA ALA D 156 -21.53 -9.24 -34.38
C ALA D 156 -20.90 -8.58 -35.61
N LYS D 157 -21.64 -7.68 -36.26
CA LYS D 157 -21.08 -7.01 -37.43
C LYS D 157 -19.96 -6.05 -37.06
N GLN D 158 -20.01 -5.46 -35.87
CA GLN D 158 -18.95 -4.55 -35.46
C GLN D 158 -17.67 -5.30 -35.10
N TYR D 159 -17.79 -6.41 -34.39
CA TYR D 159 -16.62 -7.19 -33.98
C TYR D 159 -16.20 -8.22 -35.01
N GLY D 160 -16.92 -8.34 -36.12
CA GLY D 160 -16.55 -9.27 -37.17
C GLY D 160 -16.58 -10.72 -36.71
N VAL D 161 -17.69 -11.14 -36.12
CA VAL D 161 -17.87 -12.50 -35.63
C VAL D 161 -19.04 -13.12 -36.36
N THR D 162 -18.88 -14.38 -36.77
CA THR D 162 -19.95 -15.11 -37.45
C THR D 162 -21.08 -15.38 -36.46
N TRP D 163 -22.26 -14.82 -36.74
CA TRP D 163 -23.39 -14.87 -35.81
C TRP D 163 -24.61 -15.41 -36.52
N ASN D 164 -25.35 -16.27 -35.81
CA ASN D 164 -26.62 -16.79 -36.31
C ASN D 164 -27.73 -16.79 -35.27
N GLY D 165 -27.42 -16.76 -33.99
CA GLY D 165 -28.45 -16.78 -32.96
C GLY D 165 -27.82 -16.94 -31.60
N ARG D 166 -28.69 -16.94 -30.58
CA ARG D 166 -28.22 -17.04 -29.20
C ARG D 166 -27.76 -18.46 -28.87
N ARG D 167 -28.70 -19.39 -28.82
CA ARG D 167 -28.42 -20.80 -28.56
C ARG D 167 -27.58 -20.97 -27.29
N TYR D 168 -28.25 -20.77 -26.15
CA TYR D 168 -27.58 -20.92 -24.86
C TYR D 168 -27.41 -22.37 -24.45
N ASP D 169 -28.01 -23.30 -25.18
CA ASP D 169 -27.85 -24.73 -24.88
C ASP D 169 -26.54 -25.23 -25.46
N PRO D 170 -25.64 -25.79 -24.65
CA PRO D 170 -24.33 -26.23 -25.18
C PRO D 170 -24.40 -27.40 -26.14
N LYS D 171 -25.60 -27.79 -26.55
CA LYS D 171 -25.75 -28.91 -27.47
C LYS D 171 -25.32 -28.55 -28.88
N ASP D 172 -25.74 -27.38 -29.37
CA ASP D 172 -25.46 -26.96 -30.73
C ASP D 172 -24.17 -26.16 -30.86
N TRP D 173 -23.34 -26.13 -29.82
CA TRP D 173 -22.09 -25.37 -29.88
C TRP D 173 -21.11 -26.01 -30.84
N GLU D 174 -20.57 -27.17 -30.47
CA GLU D 174 -19.60 -27.89 -31.30
C GLU D 174 -18.44 -27.01 -31.74
N ASP D 177 -18.12 -22.56 -33.08
CA ASP D 177 -19.05 -21.67 -32.41
C ASP D 177 -18.57 -21.33 -31.00
N THR D 178 -17.59 -20.43 -30.92
CA THR D 178 -17.06 -20.01 -29.63
C THR D 178 -17.72 -18.74 -29.10
N ILE D 179 -18.45 -18.01 -29.93
CA ILE D 179 -19.06 -16.76 -29.49
C ILE D 179 -20.17 -17.04 -28.47
N ASN D 180 -20.98 -18.07 -28.71
CA ASN D 180 -22.03 -18.41 -27.76
C ASN D 180 -21.43 -18.89 -26.44
N GLN D 181 -20.30 -19.60 -26.51
CA GLN D 181 -19.62 -20.02 -25.28
C GLN D 181 -19.10 -18.82 -24.52
N CYS D 182 -18.56 -17.82 -25.23
CA CYS D 182 -18.05 -16.62 -24.56
C CYS D 182 -19.17 -15.81 -23.94
N ILE D 183 -20.30 -15.69 -24.63
CA ILE D 183 -21.45 -14.98 -24.07
C ILE D 183 -22.01 -15.71 -22.86
N SER D 184 -22.07 -17.04 -22.95
CA SER D 184 -22.60 -17.82 -21.83
C SER D 184 -21.70 -17.72 -20.61
N ALA D 185 -20.38 -17.79 -20.80
CA ALA D 185 -19.47 -17.67 -19.66
C ALA D 185 -19.49 -16.26 -19.07
N ALA D 186 -19.47 -15.25 -19.94
CA ALA D 186 -19.47 -13.86 -19.46
C ALA D 186 -20.74 -13.54 -18.69
N THR D 187 -21.90 -13.75 -19.33
CA THR D 187 -23.17 -13.56 -18.64
C THR D 187 -23.29 -14.47 -17.42
N SER D 188 -22.60 -15.60 -17.41
CA SER D 188 -22.57 -16.42 -16.20
C SER D 188 -21.85 -15.71 -15.06
N CYS D 189 -20.71 -15.10 -15.35
CA CYS D 189 -20.03 -14.29 -14.33
C CYS D 189 -20.93 -13.18 -13.84
N LEU D 190 -21.55 -12.44 -14.76
CA LEU D 190 -22.41 -11.33 -14.35
C LEU D 190 -23.59 -11.83 -13.51
N TYR D 191 -24.13 -13.00 -13.84
CA TYR D 191 -25.22 -13.56 -13.03
C TYR D 191 -24.72 -13.99 -11.67
N GLY D 192 -23.47 -14.46 -11.57
CA GLY D 192 -22.93 -14.82 -10.27
C GLY D 192 -22.77 -13.62 -9.35
N VAL D 193 -22.09 -12.57 -9.84
CA VAL D 193 -21.92 -11.40 -8.98
C VAL D 193 -23.24 -10.67 -8.76
N THR D 194 -24.18 -10.79 -9.71
CA THR D 194 -25.47 -10.15 -9.54
C THR D 194 -26.31 -10.86 -8.48
N GLU D 195 -26.33 -12.19 -8.51
CA GLU D 195 -27.01 -12.94 -7.45
C GLU D 195 -26.36 -12.69 -6.10
N ALA D 196 -25.02 -12.62 -6.08
CA ALA D 196 -24.32 -12.32 -4.83
C ALA D 196 -24.72 -10.94 -4.30
N ALA D 197 -24.82 -9.96 -5.19
CA ALA D 197 -25.23 -8.62 -4.76
C ALA D 197 -26.66 -8.61 -4.24
N ILE D 198 -27.57 -9.29 -4.95
CA ILE D 198 -28.98 -9.28 -4.53
C ILE D 198 -29.14 -9.97 -3.19
N LEU D 199 -28.40 -11.06 -2.96
CA LEU D 199 -28.42 -11.71 -1.65
C LEU D 199 -27.83 -10.80 -0.58
N ALA D 200 -26.77 -10.08 -0.90
CA ALA D 200 -26.11 -9.24 0.09
C ALA D 200 -26.98 -8.06 0.51
N ALA D 201 -27.67 -7.43 -0.45
CA ALA D 201 -28.47 -6.25 -0.13
C ALA D 201 -29.69 -6.59 0.71
N GLY D 202 -30.13 -7.84 0.71
CA GLY D 202 -31.29 -8.25 1.46
C GLY D 202 -32.53 -8.54 0.64
N TYR D 203 -32.42 -8.74 -0.67
CA TYR D 203 -33.55 -8.98 -1.53
C TYR D 203 -33.68 -10.46 -1.87
N ALA D 204 -34.78 -10.81 -2.55
CA ALA D 204 -35.03 -12.18 -2.94
C ALA D 204 -34.72 -12.35 -4.41
N PRO D 205 -33.78 -13.22 -4.79
CA PRO D 205 -33.49 -13.41 -6.22
C PRO D 205 -34.63 -14.08 -6.98
N ALA D 206 -35.52 -14.79 -6.29
CA ALA D 206 -36.62 -15.47 -6.97
C ALA D 206 -37.79 -14.55 -7.29
N ILE D 207 -37.94 -13.45 -6.56
CA ILE D 207 -39.05 -12.52 -6.76
C ILE D 207 -38.61 -11.51 -7.81
N GLY D 208 -39.11 -11.66 -9.03
CA GLY D 208 -38.76 -10.79 -10.14
C GLY D 208 -39.97 -10.11 -10.75
N PHE D 209 -39.68 -9.32 -11.77
CA PHE D 209 -40.70 -8.52 -12.45
C PHE D 209 -40.80 -8.81 -13.95
N VAL D 210 -39.67 -8.95 -14.63
CA VAL D 210 -39.68 -9.19 -16.07
C VAL D 210 -39.59 -10.68 -16.34
N HIS D 211 -38.52 -11.31 -15.84
CA HIS D 211 -38.31 -12.73 -16.11
C HIS D 211 -39.04 -13.59 -15.10
N THR D 212 -40.34 -13.35 -14.93
CA THR D 212 -41.12 -14.08 -13.94
C THR D 212 -41.18 -15.57 -14.27
N GLY D 213 -41.37 -16.38 -13.24
CA GLY D 213 -41.45 -17.82 -13.41
C GLY D 213 -40.14 -18.54 -13.11
N LYS D 214 -39.02 -17.93 -13.49
CA LYS D 214 -37.72 -18.53 -13.31
C LYS D 214 -37.24 -18.36 -11.86
N PRO D 215 -36.44 -19.31 -11.35
CA PRO D 215 -36.05 -19.25 -9.93
C PRO D 215 -35.12 -18.11 -9.58
N LEU D 216 -34.53 -17.42 -10.55
CA LEU D 216 -33.63 -16.29 -10.30
C LEU D 216 -34.08 -15.08 -11.10
N SER D 217 -35.37 -14.78 -11.02
CA SER D 217 -35.98 -13.76 -11.89
C SER D 217 -35.33 -12.40 -11.67
N PHE D 218 -35.20 -11.98 -10.41
CA PHE D 218 -34.65 -10.66 -10.14
C PHE D 218 -33.20 -10.55 -10.60
N VAL D 219 -32.44 -11.65 -10.50
CA VAL D 219 -31.07 -11.65 -11.01
C VAL D 219 -31.07 -11.42 -12.52
N TYR D 220 -31.99 -12.05 -13.23
CA TYR D 220 -32.06 -11.88 -14.67
C TYR D 220 -32.50 -10.47 -15.05
N ASP D 221 -33.38 -9.86 -14.26
CA ASP D 221 -33.76 -8.47 -14.52
C ASP D 221 -32.56 -7.55 -14.33
N ILE D 222 -32.00 -7.52 -13.12
CA ILE D 222 -30.93 -6.59 -12.79
C ILE D 222 -29.74 -6.79 -13.73
N ALA D 223 -29.36 -8.05 -13.97
CA ALA D 223 -28.20 -8.31 -14.81
C ALA D 223 -28.49 -8.03 -16.28
N ASP D 224 -29.71 -8.35 -16.73
CA ASP D 224 -30.09 -8.01 -18.09
C ASP D 224 -30.12 -6.51 -18.33
N ILE D 225 -30.24 -5.70 -17.26
CA ILE D 225 -30.21 -4.26 -17.44
C ILE D 225 -28.84 -3.80 -17.93
N ILE D 226 -27.77 -4.33 -17.35
CA ILE D 226 -26.42 -3.83 -17.60
C ILE D 226 -25.58 -4.86 -18.35
N LYS D 227 -26.21 -5.82 -19.01
CA LYS D 227 -25.48 -6.90 -19.68
C LYS D 227 -24.66 -6.35 -20.85
N PHE D 228 -25.35 -5.72 -21.81
CA PHE D 228 -24.70 -5.29 -23.03
C PHE D 228 -23.86 -4.03 -22.84
N ASP D 229 -24.04 -3.31 -21.73
CA ASP D 229 -23.25 -2.12 -21.51
C ASP D 229 -21.79 -2.44 -21.21
N THR D 230 -21.50 -3.63 -20.72
CA THR D 230 -20.15 -3.94 -20.26
C THR D 230 -19.69 -5.34 -20.62
N VAL D 231 -20.53 -6.35 -20.40
CA VAL D 231 -20.04 -7.72 -20.31
C VAL D 231 -20.06 -8.42 -21.66
N VAL D 232 -21.13 -8.29 -22.43
CA VAL D 232 -21.29 -8.99 -23.70
C VAL D 232 -20.28 -8.50 -24.74
N PRO D 233 -20.09 -7.18 -24.95
CA PRO D 233 -19.10 -6.75 -25.93
C PRO D 233 -17.72 -7.33 -25.69
N LYS D 234 -17.32 -7.42 -24.42
CA LYS D 234 -16.04 -8.06 -24.10
C LYS D 234 -16.07 -9.53 -24.48
N ALA D 235 -17.23 -10.18 -24.42
CA ALA D 235 -17.33 -11.57 -24.85
C ALA D 235 -17.16 -11.68 -26.37
N PHE D 236 -17.69 -10.71 -27.12
CA PHE D 236 -17.46 -10.69 -28.55
C PHE D 236 -15.99 -10.45 -28.87
N GLU D 237 -15.33 -9.59 -28.10
CA GLU D 237 -13.91 -9.31 -28.33
C GLU D 237 -13.06 -10.54 -28.03
N ILE D 238 -13.35 -11.24 -26.94
CA ILE D 238 -12.66 -12.50 -26.65
C ILE D 238 -12.93 -13.51 -27.76
N ALA D 239 -14.16 -13.54 -28.26
CA ALA D 239 -14.52 -14.51 -29.29
C ALA D 239 -13.81 -14.24 -30.61
N ARG D 240 -13.54 -12.98 -30.92
CA ARG D 240 -12.90 -12.68 -32.21
C ARG D 240 -11.47 -13.21 -32.25
N ARG D 241 -10.74 -13.10 -31.15
CA ARG D 241 -9.36 -13.56 -31.12
C ARG D 241 -9.26 -15.09 -31.18
N ASN D 242 -10.33 -15.80 -30.82
CA ASN D 242 -10.40 -17.25 -30.87
C ASN D 242 -9.22 -17.90 -30.14
N PRO D 243 -9.17 -17.79 -28.81
CA PRO D 243 -8.07 -18.43 -28.07
C PRO D 243 -8.35 -19.89 -27.77
N GLY D 244 -7.28 -20.59 -27.39
CA GLY D 244 -7.42 -21.99 -27.03
C GLY D 244 -8.15 -22.20 -25.71
N GLU D 245 -8.08 -21.21 -24.81
CA GLU D 245 -8.75 -21.25 -23.51
C GLU D 245 -9.78 -20.12 -23.48
N PRO D 246 -10.94 -20.31 -24.09
CA PRO D 246 -11.95 -19.24 -24.07
C PRO D 246 -12.50 -18.96 -22.68
N ASP D 247 -12.63 -19.98 -21.84
CA ASP D 247 -13.17 -19.76 -20.50
C ASP D 247 -12.27 -18.85 -19.68
N ARG D 248 -10.96 -19.10 -19.71
CA ARG D 248 -10.03 -18.28 -18.93
C ARG D 248 -10.01 -16.84 -19.45
N GLU D 249 -9.99 -16.67 -20.77
CA GLU D 249 -9.98 -15.32 -21.33
C GLU D 249 -11.25 -14.56 -21.00
N VAL D 250 -12.39 -15.25 -21.03
CA VAL D 250 -13.66 -14.60 -20.71
C VAL D 250 -13.71 -14.25 -19.22
N ARG D 251 -13.20 -15.14 -18.37
CA ARG D 251 -13.21 -14.85 -16.92
C ARG D 251 -12.32 -13.67 -16.60
N LEU D 252 -11.09 -13.67 -17.12
CA LEU D 252 -10.18 -12.56 -16.88
C LEU D 252 -10.73 -11.26 -17.44
N ALA D 253 -11.29 -11.32 -18.65
CA ALA D 253 -11.85 -10.12 -19.27
C ALA D 253 -13.02 -9.57 -18.47
N CYS D 254 -13.94 -10.45 -18.03
CA CYS D 254 -15.03 -10.01 -17.18
C CYS D 254 -14.52 -9.42 -15.88
N ARG D 255 -13.43 -9.99 -15.34
CA ARG D 255 -12.84 -9.46 -14.13
C ARG D 255 -12.37 -8.02 -14.34
N ASP D 256 -11.64 -7.77 -15.43
CA ASP D 256 -11.20 -6.41 -15.72
C ASP D 256 -12.41 -5.49 -15.94
N ILE D 257 -13.45 -5.99 -16.58
CA ILE D 257 -14.63 -5.16 -16.84
C ILE D 257 -15.31 -4.76 -15.54
N PHE D 258 -15.48 -5.72 -14.63
CA PHE D 258 -16.08 -5.43 -13.34
C PHE D 258 -15.22 -4.46 -12.53
N ARG D 259 -13.90 -4.62 -12.61
CA ARG D 259 -13.01 -3.72 -11.90
C ARG D 259 -13.15 -2.29 -12.42
N SER D 260 -13.01 -2.10 -13.73
CA SER D 260 -13.01 -0.75 -14.29
C SER D 260 -14.39 -0.12 -14.25
N SER D 261 -15.45 -0.92 -14.28
CA SER D 261 -16.81 -0.40 -14.33
C SER D 261 -17.42 -0.19 -12.96
N LYS D 262 -16.75 -0.61 -11.88
CA LYS D 262 -17.29 -0.54 -10.52
C LYS D 262 -18.65 -1.21 -10.44
N THR D 263 -18.72 -2.44 -10.98
CA THR D 263 -20.00 -3.15 -11.05
C THR D 263 -20.52 -3.49 -9.66
N LEU D 264 -19.66 -4.04 -8.80
CA LEU D 264 -20.09 -4.41 -7.45
C LEU D 264 -20.56 -3.19 -6.66
N ALA D 265 -19.94 -2.03 -6.90
CA ALA D 265 -20.35 -0.81 -6.20
C ALA D 265 -21.66 -0.25 -6.73
N LYS D 266 -21.95 -0.46 -8.01
CA LYS D 266 -23.15 0.09 -8.63
C LYS D 266 -24.34 -0.85 -8.60
N LEU D 267 -24.15 -2.12 -8.24
CA LEU D 267 -25.24 -3.10 -8.34
C LEU D 267 -26.37 -2.77 -7.38
N ILE D 268 -26.06 -2.51 -6.12
CA ILE D 268 -27.06 -2.25 -5.09
C ILE D 268 -27.82 -0.96 -5.37
N PRO D 269 -27.15 0.18 -5.64
CA PRO D 269 -27.92 1.39 -5.98
C PRO D 269 -28.71 1.25 -7.26
N LEU D 270 -28.27 0.37 -8.19
CA LEU D 270 -29.08 0.08 -9.35
C LEU D 270 -30.39 -0.59 -8.96
N ILE D 271 -30.32 -1.56 -8.04
CA ILE D 271 -31.54 -2.22 -7.55
C ILE D 271 -32.44 -1.21 -6.86
N GLU D 272 -31.86 -0.38 -5.99
CA GLU D 272 -32.66 0.61 -5.28
C GLU D 272 -33.35 1.58 -6.24
N ASP D 273 -32.62 2.05 -7.25
CA ASP D 273 -33.21 2.98 -8.20
C ASP D 273 -34.25 2.30 -9.10
N VAL D 274 -34.08 0.99 -9.35
CA VAL D 274 -35.08 0.27 -10.12
C VAL D 274 -36.37 0.14 -9.32
N LEU D 275 -36.27 -0.33 -8.08
CA LEU D 275 -37.46 -0.49 -7.25
C LEU D 275 -38.02 0.84 -6.75
N ALA D 276 -37.31 1.94 -6.95
CA ALA D 276 -37.77 3.26 -6.52
C ALA D 276 -38.90 3.81 -7.38
N ALA D 277 -39.43 3.04 -8.34
CA ALA D 277 -40.50 3.54 -9.19
C ALA D 277 -41.78 3.74 -8.38
N GLY D 278 -42.16 2.74 -7.59
CA GLY D 278 -43.36 2.85 -6.79
C GLY D 278 -43.14 3.58 -5.47
N GLU D 279 -43.27 4.90 -5.50
CA GLU D 279 -43.08 5.71 -4.30
C GLU D 279 -44.18 5.44 -3.28
N MET E 1 3.08 7.78 -6.02
CA MET E 1 3.60 7.13 -4.83
C MET E 1 2.67 6.01 -4.35
N SER E 2 3.19 4.80 -4.31
CA SER E 2 2.46 3.62 -3.87
C SER E 2 3.21 2.93 -2.74
N MET E 3 2.49 2.11 -1.99
CA MET E 3 3.08 1.38 -0.88
C MET E 3 3.83 0.16 -1.39
N LEU E 4 4.93 -0.15 -0.72
CA LEU E 4 5.85 -1.21 -1.13
C LEU E 4 6.23 -2.05 0.08
N VAL E 5 6.16 -3.36 -0.07
CA VAL E 5 6.60 -4.30 0.96
C VAL E 5 7.49 -5.34 0.29
N VAL E 6 8.66 -5.57 0.89
CA VAL E 6 9.64 -6.52 0.37
C VAL E 6 9.99 -7.46 1.51
N VAL E 7 9.61 -8.72 1.39
CA VAL E 7 9.96 -9.71 2.41
C VAL E 7 10.97 -10.68 1.79
N THR E 8 12.11 -10.80 2.45
CA THR E 8 13.26 -11.56 1.99
C THR E 8 13.46 -12.80 2.85
N GLU E 9 14.17 -13.77 2.29
CA GLU E 9 14.43 -15.01 3.01
C GLU E 9 15.75 -15.60 2.53
N ASN E 10 16.68 -15.81 3.46
CA ASN E 10 17.96 -16.46 3.20
C ASN E 10 18.77 -15.67 2.17
N VAL E 11 18.86 -14.36 2.37
CA VAL E 11 19.60 -13.48 1.47
C VAL E 11 20.85 -12.96 2.17
N PRO E 12 21.92 -12.68 1.43
CA PRO E 12 23.12 -12.13 2.06
C PRO E 12 22.85 -10.73 2.60
N PRO E 13 23.63 -10.29 3.60
CA PRO E 13 23.31 -9.02 4.26
C PRO E 13 23.43 -7.80 3.37
N ARG E 14 24.14 -7.91 2.24
CA ARG E 14 24.24 -6.76 1.33
C ARG E 14 22.86 -6.31 0.88
N LEU E 15 22.01 -7.26 0.50
CA LEU E 15 20.66 -6.92 0.05
C LEU E 15 19.82 -6.37 1.20
N ARG E 16 20.05 -6.84 2.42
CA ARG E 16 19.29 -6.34 3.56
C ARG E 16 19.65 -4.90 3.88
N GLY E 17 20.95 -4.56 3.78
CA GLY E 17 21.35 -3.17 3.96
C GLY E 17 20.85 -2.28 2.83
N ARG E 18 21.03 -2.73 1.59
CA ARG E 18 20.53 -1.97 0.44
C ARG E 18 19.05 -1.66 0.58
N LEU E 19 18.26 -2.68 0.94
CA LEU E 19 16.84 -2.45 1.19
C LEU E 19 16.64 -1.53 2.38
N ALA E 20 17.54 -1.56 3.36
CA ALA E 20 17.46 -0.63 4.47
C ALA E 20 17.79 0.81 4.08
N ILE E 21 18.36 1.03 2.89
CA ILE E 21 18.66 2.39 2.46
C ILE E 21 17.37 3.15 2.17
N TRP E 22 16.41 2.51 1.51
CA TRP E 22 15.18 3.18 1.09
C TRP E 22 13.94 2.73 1.85
N LEU E 23 13.97 1.56 2.47
CA LEU E 23 12.80 0.99 3.12
C LEU E 23 13.03 0.89 4.63
N LEU E 24 11.94 0.57 5.33
CA LEU E 24 11.96 0.45 6.79
C LEU E 24 11.83 -1.02 7.16
N GLU E 25 12.86 -1.57 7.79
CA GLU E 25 12.85 -2.97 8.21
C GLU E 25 12.09 -3.07 9.52
N VAL E 26 10.79 -3.37 9.41
CA VAL E 26 9.95 -3.41 10.59
C VAL E 26 10.04 -4.78 11.28
N ARG E 27 10.35 -5.83 10.53
CA ARG E 27 10.60 -7.14 11.10
C ARG E 27 11.80 -7.76 10.41
N ALA E 28 12.29 -8.86 10.96
CA ALA E 28 13.44 -9.57 10.40
C ALA E 28 13.20 -9.93 8.94
N GLY E 29 13.68 -9.09 8.02
CA GLY E 29 13.54 -9.34 6.61
C GLY E 29 12.31 -8.76 5.96
N VAL E 30 11.51 -7.98 6.69
CA VAL E 30 10.28 -7.39 6.16
C VAL E 30 10.48 -5.89 6.05
N TYR E 31 10.37 -5.37 4.84
CA TYR E 31 10.63 -3.96 4.56
C TYR E 31 9.37 -3.29 4.03
N VAL E 32 9.13 -2.07 4.49
CA VAL E 32 7.92 -1.32 4.15
C VAL E 32 8.32 0.11 3.79
N GLY E 33 7.79 0.61 2.69
CA GLY E 33 8.05 1.98 2.28
C GLY E 33 6.95 2.48 1.36
N ASP E 34 7.17 3.69 0.83
CA ASP E 34 6.27 4.30 -0.14
C ASP E 34 7.11 4.91 -1.24
N VAL E 35 7.12 4.29 -2.42
CA VAL E 35 8.00 4.70 -3.50
C VAL E 35 7.18 4.84 -4.78
N SER E 36 7.81 5.42 -5.80
CA SER E 36 7.20 5.54 -7.10
C SER E 36 7.47 4.28 -7.93
N ALA E 37 7.01 4.29 -9.17
CA ALA E 37 7.16 3.11 -10.02
C ALA E 37 8.62 2.88 -10.40
N LYS E 38 9.33 3.94 -10.80
CA LYS E 38 10.72 3.79 -11.20
C LYS E 38 11.60 3.41 -10.02
N ILE E 39 11.34 3.99 -8.84
CA ILE E 39 12.08 3.61 -7.65
C ILE E 39 11.83 2.14 -7.32
N ARG E 40 10.57 1.69 -7.48
CA ARG E 40 10.26 0.28 -7.27
C ARG E 40 11.03 -0.61 -8.23
N GLU E 41 11.10 -0.21 -9.50
CA GLU E 41 11.85 -0.98 -10.48
C GLU E 41 13.33 -1.05 -10.13
N MET E 42 13.89 0.07 -9.65
CA MET E 42 15.28 0.08 -9.24
C MET E 42 15.51 -0.84 -8.04
N ILE E 43 14.62 -0.77 -7.05
CA ILE E 43 14.72 -1.65 -5.89
C ILE E 43 14.66 -3.11 -6.33
N TRP E 44 13.81 -3.41 -7.31
CA TRP E 44 13.75 -4.78 -7.81
C TRP E 44 15.04 -5.16 -8.55
N GLU E 45 15.66 -4.20 -9.24
CA GLU E 45 17.00 -4.46 -9.80
C GLU E 45 17.96 -4.87 -8.70
N GLN E 46 17.94 -4.14 -7.58
CA GLN E 46 18.80 -4.49 -6.44
C GLN E 46 18.47 -5.88 -5.93
N ILE E 47 17.19 -6.22 -5.83
CA ILE E 47 16.77 -7.50 -5.27
C ILE E 47 17.26 -8.65 -6.15
N ALA E 48 16.97 -8.55 -7.45
CA ALA E 48 17.38 -9.61 -8.37
C ALA E 48 18.89 -9.72 -8.45
N GLY E 49 19.60 -8.59 -8.36
CA GLY E 49 21.05 -8.63 -8.45
C GLY E 49 21.75 -9.11 -7.19
N LEU E 50 21.11 -8.99 -6.04
CA LEU E 50 21.80 -9.23 -4.76
C LEU E 50 21.34 -10.46 -4.01
N ALA E 51 20.16 -11.01 -4.31
CA ALA E 51 19.66 -12.15 -3.57
C ALA E 51 20.51 -13.39 -3.80
N GLU E 52 20.74 -13.73 -5.06
CA GLU E 52 21.67 -14.79 -5.47
C GLU E 52 21.21 -16.19 -5.08
N GLU E 53 20.86 -16.39 -3.80
CA GLU E 53 20.41 -17.70 -3.35
C GLU E 53 19.17 -17.70 -2.47
N GLY E 54 18.62 -16.55 -2.09
CA GLY E 54 17.43 -16.50 -1.27
C GLY E 54 16.19 -16.23 -2.10
N ASN E 55 15.04 -16.28 -1.43
CA ASN E 55 13.76 -16.03 -2.05
C ASN E 55 13.20 -14.73 -1.49
N VAL E 56 12.94 -13.77 -2.38
CA VAL E 56 12.44 -12.45 -2.01
C VAL E 56 11.17 -12.20 -2.79
N VAL E 57 10.11 -11.79 -2.09
CA VAL E 57 8.86 -11.44 -2.75
C VAL E 57 8.56 -9.98 -2.45
N MET E 58 8.13 -9.26 -3.48
CA MET E 58 7.83 -7.83 -3.40
C MET E 58 6.38 -7.60 -3.84
N ALA E 59 5.65 -6.83 -3.04
CA ALA E 59 4.28 -6.45 -3.36
C ALA E 59 4.16 -4.93 -3.28
N TRP E 60 3.33 -4.37 -4.15
CA TRP E 60 3.14 -2.94 -4.23
C TRP E 60 1.68 -2.63 -4.51
N ALA E 61 1.25 -1.45 -4.06
CA ALA E 61 -0.12 -1.02 -4.26
C ALA E 61 -0.34 -0.55 -5.68
N THR E 62 -1.47 -0.96 -6.26
CA THR E 62 -1.83 -0.62 -7.63
C THR E 62 -3.33 -0.40 -7.70
N ASN E 63 -3.86 -0.32 -8.91
CA ASN E 63 -5.28 -0.17 -9.16
C ASN E 63 -5.91 -1.45 -9.71
N THR E 64 -5.30 -2.60 -9.46
CA THR E 64 -5.89 -3.87 -9.87
C THR E 64 -7.09 -4.18 -8.99
N GLU E 65 -7.72 -5.33 -9.27
CA GLU E 65 -8.93 -5.69 -8.51
C GLU E 65 -8.60 -5.96 -7.05
N THR E 66 -7.48 -6.63 -6.78
CA THR E 66 -7.06 -6.89 -5.42
C THR E 66 -6.42 -5.69 -4.75
N GLY E 67 -6.11 -4.63 -5.50
CA GLY E 67 -5.50 -3.44 -4.94
C GLY E 67 -3.99 -3.48 -4.83
N PHE E 68 -3.37 -4.61 -5.15
CA PHE E 68 -1.92 -4.74 -5.04
C PHE E 68 -1.47 -5.88 -5.95
N GLU E 69 -0.19 -5.87 -6.29
CA GLU E 69 0.41 -6.96 -7.07
C GLU E 69 1.74 -7.34 -6.44
N PHE E 70 2.22 -8.54 -6.77
CA PHE E 70 3.46 -9.02 -6.18
C PHE E 70 4.19 -9.91 -7.18
N GLN E 71 5.51 -10.00 -7.03
CA GLN E 71 6.32 -10.92 -7.80
C GLN E 71 7.40 -11.50 -6.90
N THR E 72 7.94 -12.63 -7.32
CA THR E 72 8.91 -13.36 -6.51
C THR E 72 10.24 -13.49 -7.25
N PHE E 73 11.27 -13.80 -6.48
CA PHE E 73 12.60 -14.12 -6.99
C PHE E 73 13.14 -15.26 -6.15
N GLY E 74 13.54 -16.34 -6.82
CA GLY E 74 13.98 -17.54 -6.14
C GLY E 74 12.83 -18.48 -5.82
N LEU E 75 13.20 -19.70 -5.43
CA LEU E 75 12.23 -20.74 -5.14
C LEU E 75 11.80 -20.66 -3.69
N ASN E 76 10.54 -21.05 -3.44
CA ASN E 76 9.98 -21.02 -2.10
C ASN E 76 8.84 -22.03 -2.03
N ARG E 77 8.58 -22.54 -0.82
CA ARG E 77 7.46 -23.44 -0.64
C ARG E 77 6.14 -22.76 -0.94
N ARG E 78 6.05 -21.45 -0.71
CA ARG E 78 4.88 -20.67 -1.08
C ARG E 78 5.12 -20.09 -2.47
N THR E 79 4.50 -20.71 -3.48
CA THR E 79 4.61 -20.37 -4.89
C THR E 79 3.36 -19.67 -5.38
N PRO E 80 3.49 -18.59 -6.16
CA PRO E 80 2.30 -17.95 -6.72
C PRO E 80 1.62 -18.83 -7.76
N VAL E 81 0.29 -18.71 -7.82
CA VAL E 81 -0.52 -19.42 -8.80
C VAL E 81 -1.49 -18.43 -9.41
N ASP E 82 -1.84 -18.67 -10.68
CA ASP E 82 -2.75 -17.81 -11.42
C ASP E 82 -4.11 -18.47 -11.52
N LEU E 83 -5.13 -17.80 -10.99
CA LEU E 83 -6.52 -18.28 -11.03
C LEU E 83 -7.31 -17.32 -11.89
N ASP E 84 -7.32 -17.57 -13.21
CA ASP E 84 -8.09 -16.80 -14.17
C ASP E 84 -7.85 -15.31 -14.02
N GLY E 85 -6.60 -14.94 -13.77
CA GLY E 85 -6.19 -13.56 -13.62
C GLY E 85 -5.85 -13.16 -12.20
N LEU E 86 -6.51 -13.76 -11.21
CA LEU E 86 -6.28 -13.42 -9.82
C LEU E 86 -5.14 -14.29 -9.27
N ARG E 87 -4.05 -13.65 -8.86
CA ARG E 87 -2.85 -14.35 -8.43
C ARG E 87 -2.89 -14.59 -6.93
N LEU E 88 -2.91 -15.87 -6.54
CA LEU E 88 -2.91 -16.28 -5.14
C LEU E 88 -1.60 -17.01 -4.83
N VAL E 89 -1.51 -17.55 -3.62
CA VAL E 89 -0.32 -18.25 -3.16
C VAL E 89 -0.72 -19.66 -2.76
N SER E 90 -0.02 -20.64 -3.32
CA SER E 90 -0.20 -22.04 -2.96
C SER E 90 1.03 -22.54 -2.20
N PHE E 91 0.80 -23.46 -1.28
CA PHE E 91 1.84 -23.99 -0.40
C PHE E 91 2.20 -25.40 -0.86
N LEU E 92 3.38 -25.55 -1.45
CA LEU E 92 3.80 -26.85 -1.95
C LEU E 92 4.16 -27.76 -0.79
N PRO E 93 3.66 -28.98 -0.75
CA PRO E 93 3.99 -29.89 0.36
C PRO E 93 5.37 -30.50 0.20
N VAL E 94 5.86 -31.05 1.29
CA VAL E 94 7.17 -31.71 1.30
C VAL E 94 7.10 -33.05 0.58
N MET F 1 -9.77 2.54 0.19
CA MET F 1 -8.99 1.38 -0.22
C MET F 1 -7.51 1.62 -0.02
N SER F 2 -7.02 1.29 1.17
CA SER F 2 -5.61 1.43 1.52
C SER F 2 -4.96 0.06 1.58
N MET F 3 -3.69 0.00 1.19
CA MET F 3 -2.94 -1.25 1.24
C MET F 3 -2.52 -1.56 2.66
N LEU F 4 -2.65 -2.84 3.03
CA LEU F 4 -2.40 -3.31 4.38
C LEU F 4 -1.39 -4.45 4.35
N VAL F 5 -0.53 -4.51 5.36
CA VAL F 5 0.42 -5.60 5.54
C VAL F 5 0.55 -5.88 7.03
N VAL F 6 0.49 -7.16 7.39
CA VAL F 6 0.46 -7.61 8.77
C VAL F 6 1.49 -8.72 8.93
N VAL F 7 2.48 -8.50 9.78
CA VAL F 7 3.54 -9.48 10.04
C VAL F 7 3.36 -10.00 11.46
N THR F 8 3.04 -11.28 11.57
CA THR F 8 2.82 -11.93 12.86
C THR F 8 4.03 -12.81 13.21
N GLU F 9 4.27 -12.93 14.50
CA GLU F 9 5.39 -13.73 15.01
C GLU F 9 4.93 -14.44 16.28
N ASN F 10 4.95 -15.77 16.24
CA ASN F 10 4.63 -16.61 17.41
C ASN F 10 3.18 -16.42 17.86
N VAL F 11 2.26 -16.40 16.89
CA VAL F 11 0.84 -16.31 17.21
C VAL F 11 0.21 -17.69 17.07
N PRO F 12 -0.88 -17.99 17.75
CA PRO F 12 -1.53 -19.28 17.59
C PRO F 12 -2.14 -19.41 16.21
N PRO F 13 -2.34 -20.64 15.72
CA PRO F 13 -2.87 -20.81 14.36
C PRO F 13 -4.24 -20.19 14.15
N ARG F 14 -5.00 -19.95 15.20
CA ARG F 14 -6.30 -19.32 15.05
C ARG F 14 -6.16 -17.95 14.38
N LEU F 15 -5.25 -17.12 14.90
CA LEU F 15 -5.04 -15.80 14.31
C LEU F 15 -4.51 -15.91 12.89
N ARG F 16 -3.70 -16.93 12.60
CA ARG F 16 -3.14 -17.09 11.27
C ARG F 16 -4.22 -17.41 10.25
N GLY F 17 -5.10 -18.35 10.59
CA GLY F 17 -6.22 -18.65 9.71
C GLY F 17 -7.18 -17.47 9.56
N ARG F 18 -7.50 -16.82 10.69
CA ARG F 18 -8.38 -15.66 10.65
C ARG F 18 -7.83 -14.57 9.74
N LEU F 19 -6.52 -14.34 9.80
CA LEU F 19 -5.90 -13.39 8.86
C LEU F 19 -5.96 -13.93 7.44
N ALA F 20 -5.83 -15.25 7.26
CA ALA F 20 -5.98 -15.83 5.93
C ALA F 20 -7.39 -15.72 5.39
N ILE F 21 -8.37 -15.39 6.24
CA ILE F 21 -9.74 -15.26 5.75
C ILE F 21 -9.88 -14.05 4.83
N TRP F 22 -9.21 -12.95 5.16
CA TRP F 22 -9.28 -11.72 4.37
C TRP F 22 -8.00 -11.40 3.62
N LEU F 23 -6.84 -11.63 4.22
CA LEU F 23 -5.57 -11.23 3.64
C LEU F 23 -4.87 -12.42 2.99
N LEU F 24 -3.95 -12.12 2.08
CA LEU F 24 -3.18 -13.13 1.38
C LEU F 24 -1.86 -13.36 2.09
N GLU F 25 -1.63 -14.60 2.51
CA GLU F 25 -0.39 -14.98 3.20
C GLU F 25 0.69 -15.24 2.15
N VAL F 26 1.47 -14.21 1.84
CA VAL F 26 2.47 -14.33 0.80
C VAL F 26 3.70 -15.08 1.31
N ARG F 27 4.12 -14.81 2.54
CA ARG F 27 5.18 -15.54 3.21
C ARG F 27 4.70 -15.94 4.60
N ALA F 28 5.51 -16.78 5.27
CA ALA F 28 5.14 -17.30 6.58
C ALA F 28 4.90 -16.17 7.58
N GLY F 29 3.64 -15.90 7.89
CA GLY F 29 3.29 -14.86 8.83
C GLY F 29 3.19 -13.47 8.24
N VAL F 30 3.34 -13.33 6.93
CA VAL F 30 3.28 -12.04 6.26
C VAL F 30 2.02 -12.02 5.40
N TYR F 31 1.06 -11.20 5.79
CA TYR F 31 -0.23 -11.10 5.10
C TYR F 31 -0.34 -9.74 4.42
N VAL F 32 -0.86 -9.74 3.20
CA VAL F 32 -0.99 -8.52 2.41
C VAL F 32 -2.43 -8.41 1.93
N GLY F 33 -2.95 -7.18 1.87
CA GLY F 33 -4.29 -6.95 1.40
C GLY F 33 -4.52 -5.50 1.05
N ASP F 34 -5.78 -5.18 0.78
CA ASP F 34 -6.22 -3.81 0.47
C ASP F 34 -7.60 -3.65 1.08
N VAL F 35 -7.67 -2.99 2.22
CA VAL F 35 -8.92 -2.87 2.97
C VAL F 35 -9.20 -1.40 3.25
N SER F 36 -10.39 -1.15 3.79
CA SER F 36 -10.79 0.20 4.18
C SER F 36 -10.36 0.45 5.63
N ALA F 37 -10.77 1.59 6.18
CA ALA F 37 -10.43 1.89 7.56
C ALA F 37 -11.13 0.95 8.53
N LYS F 38 -12.45 0.77 8.36
CA LYS F 38 -13.21 -0.07 9.28
C LYS F 38 -12.73 -1.51 9.24
N ILE F 39 -12.49 -2.05 8.04
CA ILE F 39 -12.03 -3.42 7.92
C ILE F 39 -10.67 -3.58 8.57
N ARG F 40 -9.80 -2.57 8.43
CA ARG F 40 -8.50 -2.61 9.10
C ARG F 40 -8.66 -2.62 10.60
N GLU F 41 -9.55 -1.78 11.13
CA GLU F 41 -9.79 -1.76 12.58
C GLU F 41 -10.30 -3.10 13.07
N MET F 42 -11.19 -3.74 12.29
CA MET F 42 -11.67 -5.05 12.67
C MET F 42 -10.53 -6.07 12.67
N ILE F 43 -9.68 -6.03 11.65
CA ILE F 43 -8.53 -6.93 11.61
C ILE F 43 -7.65 -6.72 12.84
N TRP F 44 -7.45 -5.46 13.23
CA TRP F 44 -6.68 -5.19 14.44
C TRP F 44 -7.40 -5.71 15.70
N GLU F 45 -8.73 -5.74 15.68
CA GLU F 45 -9.46 -6.36 16.79
C GLU F 45 -9.20 -7.86 16.84
N GLN F 46 -9.19 -8.52 15.67
CA GLN F 46 -8.82 -9.93 15.63
C GLN F 46 -7.41 -10.15 16.17
N ILE F 47 -6.48 -9.29 15.79
CA ILE F 47 -5.09 -9.45 16.21
C ILE F 47 -4.97 -9.27 17.72
N ALA F 48 -5.47 -8.15 18.24
CA ALA F 48 -5.39 -7.88 19.67
C ALA F 48 -6.18 -8.89 20.48
N GLY F 49 -7.18 -9.54 19.89
CA GLY F 49 -7.96 -10.53 20.60
C GLY F 49 -7.47 -11.95 20.46
N LEU F 50 -6.55 -12.22 19.54
CA LEU F 50 -6.09 -13.58 19.28
C LEU F 50 -4.58 -13.77 19.29
N ALA F 51 -3.79 -12.69 19.31
CA ALA F 51 -2.34 -12.85 19.31
C ALA F 51 -1.87 -13.53 20.60
N GLU F 52 -2.34 -13.05 21.75
CA GLU F 52 -2.19 -13.72 23.03
C GLU F 52 -0.74 -13.83 23.49
N GLU F 53 0.15 -14.36 22.65
CA GLU F 53 1.52 -14.65 23.06
C GLU F 53 2.60 -14.07 22.16
N GLY F 54 2.32 -13.80 20.88
CA GLY F 54 3.32 -13.34 19.95
C GLY F 54 3.30 -11.83 19.76
N ASN F 55 4.15 -11.38 18.84
CA ASN F 55 4.25 -9.98 18.46
C ASN F 55 3.79 -9.81 17.02
N VAL F 56 2.88 -8.87 16.81
CA VAL F 56 2.35 -8.58 15.48
C VAL F 56 2.61 -7.11 15.17
N VAL F 57 2.82 -6.82 13.89
CA VAL F 57 2.94 -5.45 13.42
C VAL F 57 2.03 -5.25 12.22
N MET F 58 1.32 -4.13 12.19
CA MET F 58 0.40 -3.81 11.12
C MET F 58 0.78 -2.45 10.53
N ALA F 59 1.00 -2.43 9.22
CA ALA F 59 1.33 -1.21 8.48
C ALA F 59 0.33 -1.03 7.35
N TRP F 60 -0.11 0.21 7.15
CA TRP F 60 -1.10 0.51 6.13
C TRP F 60 -0.76 1.85 5.49
N ALA F 61 -1.17 2.00 4.22
CA ALA F 61 -0.89 3.22 3.49
C ALA F 61 -1.76 4.36 3.98
N THR F 62 -1.16 5.54 4.14
CA THR F 62 -1.87 6.73 4.59
C THR F 62 -1.36 7.93 3.82
N ASN F 63 -1.77 9.12 4.25
CA ASN F 63 -1.33 10.38 3.65
C ASN F 63 -0.20 11.03 4.45
N THR F 64 0.46 10.29 5.33
CA THR F 64 1.55 10.83 6.10
C THR F 64 2.76 11.10 5.20
N GLU F 65 3.75 11.80 5.76
CA GLU F 65 4.94 12.13 4.99
C GLU F 65 5.73 10.88 4.62
N THR F 66 5.66 9.83 5.45
CA THR F 66 6.27 8.56 5.09
C THR F 66 5.42 7.76 4.12
N GLY F 67 4.15 8.12 3.96
CA GLY F 67 3.24 7.40 3.09
C GLY F 67 2.47 6.29 3.76
N PHE F 68 2.88 5.86 4.95
CA PHE F 68 2.22 4.76 5.64
C PHE F 68 2.37 4.97 7.14
N GLU F 69 1.67 4.13 7.90
CA GLU F 69 1.79 4.11 9.35
C GLU F 69 1.76 2.66 9.82
N PHE F 70 2.12 2.45 11.08
CA PHE F 70 2.19 1.10 11.61
C PHE F 70 2.05 1.13 13.13
N GLN F 71 1.44 0.08 13.67
CA GLN F 71 1.35 -0.11 15.10
C GLN F 71 1.66 -1.57 15.43
N THR F 72 2.00 -1.82 16.69
CA THR F 72 2.47 -3.13 17.12
C THR F 72 1.63 -3.66 18.28
N PHE F 73 1.69 -4.98 18.44
CA PHE F 73 1.09 -5.68 19.56
C PHE F 73 2.13 -6.66 20.09
N GLY F 74 2.38 -6.61 21.39
CA GLY F 74 3.37 -7.49 21.99
C GLY F 74 4.74 -6.84 22.07
N LEU F 75 5.73 -7.68 22.37
CA LEU F 75 7.11 -7.23 22.52
C LEU F 75 7.99 -7.91 21.48
N ASN F 76 9.01 -7.16 21.04
CA ASN F 76 9.94 -7.64 20.01
C ASN F 76 11.24 -6.89 20.16
N ARG F 77 12.33 -7.50 19.66
CA ARG F 77 13.63 -6.83 19.69
C ARG F 77 13.64 -5.57 18.85
N ARG F 78 12.71 -5.43 17.91
CA ARG F 78 12.62 -4.25 17.06
C ARG F 78 11.46 -3.39 17.57
N THR F 79 11.81 -2.27 18.21
CA THR F 79 10.85 -1.41 18.88
C THR F 79 10.69 -0.11 18.13
N PRO F 80 9.47 0.34 17.86
CA PRO F 80 9.29 1.65 17.22
C PRO F 80 9.77 2.78 18.13
N VAL F 81 10.39 3.78 17.52
CA VAL F 81 10.87 4.97 18.22
C VAL F 81 10.31 6.20 17.53
N ASP F 82 10.19 7.29 18.28
CA ASP F 82 9.63 8.53 17.78
C ASP F 82 10.76 9.55 17.64
N LEU F 83 11.05 9.95 16.41
CA LEU F 83 12.04 10.98 16.11
C LEU F 83 11.29 12.20 15.59
N ASP F 84 10.85 13.06 16.51
CA ASP F 84 10.20 14.31 16.17
C ASP F 84 8.97 14.09 15.29
N GLY F 85 8.26 12.99 15.55
CA GLY F 85 7.09 12.60 14.80
C GLY F 85 7.33 11.54 13.76
N LEU F 86 8.57 11.41 13.27
CA LEU F 86 8.93 10.38 12.31
C LEU F 86 9.28 9.12 13.08
N ARG F 87 8.41 8.12 13.00
CA ARG F 87 8.56 6.90 13.78
C ARG F 87 9.41 5.89 13.00
N LEU F 88 10.55 5.52 13.56
CA LEU F 88 11.43 4.52 12.99
C LEU F 88 11.39 3.26 13.84
N VAL F 89 12.33 2.36 13.60
CA VAL F 89 12.44 1.10 14.33
C VAL F 89 13.86 0.92 14.80
N SER F 90 14.03 0.67 16.10
CA SER F 90 15.33 0.44 16.70
C SER F 90 15.48 -1.04 17.03
N PHE F 91 16.74 -1.50 17.06
CA PHE F 91 17.05 -2.90 17.29
C PHE F 91 17.72 -3.01 18.66
N LEU F 92 17.00 -3.55 19.64
CA LEU F 92 17.53 -3.62 20.99
C LEU F 92 18.55 -4.75 21.10
N PRO F 93 19.60 -4.58 21.89
CA PRO F 93 20.58 -5.64 22.09
C PRO F 93 20.05 -6.70 23.05
N VAL F 94 20.88 -7.72 23.28
CA VAL F 94 20.51 -8.82 24.17
C VAL F 94 20.43 -8.28 25.60
N GLY F 95 19.21 -8.22 26.14
CA GLY F 95 19.00 -7.72 27.49
C GLY F 95 18.17 -6.46 27.53
NI NI K . 38.59 14.61 -22.35
NI NI L . 44.73 -0.43 11.79
NI NI M . 16.95 37.52 4.35
NI NI N . -18.58 -21.93 26.12
NI NI O . -41.55 -13.37 20.74
NI NI P . -33.44 -12.04 -20.20
NI NI Q . 10.41 -15.02 9.66
NI NI R . -15.98 -41.02 13.22
NI NI S . 31.69 9.75 -29.17
NI NI T . 40.78 -7.20 12.81
NI NI U . 37.02 -7.70 14.06
NI NI V . 43.37 -6.55 9.97
NI NI W . -54.19 -9.02 41.45
NI NI X . 29.51 -10.14 14.32
NI NI Y . 31.16 0.83 -15.59
NI NI Z . -37.13 -4.42 25.12
NI NI AA . -0.61 -32.23 11.74
NI NI BA . -11.41 -39.37 18.02
NI NI CA . -8.44 -39.32 15.93
NI NI DA . -4.98 -37.49 14.40
NI NI EA . 50.26 11.75 -43.97
NI NI FA . -24.78 -12.63 22.22
#